data_9DNQ
# 
_entry.id   9DNQ 
# 
_audit_conform.dict_name       mmcif_pdbx.dic 
_audit_conform.dict_version    5.404 
_audit_conform.dict_location   http://mmcif.pdb.org/dictionaries/ascii/mmcif_pdbx.dic 
# 
loop_
_database_2.database_id 
_database_2.database_code 
_database_2.pdbx_database_accession 
_database_2.pdbx_DOI 
PDB   9DNQ         pdb_00009dnq 10.2210/pdb9dnq/pdb 
WWPDB D_1000288525 ?            ?                   
# 
_pdbx_audit_revision_history.ordinal             1 
_pdbx_audit_revision_history.data_content_type   'Structure model' 
_pdbx_audit_revision_history.major_revision      1 
_pdbx_audit_revision_history.minor_revision      0 
_pdbx_audit_revision_history.revision_date       2025-08-13 
_pdbx_audit_revision_history.part_number         ? 
# 
_pdbx_audit_revision_details.ordinal             1 
_pdbx_audit_revision_details.revision_ordinal    1 
_pdbx_audit_revision_details.data_content_type   'Structure model' 
_pdbx_audit_revision_details.provider            repository 
_pdbx_audit_revision_details.type                'Initial release' 
_pdbx_audit_revision_details.description         ? 
_pdbx_audit_revision_details.details             ? 
# 
_pdbx_database_status.status_code                     REL 
_pdbx_database_status.status_code_sf                  REL 
_pdbx_database_status.status_code_mr                  ? 
_pdbx_database_status.entry_id                        9DNQ 
_pdbx_database_status.recvd_initial_deposition_date   2024-09-17 
_pdbx_database_status.SG_entry                        N 
_pdbx_database_status.deposit_site                    RCSB 
_pdbx_database_status.process_site                    RCSB 
_pdbx_database_status.status_code_cs                  ? 
_pdbx_database_status.status_code_nmr_data            ? 
_pdbx_database_status.methods_development_category    ? 
_pdbx_database_status.pdb_format_compatible           Y 
# 
loop_
_pdbx_database_related.db_name 
_pdbx_database_related.details 
_pdbx_database_related.db_id 
_pdbx_database_related.content_type 
PDB . 9DNO unspecified 
PDB . 9DNP unspecified 
PDB . 9DNR unspecified 
# 
_pdbx_contact_author.id                 3 
_pdbx_contact_author.email              yuc020@health.ucsd.edu 
_pdbx_contact_author.name_first         Yuan 
_pdbx_contact_author.name_last          Chen 
_pdbx_contact_author.name_mi            ? 
_pdbx_contact_author.role               'principal investigator/group leader' 
_pdbx_contact_author.identifier_ORCID   0000-0002-1510-182X 
# 
loop_
_audit_author.name 
_audit_author.pdbx_ordinal 
_audit_author.identifier_ORCID 
'Huang, S.'  1 0000-0003-3862-564X 
'Wu, J.'     2 0000-0002-8031-9462 
'Taylor, S.' 3 0000-0002-7702-6108 
'Chen, Y.'   4 0000-0002-1510-182X 
# 
_citation.abstract                  ? 
_citation.abstract_id_CAS           ? 
_citation.book_id_ISBN              ? 
_citation.book_publisher            ? 
_citation.book_publisher_city       ? 
_citation.book_title                ? 
_citation.coordinate_linkage        ? 
_citation.country                   ? 
_citation.database_id_Medline       ? 
_citation.details                   ? 
_citation.id                        primary 
_citation.journal_abbrev            'To Be Published' 
_citation.journal_id_ASTM           ? 
_citation.journal_id_CSD            0353 
_citation.journal_id_ISSN           ? 
_citation.journal_full              ? 
_citation.journal_issue             ? 
_citation.journal_volume            ? 
_citation.language                  ? 
_citation.page_first                ? 
_citation.page_last                 ? 
_citation.title                     'Structural Flexibility and Selectivity of N-End Rule Ligases' 
_citation.year                      ? 
_citation.database_id_CSD           ? 
_citation.pdbx_database_id_DOI      ? 
_citation.pdbx_database_id_PubMed   ? 
_citation.pdbx_database_id_patent   ? 
_citation.unpublished_flag          ? 
# 
loop_
_citation_author.citation_id 
_citation_author.name 
_citation_author.ordinal 
_citation_author.identifier_ORCID 
primary 'Huang, S.'  1 0000-0003-3862-564X 
primary 'Wu, J.'     2 0000-0002-8031-9462 
primary 'Taylor, S.' 3 0000-0002-7702-6108 
primary 'Chen, Y.'   4 0000-0002-1510-182X 
# 
loop_
_entity.id 
_entity.type 
_entity.src_method 
_entity.pdbx_description 
_entity.formula_weight 
_entity.pdbx_number_of_molecules 
_entity.pdbx_ec 
_entity.pdbx_mutation 
_entity.pdbx_fragment 
_entity.details 
1 polymer     man 'E3 ubiquitin-protein ligase UBR2' 8237.357 2   ? ? 'UBR-box domain (UNP residues 98-168)' ? 
2 polymer     syn ARG-TYR-PHE-NH2                    483.564  2   ? ? ?                                      ? 
3 non-polymer syn 'ZINC ION'                         65.409   6   ? ? ?                                      ? 
4 water       nat water                              18.015   244 ? ? ?                                      ? 
# 
_entity_name_com.entity_id   1 
_entity_name_com.name        'N-recognin-2,Ubiquitin-protein ligase E3-alpha-2,Ubiquitin-protein ligase E3-alpha-II' 
# 
loop_
_entity_poly.entity_id 
_entity_poly.type 
_entity_poly.nstd_linkage 
_entity_poly.nstd_monomer 
_entity_poly.pdbx_seq_one_letter_code 
_entity_poly.pdbx_seq_one_letter_code_can 
_entity_poly.pdbx_strand_id 
_entity_poly.pdbx_target_identifier 
1 'polypeptide(L)' no no  GPLGSLCGRVFKVGEPTYSCRDCAVDPTCVLCMECFLGSIHRDHRYRMTTSGGGGFCDCGDTEAWKEGPYCQKHE 
GPLGSLCGRVFKVGEPTYSCRDCAVDPTCVLCMECFLGSIHRDHRYRMTTSGGGGFCDCGDTEAWKEGPYCQKHE A,B ? 
2 'polypeptide(L)' no yes 'RYF(NH2)'                                                                  RYFX C,D ? 
# 
loop_
_pdbx_entity_nonpoly.entity_id 
_pdbx_entity_nonpoly.name 
_pdbx_entity_nonpoly.comp_id 
3 'ZINC ION' ZN  
4 water      HOH 
# 
loop_
_entity_poly_seq.entity_id 
_entity_poly_seq.num 
_entity_poly_seq.mon_id 
_entity_poly_seq.hetero 
1 1  GLY n 
1 2  PRO n 
1 3  LEU n 
1 4  GLY n 
1 5  SER n 
1 6  LEU n 
1 7  CYS n 
1 8  GLY n 
1 9  ARG n 
1 10 VAL n 
1 11 PHE n 
1 12 LYS n 
1 13 VAL n 
1 14 GLY n 
1 15 GLU n 
1 16 PRO n 
1 17 THR n 
1 18 TYR n 
1 19 SER n 
1 20 CYS n 
1 21 ARG n 
1 22 ASP n 
1 23 CYS n 
1 24 ALA n 
1 25 VAL n 
1 26 ASP n 
1 27 PRO n 
1 28 THR n 
1 29 CYS n 
1 30 VAL n 
1 31 LEU n 
1 32 CYS n 
1 33 MET n 
1 34 GLU n 
1 35 CYS n 
1 36 PHE n 
1 37 LEU n 
1 38 GLY n 
1 39 SER n 
1 40 ILE n 
1 41 HIS n 
1 42 ARG n 
1 43 ASP n 
1 44 HIS n 
1 45 ARG n 
1 46 TYR n 
1 47 ARG n 
1 48 MET n 
1 49 THR n 
1 50 THR n 
1 51 SER n 
1 52 GLY n 
1 53 GLY n 
1 54 GLY n 
1 55 GLY n 
1 56 PHE n 
1 57 CYS n 
1 58 ASP n 
1 59 CYS n 
1 60 GLY n 
1 61 ASP n 
1 62 THR n 
1 63 GLU n 
1 64 ALA n 
1 65 TRP n 
1 66 LYS n 
1 67 GLU n 
1 68 GLY n 
1 69 PRO n 
1 70 TYR n 
1 71 CYS n 
1 72 GLN n 
1 73 LYS n 
1 74 HIS n 
1 75 GLU n 
2 1  ARG n 
2 2  TYR n 
2 3  PHE n 
2 4  NH2 n 
# 
_entity_src_gen.entity_id                          1 
_entity_src_gen.pdbx_src_id                        1 
_entity_src_gen.pdbx_alt_source_flag               sample 
_entity_src_gen.pdbx_seq_type                      'Biological sequence' 
_entity_src_gen.pdbx_beg_seq_num                   1 
_entity_src_gen.pdbx_end_seq_num                   75 
_entity_src_gen.gene_src_common_name               human 
_entity_src_gen.gene_src_genus                     ? 
_entity_src_gen.pdbx_gene_src_gene                 'UBR2, C6orf133, KIAA0349' 
_entity_src_gen.gene_src_species                   ? 
_entity_src_gen.gene_src_strain                    ? 
_entity_src_gen.gene_src_tissue                    ? 
_entity_src_gen.gene_src_tissue_fraction           ? 
_entity_src_gen.gene_src_details                   ? 
_entity_src_gen.pdbx_gene_src_fragment             ? 
_entity_src_gen.pdbx_gene_src_scientific_name      'Homo sapiens' 
_entity_src_gen.pdbx_gene_src_ncbi_taxonomy_id     9606 
_entity_src_gen.pdbx_gene_src_variant              ? 
_entity_src_gen.pdbx_gene_src_cell_line            ? 
_entity_src_gen.pdbx_gene_src_atcc                 ? 
_entity_src_gen.pdbx_gene_src_organ                ? 
_entity_src_gen.pdbx_gene_src_organelle            ? 
_entity_src_gen.pdbx_gene_src_cell                 ? 
_entity_src_gen.pdbx_gene_src_cellular_location    ? 
_entity_src_gen.host_org_common_name               ? 
_entity_src_gen.pdbx_host_org_scientific_name      'Escherichia coli BL21(DE3)' 
_entity_src_gen.pdbx_host_org_ncbi_taxonomy_id     469008 
_entity_src_gen.host_org_genus                     ? 
_entity_src_gen.pdbx_host_org_gene                 ? 
_entity_src_gen.pdbx_host_org_organ                ? 
_entity_src_gen.host_org_species                   ? 
_entity_src_gen.pdbx_host_org_tissue               ? 
_entity_src_gen.pdbx_host_org_tissue_fraction      ? 
_entity_src_gen.pdbx_host_org_strain               ? 
_entity_src_gen.pdbx_host_org_variant              ? 
_entity_src_gen.pdbx_host_org_cell_line            ? 
_entity_src_gen.pdbx_host_org_atcc                 ? 
_entity_src_gen.pdbx_host_org_culture_collection   ? 
_entity_src_gen.pdbx_host_org_cell                 ? 
_entity_src_gen.pdbx_host_org_organelle            ? 
_entity_src_gen.pdbx_host_org_cellular_location    ? 
_entity_src_gen.pdbx_host_org_vector_type          plasmid 
_entity_src_gen.pdbx_host_org_vector               ? 
_entity_src_gen.host_org_details                   'Amp resistance, N-terminal GST tag' 
_entity_src_gen.expression_system_id               ? 
_entity_src_gen.plasmid_name                       pGEX-6p-1-hUBR2-UBRbox 
_entity_src_gen.plasmid_details                    ? 
_entity_src_gen.pdbx_description                   ? 
# 
_pdbx_entity_src_syn.entity_id              2 
_pdbx_entity_src_syn.pdbx_src_id            1 
_pdbx_entity_src_syn.pdbx_alt_source_flag   sample 
_pdbx_entity_src_syn.pdbx_beg_seq_num       1 
_pdbx_entity_src_syn.pdbx_end_seq_num       4 
_pdbx_entity_src_syn.organism_scientific    'synthetic construct' 
_pdbx_entity_src_syn.organism_common_name   ? 
_pdbx_entity_src_syn.ncbi_taxonomy_id       32630 
_pdbx_entity_src_syn.details                ? 
# 
loop_
_chem_comp.id 
_chem_comp.type 
_chem_comp.mon_nstd_flag 
_chem_comp.name 
_chem_comp.pdbx_synonyms 
_chem_comp.formula 
_chem_comp.formula_weight 
ALA 'L-peptide linking' y ALANINE         ? 'C3 H7 N O2'     89.093  
ARG 'L-peptide linking' y ARGININE        ? 'C6 H15 N4 O2 1' 175.209 
ASP 'L-peptide linking' y 'ASPARTIC ACID' ? 'C4 H7 N O4'     133.103 
CYS 'L-peptide linking' y CYSTEINE        ? 'C3 H7 N O2 S'   121.158 
GLN 'L-peptide linking' y GLUTAMINE       ? 'C5 H10 N2 O3'   146.144 
GLU 'L-peptide linking' y 'GLUTAMIC ACID' ? 'C5 H9 N O4'     147.129 
GLY 'peptide linking'   y GLYCINE         ? 'C2 H5 N O2'     75.067  
HIS 'L-peptide linking' y HISTIDINE       ? 'C6 H10 N3 O2 1' 156.162 
HOH non-polymer         . WATER           ? 'H2 O'           18.015  
ILE 'L-peptide linking' y ISOLEUCINE      ? 'C6 H13 N O2'    131.173 
LEU 'L-peptide linking' y LEUCINE         ? 'C6 H13 N O2'    131.173 
LYS 'L-peptide linking' y LYSINE          ? 'C6 H15 N2 O2 1' 147.195 
MET 'L-peptide linking' y METHIONINE      ? 'C5 H11 N O2 S'  149.211 
NH2 non-polymer         . 'AMINO GROUP'   ? 'H2 N'           16.023  
PHE 'L-peptide linking' y PHENYLALANINE   ? 'C9 H11 N O2'    165.189 
PRO 'L-peptide linking' y PROLINE         ? 'C5 H9 N O2'     115.130 
SER 'L-peptide linking' y SERINE          ? 'C3 H7 N O3'     105.093 
THR 'L-peptide linking' y THREONINE       ? 'C4 H9 N O3'     119.119 
TRP 'L-peptide linking' y TRYPTOPHAN      ? 'C11 H12 N2 O2'  204.225 
TYR 'L-peptide linking' y TYROSINE        ? 'C9 H11 N O3'    181.189 
VAL 'L-peptide linking' y VALINE          ? 'C5 H11 N O2'    117.146 
ZN  non-polymer         . 'ZINC ION'      ? 'Zn 2'           65.409  
# 
loop_
_pdbx_poly_seq_scheme.asym_id 
_pdbx_poly_seq_scheme.entity_id 
_pdbx_poly_seq_scheme.seq_id 
_pdbx_poly_seq_scheme.mon_id 
_pdbx_poly_seq_scheme.ndb_seq_num 
_pdbx_poly_seq_scheme.pdb_seq_num 
_pdbx_poly_seq_scheme.auth_seq_num 
_pdbx_poly_seq_scheme.pdb_mon_id 
_pdbx_poly_seq_scheme.auth_mon_id 
_pdbx_poly_seq_scheme.pdb_strand_id 
_pdbx_poly_seq_scheme.pdb_ins_code 
_pdbx_poly_seq_scheme.hetero 
A 1 1  GLY 1  93  93  GLY GLY A . n 
A 1 2  PRO 2  94  94  PRO PRO A . n 
A 1 3  LEU 3  95  95  LEU LEU A . n 
A 1 4  GLY 4  96  96  GLY GLY A . n 
A 1 5  SER 5  97  97  SER SER A . n 
A 1 6  LEU 6  98  98  LEU LEU A . n 
A 1 7  CYS 7  99  99  CYS CYS A . n 
A 1 8  GLY 8  100 100 GLY GLY A . n 
A 1 9  ARG 9  101 101 ARG ARG A . n 
A 1 10 VAL 10 102 102 VAL VAL A . n 
A 1 11 PHE 11 103 103 PHE PHE A . n 
A 1 12 LYS 12 104 104 LYS LYS A . n 
A 1 13 VAL 13 105 105 VAL VAL A . n 
A 1 14 GLY 14 106 106 GLY GLY A . n 
A 1 15 GLU 15 107 107 GLU GLU A . n 
A 1 16 PRO 16 108 108 PRO PRO A . n 
A 1 17 THR 17 109 109 THR THR A . n 
A 1 18 TYR 18 110 110 TYR TYR A . n 
A 1 19 SER 19 111 111 SER SER A . n 
A 1 20 CYS 20 112 112 CYS CYS A . n 
A 1 21 ARG 21 113 113 ARG ARG A . n 
A 1 22 ASP 22 114 114 ASP ASP A . n 
A 1 23 CYS 23 115 115 CYS CYS A . n 
A 1 24 ALA 24 116 116 ALA ALA A . n 
A 1 25 VAL 25 117 117 VAL VAL A . n 
A 1 26 ASP 26 118 118 ASP ASP A . n 
A 1 27 PRO 27 119 119 PRO PRO A . n 
A 1 28 THR 28 120 120 THR THR A . n 
A 1 29 CYS 29 121 121 CYS CYS A . n 
A 1 30 VAL 30 122 122 VAL VAL A . n 
A 1 31 LEU 31 123 123 LEU LEU A . n 
A 1 32 CYS 32 124 124 CYS CYS A . n 
A 1 33 MET 33 125 125 MET MET A . n 
A 1 34 GLU 34 126 126 GLU GLU A . n 
A 1 35 CYS 35 127 127 CYS CYS A . n 
A 1 36 PHE 36 128 128 PHE PHE A . n 
A 1 37 LEU 37 129 129 LEU LEU A . n 
A 1 38 GLY 38 130 130 GLY GLY A . n 
A 1 39 SER 39 131 131 SER SER A . n 
A 1 40 ILE 40 132 132 ILE ILE A . n 
A 1 41 HIS 41 133 133 HIS HIS A . n 
A 1 42 ARG 42 134 134 ARG ARG A . n 
A 1 43 ASP 43 135 135 ASP ASP A . n 
A 1 44 HIS 44 136 136 HIS HIS A . n 
A 1 45 ARG 45 137 137 ARG ARG A . n 
A 1 46 TYR 46 138 138 TYR TYR A . n 
A 1 47 ARG 47 139 139 ARG ARG A . n 
A 1 48 MET 48 140 140 MET MET A . n 
A 1 49 THR 49 141 141 THR THR A . n 
A 1 50 THR 50 142 142 THR THR A . n 
A 1 51 SER 51 143 143 SER SER A . n 
A 1 52 GLY 52 144 144 GLY GLY A . n 
A 1 53 GLY 53 145 145 GLY GLY A . n 
A 1 54 GLY 54 146 146 GLY GLY A . n 
A 1 55 GLY 55 147 147 GLY GLY A . n 
A 1 56 PHE 56 148 148 PHE PHE A . n 
A 1 57 CYS 57 149 149 CYS CYS A . n 
A 1 58 ASP 58 150 150 ASP ASP A . n 
A 1 59 CYS 59 151 151 CYS CYS A . n 
A 1 60 GLY 60 152 152 GLY GLY A . n 
A 1 61 ASP 61 153 153 ASP ASP A . n 
A 1 62 THR 62 154 154 THR THR A . n 
A 1 63 GLU 63 155 155 GLU GLU A . n 
A 1 64 ALA 64 156 156 ALA ALA A . n 
A 1 65 TRP 65 157 157 TRP TRP A . n 
A 1 66 LYS 66 158 158 LYS LYS A . n 
A 1 67 GLU 67 159 159 GLU GLU A . n 
A 1 68 GLY 68 160 160 GLY GLY A . n 
A 1 69 PRO 69 161 161 PRO PRO A . n 
A 1 70 TYR 70 162 162 TYR TYR A . n 
A 1 71 CYS 71 163 163 CYS CYS A . n 
A 1 72 GLN 72 164 164 GLN GLN A . n 
A 1 73 LYS 73 165 165 LYS LYS A . n 
A 1 74 HIS 74 166 166 HIS HIS A . n 
A 1 75 GLU 75 167 167 GLU GLU A . n 
B 2 1  ARG 1  1   1   ARG ARG C . n 
B 2 2  TYR 2  2   2   TYR TYR C . n 
B 2 3  PHE 3  3   3   PHE PHE C . n 
B 2 4  NH2 4  4   4   NH2 PHE C . n 
C 1 1  GLY 1  93  93  GLY GLY B . n 
C 1 2  PRO 2  94  94  PRO PRO B . n 
C 1 3  LEU 3  95  95  LEU LEU B . n 
C 1 4  GLY 4  96  96  GLY GLY B . n 
C 1 5  SER 5  97  97  SER SER B . n 
C 1 6  LEU 6  98  98  LEU LEU B . n 
C 1 7  CYS 7  99  99  CYS CYS B . n 
C 1 8  GLY 8  100 100 GLY GLY B . n 
C 1 9  ARG 9  101 101 ARG ARG B . n 
C 1 10 VAL 10 102 102 VAL VAL B . n 
C 1 11 PHE 11 103 103 PHE PHE B . n 
C 1 12 LYS 12 104 104 LYS LYS B . n 
C 1 13 VAL 13 105 105 VAL VAL B . n 
C 1 14 GLY 14 106 106 GLY GLY B . n 
C 1 15 GLU 15 107 107 GLU GLU B . n 
C 1 16 PRO 16 108 108 PRO PRO B . n 
C 1 17 THR 17 109 109 THR THR B . n 
C 1 18 TYR 18 110 110 TYR TYR B . n 
C 1 19 SER 19 111 111 SER SER B . n 
C 1 20 CYS 20 112 112 CYS CYS B . n 
C 1 21 ARG 21 113 113 ARG ARG B . n 
C 1 22 ASP 22 114 114 ASP ASP B . n 
C 1 23 CYS 23 115 115 CYS CYS B . n 
C 1 24 ALA 24 116 116 ALA ALA B . n 
C 1 25 VAL 25 117 117 VAL VAL B . n 
C 1 26 ASP 26 118 118 ASP ASP B . n 
C 1 27 PRO 27 119 119 PRO PRO B . n 
C 1 28 THR 28 120 120 THR THR B . n 
C 1 29 CYS 29 121 121 CYS CYS B . n 
C 1 30 VAL 30 122 122 VAL VAL B . n 
C 1 31 LEU 31 123 123 LEU LEU B . n 
C 1 32 CYS 32 124 124 CYS CYS B . n 
C 1 33 MET 33 125 125 MET MET B . n 
C 1 34 GLU 34 126 126 GLU GLU B . n 
C 1 35 CYS 35 127 127 CYS CYS B . n 
C 1 36 PHE 36 128 128 PHE PHE B . n 
C 1 37 LEU 37 129 129 LEU LEU B . n 
C 1 38 GLY 38 130 130 GLY GLY B . n 
C 1 39 SER 39 131 131 SER SER B . n 
C 1 40 ILE 40 132 132 ILE ILE B . n 
C 1 41 HIS 41 133 133 HIS HIS B . n 
C 1 42 ARG 42 134 134 ARG ARG B . n 
C 1 43 ASP 43 135 135 ASP ASP B . n 
C 1 44 HIS 44 136 136 HIS HIS B . n 
C 1 45 ARG 45 137 137 ARG ARG B . n 
C 1 46 TYR 46 138 138 TYR TYR B . n 
C 1 47 ARG 47 139 139 ARG ARG B . n 
C 1 48 MET 48 140 140 MET MET B . n 
C 1 49 THR 49 141 141 THR THR B . n 
C 1 50 THR 50 142 142 THR THR B . n 
C 1 51 SER 51 143 143 SER SER B . n 
C 1 52 GLY 52 144 144 GLY GLY B . n 
C 1 53 GLY 53 145 145 GLY GLY B . n 
C 1 54 GLY 54 146 146 GLY GLY B . n 
C 1 55 GLY 55 147 147 GLY GLY B . n 
C 1 56 PHE 56 148 148 PHE PHE B . n 
C 1 57 CYS 57 149 149 CYS CYS B . n 
C 1 58 ASP 58 150 150 ASP ASP B . n 
C 1 59 CYS 59 151 151 CYS CYS B . n 
C 1 60 GLY 60 152 152 GLY GLY B . n 
C 1 61 ASP 61 153 153 ASP ASP B . n 
C 1 62 THR 62 154 154 THR THR B . n 
C 1 63 GLU 63 155 155 GLU GLU B . n 
C 1 64 ALA 64 156 156 ALA ALA B . n 
C 1 65 TRP 65 157 157 TRP TRP B . n 
C 1 66 LYS 66 158 158 LYS LYS B . n 
C 1 67 GLU 67 159 159 GLU GLU B . n 
C 1 68 GLY 68 160 160 GLY GLY B . n 
C 1 69 PRO 69 161 161 PRO PRO B . n 
C 1 70 TYR 70 162 162 TYR TYR B . n 
C 1 71 CYS 71 163 163 CYS CYS B . n 
C 1 72 GLN 72 164 164 GLN GLN B . n 
C 1 73 LYS 73 165 165 LYS LYS B . n 
C 1 74 HIS 74 166 166 HIS HIS B . n 
C 1 75 GLU 75 167 167 GLU GLU B . n 
D 2 1  ARG 1  1   1   ARG ARG D . n 
D 2 2  TYR 2  2   2   TYR TYR D . n 
D 2 3  PHE 3  3   3   PHE PHE D . n 
D 2 4  NH2 4  4   4   NH2 PHE D . n 
# 
_pdbx_entity_instance_feature.ordinal        1 
_pdbx_entity_instance_feature.comp_id        ZN 
_pdbx_entity_instance_feature.asym_id        ? 
_pdbx_entity_instance_feature.seq_num        ? 
_pdbx_entity_instance_feature.auth_comp_id   ZN 
_pdbx_entity_instance_feature.auth_asym_id   ? 
_pdbx_entity_instance_feature.auth_seq_num   ? 
_pdbx_entity_instance_feature.feature_type   'SUBJECT OF INVESTIGATION' 
_pdbx_entity_instance_feature.details        ? 
# 
loop_
_pdbx_nonpoly_scheme.asym_id 
_pdbx_nonpoly_scheme.entity_id 
_pdbx_nonpoly_scheme.mon_id 
_pdbx_nonpoly_scheme.ndb_seq_num 
_pdbx_nonpoly_scheme.pdb_seq_num 
_pdbx_nonpoly_scheme.auth_seq_num 
_pdbx_nonpoly_scheme.pdb_mon_id 
_pdbx_nonpoly_scheme.auth_mon_id 
_pdbx_nonpoly_scheme.pdb_strand_id 
_pdbx_nonpoly_scheme.pdb_ins_code 
E 3 ZN  1   201 1   ZN  ZN  A . 
F 3 ZN  1   202 2   ZN  ZN  A . 
G 3 ZN  1   203 3   ZN  ZN  A . 
H 3 ZN  1   201 1   ZN  ZN  B . 
I 3 ZN  1   202 2   ZN  ZN  B . 
J 3 ZN  1   203 3   ZN  ZN  B . 
K 4 HOH 1   301 234 HOH HOH A . 
K 4 HOH 2   302 193 HOH HOH A . 
K 4 HOH 3   303 146 HOH HOH A . 
K 4 HOH 4   304 88  HOH HOH A . 
K 4 HOH 5   305 100 HOH HOH A . 
K 4 HOH 6   306 231 HOH HOH A . 
K 4 HOH 7   307 117 HOH HOH A . 
K 4 HOH 8   308 152 HOH HOH A . 
K 4 HOH 9   309 126 HOH HOH A . 
K 4 HOH 10  310 224 HOH HOH A . 
K 4 HOH 11  311 127 HOH HOH A . 
K 4 HOH 12  312 49  HOH HOH A . 
K 4 HOH 13  313 106 HOH HOH A . 
K 4 HOH 14  314 72  HOH HOH A . 
K 4 HOH 15  315 8   HOH HOH A . 
K 4 HOH 16  316 5   HOH HOH A . 
K 4 HOH 17  317 122 HOH HOH A . 
K 4 HOH 18  318 48  HOH HOH A . 
K 4 HOH 19  319 176 HOH HOH A . 
K 4 HOH 20  320 54  HOH HOH A . 
K 4 HOH 21  321 218 HOH HOH A . 
K 4 HOH 22  322 7   HOH HOH A . 
K 4 HOH 23  323 37  HOH HOH A . 
K 4 HOH 24  324 182 HOH HOH A . 
K 4 HOH 25  325 1   HOH HOH A . 
K 4 HOH 26  326 173 HOH HOH A . 
K 4 HOH 27  327 70  HOH HOH A . 
K 4 HOH 28  328 16  HOH HOH A . 
K 4 HOH 29  329 97  HOH HOH A . 
K 4 HOH 30  330 147 HOH HOH A . 
K 4 HOH 31  331 51  HOH HOH A . 
K 4 HOH 32  332 29  HOH HOH A . 
K 4 HOH 33  333 9   HOH HOH A . 
K 4 HOH 34  334 110 HOH HOH A . 
K 4 HOH 35  335 74  HOH HOH A . 
K 4 HOH 36  336 143 HOH HOH A . 
K 4 HOH 37  337 31  HOH HOH A . 
K 4 HOH 38  338 85  HOH HOH A . 
K 4 HOH 39  339 22  HOH HOH A . 
K 4 HOH 40  340 13  HOH HOH A . 
K 4 HOH 41  341 52  HOH HOH A . 
K 4 HOH 42  342 226 HOH HOH A . 
K 4 HOH 43  343 124 HOH HOH A . 
K 4 HOH 44  344 123 HOH HOH A . 
K 4 HOH 45  345 84  HOH HOH A . 
K 4 HOH 46  346 103 HOH HOH A . 
K 4 HOH 47  347 243 HOH HOH A . 
K 4 HOH 48  348 19  HOH HOH A . 
K 4 HOH 49  349 68  HOH HOH A . 
K 4 HOH 50  350 172 HOH HOH A . 
K 4 HOH 51  351 192 HOH HOH A . 
K 4 HOH 52  352 41  HOH HOH A . 
K 4 HOH 53  353 4   HOH HOH A . 
K 4 HOH 54  354 10  HOH HOH A . 
K 4 HOH 55  355 76  HOH HOH A . 
K 4 HOH 56  356 63  HOH HOH A . 
K 4 HOH 57  357 104 HOH HOH A . 
K 4 HOH 58  358 26  HOH HOH A . 
K 4 HOH 59  359 78  HOH HOH A . 
K 4 HOH 60  360 75  HOH HOH A . 
K 4 HOH 61  361 61  HOH HOH A . 
K 4 HOH 62  362 45  HOH HOH A . 
K 4 HOH 63  363 43  HOH HOH A . 
K 4 HOH 64  364 58  HOH HOH A . 
K 4 HOH 65  365 83  HOH HOH A . 
K 4 HOH 66  366 164 HOH HOH A . 
K 4 HOH 67  367 159 HOH HOH A . 
K 4 HOH 68  368 101 HOH HOH A . 
K 4 HOH 69  369 21  HOH HOH A . 
K 4 HOH 70  370 56  HOH HOH A . 
K 4 HOH 71  371 139 HOH HOH A . 
K 4 HOH 72  372 179 HOH HOH A . 
K 4 HOH 73  373 166 HOH HOH A . 
K 4 HOH 74  374 57  HOH HOH A . 
K 4 HOH 75  375 133 HOH HOH A . 
K 4 HOH 76  376 136 HOH HOH A . 
K 4 HOH 77  377 167 HOH HOH A . 
K 4 HOH 78  378 145 HOH HOH A . 
K 4 HOH 79  379 149 HOH HOH A . 
K 4 HOH 80  380 178 HOH HOH A . 
K 4 HOH 81  381 239 HOH HOH A . 
K 4 HOH 82  382 204 HOH HOH A . 
K 4 HOH 83  383 188 HOH HOH A . 
K 4 HOH 84  384 195 HOH HOH A . 
K 4 HOH 85  385 95  HOH HOH A . 
K 4 HOH 86  386 25  HOH HOH A . 
K 4 HOH 87  387 242 HOH HOH A . 
K 4 HOH 88  388 206 HOH HOH A . 
K 4 HOH 89  389 39  HOH HOH A . 
K 4 HOH 90  390 82  HOH HOH A . 
K 4 HOH 91  391 69  HOH HOH A . 
K 4 HOH 92  392 169 HOH HOH A . 
K 4 HOH 93  393 211 HOH HOH A . 
K 4 HOH 94  394 186 HOH HOH A . 
K 4 HOH 95  395 115 HOH HOH A . 
K 4 HOH 96  396 135 HOH HOH A . 
K 4 HOH 97  397 194 HOH HOH A . 
K 4 HOH 98  398 112 HOH HOH A . 
K 4 HOH 99  399 162 HOH HOH A . 
K 4 HOH 100 400 33  HOH HOH A . 
K 4 HOH 101 401 225 HOH HOH A . 
K 4 HOH 102 402 237 HOH HOH A . 
K 4 HOH 103 403 197 HOH HOH A . 
K 4 HOH 104 404 121 HOH HOH A . 
K 4 HOH 105 405 227 HOH HOH A . 
K 4 HOH 106 406 203 HOH HOH A . 
K 4 HOH 107 407 107 HOH HOH A . 
K 4 HOH 108 408 180 HOH HOH A . 
K 4 HOH 109 409 73  HOH HOH A . 
K 4 HOH 110 410 128 HOH HOH A . 
K 4 HOH 111 411 32  HOH HOH A . 
K 4 HOH 112 412 148 HOH HOH A . 
K 4 HOH 113 413 134 HOH HOH A . 
K 4 HOH 114 414 215 HOH HOH A . 
L 4 HOH 1   101 175 HOH HOH C . 
L 4 HOH 2   102 96  HOH HOH C . 
L 4 HOH 3   103 17  HOH HOH C . 
L 4 HOH 4   104 209 HOH HOH C . 
L 4 HOH 5   105 46  HOH HOH C . 
L 4 HOH 6   106 130 HOH HOH C . 
L 4 HOH 7   107 196 HOH HOH C . 
M 4 HOH 1   301 238 HOH HOH B . 
M 4 HOH 2   302 92  HOH HOH B . 
M 4 HOH 3   303 233 HOH HOH B . 
M 4 HOH 4   304 187 HOH HOH B . 
M 4 HOH 5   305 98  HOH HOH B . 
M 4 HOH 6   306 208 HOH HOH B . 
M 4 HOH 7   307 207 HOH HOH B . 
M 4 HOH 8   308 118 HOH HOH B . 
M 4 HOH 9   309 30  HOH HOH B . 
M 4 HOH 10  310 228 HOH HOH B . 
M 4 HOH 11  311 157 HOH HOH B . 
M 4 HOH 12  312 223 HOH HOH B . 
M 4 HOH 13  313 108 HOH HOH B . 
M 4 HOH 14  314 201 HOH HOH B . 
M 4 HOH 15  315 119 HOH HOH B . 
M 4 HOH 16  316 34  HOH HOH B . 
M 4 HOH 17  317 189 HOH HOH B . 
M 4 HOH 18  318 144 HOH HOH B . 
M 4 HOH 19  319 217 HOH HOH B . 
M 4 HOH 20  320 6   HOH HOH B . 
M 4 HOH 21  321 50  HOH HOH B . 
M 4 HOH 22  322 116 HOH HOH B . 
M 4 HOH 23  323 79  HOH HOH B . 
M 4 HOH 24  324 114 HOH HOH B . 
M 4 HOH 25  325 24  HOH HOH B . 
M 4 HOH 26  326 163 HOH HOH B . 
M 4 HOH 27  327 18  HOH HOH B . 
M 4 HOH 28  328 47  HOH HOH B . 
M 4 HOH 29  329 2   HOH HOH B . 
M 4 HOH 30  330 28  HOH HOH B . 
M 4 HOH 31  331 125 HOH HOH B . 
M 4 HOH 32  332 71  HOH HOH B . 
M 4 HOH 33  333 55  HOH HOH B . 
M 4 HOH 34  334 113 HOH HOH B . 
M 4 HOH 35  335 14  HOH HOH B . 
M 4 HOH 36  336 105 HOH HOH B . 
M 4 HOH 37  337 151 HOH HOH B . 
M 4 HOH 38  338 94  HOH HOH B . 
M 4 HOH 39  339 229 HOH HOH B . 
M 4 HOH 40  340 140 HOH HOH B . 
M 4 HOH 41  341 36  HOH HOH B . 
M 4 HOH 42  342 11  HOH HOH B . 
M 4 HOH 43  343 109 HOH HOH B . 
M 4 HOH 44  344 44  HOH HOH B . 
M 4 HOH 45  345 221 HOH HOH B . 
M 4 HOH 46  346 77  HOH HOH B . 
M 4 HOH 47  347 12  HOH HOH B . 
M 4 HOH 48  348 91  HOH HOH B . 
M 4 HOH 49  349 102 HOH HOH B . 
M 4 HOH 50  350 66  HOH HOH B . 
M 4 HOH 51  351 154 HOH HOH B . 
M 4 HOH 52  352 222 HOH HOH B . 
M 4 HOH 53  353 177 HOH HOH B . 
M 4 HOH 54  354 60  HOH HOH B . 
M 4 HOH 55  355 132 HOH HOH B . 
M 4 HOH 56  356 168 HOH HOH B . 
M 4 HOH 57  357 35  HOH HOH B . 
M 4 HOH 58  358 3   HOH HOH B . 
M 4 HOH 59  359 181 HOH HOH B . 
M 4 HOH 60  360 27  HOH HOH B . 
M 4 HOH 61  361 53  HOH HOH B . 
M 4 HOH 62  362 62  HOH HOH B . 
M 4 HOH 63  363 67  HOH HOH B . 
M 4 HOH 64  364 81  HOH HOH B . 
M 4 HOH 65  365 15  HOH HOH B . 
M 4 HOH 66  366 38  HOH HOH B . 
M 4 HOH 67  367 240 HOH HOH B . 
M 4 HOH 68  368 99  HOH HOH B . 
M 4 HOH 69  369 59  HOH HOH B . 
M 4 HOH 70  370 40  HOH HOH B . 
M 4 HOH 71  371 200 HOH HOH B . 
M 4 HOH 72  372 20  HOH HOH B . 
M 4 HOH 73  373 202 HOH HOH B . 
M 4 HOH 74  374 158 HOH HOH B . 
M 4 HOH 75  375 213 HOH HOH B . 
M 4 HOH 76  376 141 HOH HOH B . 
M 4 HOH 77  377 232 HOH HOH B . 
M 4 HOH 78  378 156 HOH HOH B . 
M 4 HOH 79  379 198 HOH HOH B . 
M 4 HOH 80  380 184 HOH HOH B . 
M 4 HOH 81  381 212 HOH HOH B . 
M 4 HOH 82  382 155 HOH HOH B . 
M 4 HOH 83  383 171 HOH HOH B . 
M 4 HOH 84  384 129 HOH HOH B . 
M 4 HOH 85  385 138 HOH HOH B . 
M 4 HOH 86  386 235 HOH HOH B . 
M 4 HOH 87  387 236 HOH HOH B . 
M 4 HOH 88  388 142 HOH HOH B . 
M 4 HOH 89  389 150 HOH HOH B . 
M 4 HOH 90  390 244 HOH HOH B . 
M 4 HOH 91  391 80  HOH HOH B . 
M 4 HOH 92  392 191 HOH HOH B . 
M 4 HOH 93  393 219 HOH HOH B . 
M 4 HOH 94  394 220 HOH HOH B . 
M 4 HOH 95  395 241 HOH HOH B . 
M 4 HOH 96  396 205 HOH HOH B . 
M 4 HOH 97  397 137 HOH HOH B . 
M 4 HOH 98  398 89  HOH HOH B . 
M 4 HOH 99  399 65  HOH HOH B . 
M 4 HOH 100 400 42  HOH HOH B . 
M 4 HOH 101 401 111 HOH HOH B . 
M 4 HOH 102 402 216 HOH HOH B . 
M 4 HOH 103 403 190 HOH HOH B . 
M 4 HOH 104 404 87  HOH HOH B . 
M 4 HOH 105 405 170 HOH HOH B . 
M 4 HOH 106 406 161 HOH HOH B . 
M 4 HOH 107 407 214 HOH HOH B . 
M 4 HOH 108 408 120 HOH HOH B . 
M 4 HOH 109 409 131 HOH HOH B . 
M 4 HOH 110 410 199 HOH HOH B . 
M 4 HOH 111 411 86  HOH HOH B . 
M 4 HOH 112 412 174 HOH HOH B . 
M 4 HOH 113 413 93  HOH HOH B . 
M 4 HOH 114 414 185 HOH HOH B . 
M 4 HOH 115 415 160 HOH HOH B . 
M 4 HOH 116 416 230 HOH HOH B . 
M 4 HOH 117 417 153 HOH HOH B . 
N 4 HOH 1   101 183 HOH HOH D . 
N 4 HOH 2   102 165 HOH HOH D . 
N 4 HOH 3   103 90  HOH HOH D . 
N 4 HOH 4   104 23  HOH HOH D . 
N 4 HOH 5   105 210 HOH HOH D . 
N 4 HOH 6   106 64  HOH HOH D . 
# 
loop_
_software.citation_id 
_software.classification 
_software.compiler_name 
_software.compiler_version 
_software.contact_author 
_software.contact_author_email 
_software.date 
_software.description 
_software.dependencies 
_software.hardware 
_software.language 
_software.location 
_software.mods 
_software.name 
_software.os 
_software.os_version 
_software.type 
_software.version 
_software.pdbx_ordinal 
? refinement       ? ? ? ? ? ? ? ? ? ? ? PHENIX   ? ? ? '(1.20.1_4487: ???)' 1 
? 'data scaling'   ? ? ? ? ? ? ? ? ? ? ? HKL-2000 ? ? ? .                    2 
? 'data reduction' ? ? ? ? ? ? ? ? ? ? ? DIALS    ? ? ? .                    3 
? phasing          ? ? ? ? ? ? ? ? ? ? ? PHASER   ? ? ? .                    4 
# 
_cell.angle_alpha                  90.00 
_cell.angle_alpha_esd              ? 
_cell.angle_beta                   89.98 
_cell.angle_beta_esd               ? 
_cell.angle_gamma                  90.00 
_cell.angle_gamma_esd              ? 
_cell.entry_id                     9DNQ 
_cell.details                      ? 
_cell.formula_units_Z              ? 
_cell.length_a                     25.187 
_cell.length_a_esd                 ? 
_cell.length_b                     50.871 
_cell.length_b_esd                 ? 
_cell.length_c                     45.956 
_cell.length_c_esd                 ? 
_cell.volume                       ? 
_cell.volume_esd                   ? 
_cell.Z_PDB                        4 
_cell.reciprocal_angle_alpha       ? 
_cell.reciprocal_angle_beta        ? 
_cell.reciprocal_angle_gamma       ? 
_cell.reciprocal_angle_alpha_esd   ? 
_cell.reciprocal_angle_beta_esd    ? 
_cell.reciprocal_angle_gamma_esd   ? 
_cell.reciprocal_length_a          ? 
_cell.reciprocal_length_b          ? 
_cell.reciprocal_length_c          ? 
_cell.reciprocal_length_a_esd      ? 
_cell.reciprocal_length_b_esd      ? 
_cell.reciprocal_length_c_esd      ? 
_cell.pdbx_unique_axis             ? 
_cell.pdbx_esd_method              ? 
# 
_symmetry.entry_id                         9DNQ 
_symmetry.cell_setting                     ? 
_symmetry.Int_Tables_number                4 
_symmetry.space_group_name_Hall            ? 
_symmetry.space_group_name_H-M             'P 1 21 1' 
_symmetry.pdbx_full_space_group_name_H-M   ? 
# 
_exptl.absorpt_coefficient_mu     ? 
_exptl.absorpt_correction_T_max   ? 
_exptl.absorpt_correction_T_min   ? 
_exptl.absorpt_correction_type    ? 
_exptl.absorpt_process_details    ? 
_exptl.entry_id                   9DNQ 
_exptl.crystals_number            1 
_exptl.details                    ? 
_exptl.method                     'X-RAY DIFFRACTION' 
_exptl.method_details             ? 
# 
_exptl_crystal.colour                       ? 
_exptl_crystal.density_diffrn               ? 
_exptl_crystal.density_Matthews             1.69 
_exptl_crystal.density_method               ? 
_exptl_crystal.density_percent_sol          27.13 
_exptl_crystal.description                  ? 
_exptl_crystal.F_000                        ? 
_exptl_crystal.id                           1 
_exptl_crystal.preparation                  ? 
_exptl_crystal.size_max                     ? 
_exptl_crystal.size_mid                     ? 
_exptl_crystal.size_min                     ? 
_exptl_crystal.size_rad                     ? 
_exptl_crystal.colour_lustre                ? 
_exptl_crystal.colour_modifier              ? 
_exptl_crystal.colour_primary               ? 
_exptl_crystal.density_meas                 ? 
_exptl_crystal.density_meas_esd             ? 
_exptl_crystal.density_meas_gt              ? 
_exptl_crystal.density_meas_lt              ? 
_exptl_crystal.density_meas_temp            ? 
_exptl_crystal.density_meas_temp_esd        ? 
_exptl_crystal.density_meas_temp_gt         ? 
_exptl_crystal.density_meas_temp_lt         ? 
_exptl_crystal.pdbx_crystal_image_url       ? 
_exptl_crystal.pdbx_crystal_image_format    ? 
_exptl_crystal.pdbx_mosaicity               ? 
_exptl_crystal.pdbx_mosaicity_esd           ? 
_exptl_crystal.pdbx_mosaic_method           ? 
_exptl_crystal.pdbx_mosaic_block_size       ? 
_exptl_crystal.pdbx_mosaic_block_size_esd   ? 
# 
_exptl_crystal_grow.apparatus       ? 
_exptl_crystal_grow.atmosphere      ? 
_exptl_crystal_grow.crystal_id      1 
_exptl_crystal_grow.details         ? 
_exptl_crystal_grow.method          'VAPOR DIFFUSION, HANGING DROP' 
_exptl_crystal_grow.method_ref      ? 
_exptl_crystal_grow.pH              ? 
_exptl_crystal_grow.pressure        ? 
_exptl_crystal_grow.pressure_esd    ? 
_exptl_crystal_grow.seeding         ? 
_exptl_crystal_grow.seeding_ref     ? 
_exptl_crystal_grow.temp_details    ? 
_exptl_crystal_grow.temp_esd        ? 
_exptl_crystal_grow.time            ? 
_exptl_crystal_grow.pdbx_details    
;The stock concentration of UBR2UBR for co-crystallization is 6.2 mg/ml. For UBR2UBR-RYF  the ligand to protein molar ratio is 1:2 and the reservoirs contain 0.1 M Bis-Tris pH 6.3 with 26% PEG 3350.
;
_exptl_crystal_grow.pdbx_pH_range   ? 
_exptl_crystal_grow.temp            293.15 
# 
_diffrn.ambient_environment              ? 
_diffrn.ambient_temp                     77 
_diffrn.ambient_temp_details             ? 
_diffrn.ambient_temp_esd                 ? 
_diffrn.crystal_id                       1 
_diffrn.crystal_support                  ? 
_diffrn.crystal_treatment                ? 
_diffrn.details                          ? 
_diffrn.id                               1 
_diffrn.ambient_pressure                 ? 
_diffrn.ambient_pressure_esd             ? 
_diffrn.ambient_pressure_gt              ? 
_diffrn.ambient_pressure_lt              ? 
_diffrn.ambient_temp_gt                  ? 
_diffrn.ambient_temp_lt                  ? 
_diffrn.pdbx_serial_crystal_experiment   N 
# 
_diffrn_detector.details                      ? 
_diffrn_detector.detector                     PIXEL 
_diffrn_detector.diffrn_id                    1 
_diffrn_detector.type                         'DECTRIS PILATUS3 6M' 
_diffrn_detector.area_resol_mean              ? 
_diffrn_detector.dtime                        ? 
_diffrn_detector.pdbx_frames_total            ? 
_diffrn_detector.pdbx_collection_time_total   ? 
_diffrn_detector.pdbx_collection_date         2022-11-08 
_diffrn_detector.pdbx_frequency               ? 
_diffrn_detector.id                           ? 
_diffrn_detector.number_of_axes               ? 
# 
_diffrn_radiation.collimation                      ? 
_diffrn_radiation.diffrn_id                        1 
_diffrn_radiation.filter_edge                      ? 
_diffrn_radiation.inhomogeneity                    ? 
_diffrn_radiation.monochromator                    ? 
_diffrn_radiation.polarisn_norm                    ? 
_diffrn_radiation.polarisn_ratio                   ? 
_diffrn_radiation.probe                            ? 
_diffrn_radiation.type                             ? 
_diffrn_radiation.xray_symbol                      ? 
_diffrn_radiation.wavelength_id                    1 
_diffrn_radiation.pdbx_monochromatic_or_laue_m_l   M 
_diffrn_radiation.pdbx_wavelength_list             ? 
_diffrn_radiation.pdbx_wavelength                  ? 
_diffrn_radiation.pdbx_diffrn_protocol             'SINGLE WAVELENGTH' 
_diffrn_radiation.pdbx_analyzer                    ? 
_diffrn_radiation.pdbx_scattering_type             x-ray 
# 
_diffrn_radiation_wavelength.id           1 
_diffrn_radiation_wavelength.wavelength   0.97648 
_diffrn_radiation_wavelength.wt           1.0 
# 
_diffrn_source.current                     ? 
_diffrn_source.details                     ? 
_diffrn_source.diffrn_id                   1 
_diffrn_source.power                       ? 
_diffrn_source.size                        ? 
_diffrn_source.source                      SYNCHROTRON 
_diffrn_source.target                      ? 
_diffrn_source.type                        'ALS BEAMLINE 2.0.1' 
_diffrn_source.voltage                     ? 
_diffrn_source.take-off_angle              ? 
_diffrn_source.pdbx_wavelength_list        0.97648 
_diffrn_source.pdbx_wavelength             ? 
_diffrn_source.pdbx_synchrotron_beamline   2.0.1 
_diffrn_source.pdbx_synchrotron_site       ALS 
# 
_reflns.B_iso_Wilson_estimate                          ? 
_reflns.entry_id                                       9DNQ 
_reflns.data_reduction_details                         ? 
_reflns.data_reduction_method                          ? 
_reflns.d_resolution_high                              1.22 
_reflns.d_resolution_low                               50.00 
_reflns.details                                        ? 
_reflns.limit_h_max                                    ? 
_reflns.limit_h_min                                    ? 
_reflns.limit_k_max                                    ? 
_reflns.limit_k_min                                    ? 
_reflns.limit_l_max                                    ? 
_reflns.limit_l_min                                    ? 
_reflns.number_all                                     ? 
_reflns.number_obs                                     33994 
_reflns.observed_criterion                             ? 
_reflns.observed_criterion_F_max                       ? 
_reflns.observed_criterion_F_min                       ? 
_reflns.observed_criterion_I_max                       ? 
_reflns.observed_criterion_I_min                       ? 
_reflns.observed_criterion_sigma_F                     ? 
_reflns.observed_criterion_sigma_I                     ? 
_reflns.percent_possible_obs                           98.1 
_reflns.R_free_details                                 ? 
_reflns.Rmerge_F_all                                   ? 
_reflns.Rmerge_F_obs                                   ? 
_reflns.Friedel_coverage                               ? 
_reflns.number_gt                                      ? 
_reflns.threshold_expression                           ? 
_reflns.pdbx_redundancy                                4.2 
_reflns.pdbx_netI_over_av_sigmaI                       ? 
_reflns.pdbx_netI_over_sigmaI                          16.0 
_reflns.pdbx_res_netI_over_av_sigmaI_2                 ? 
_reflns.pdbx_res_netI_over_sigmaI_2                    ? 
_reflns.pdbx_chi_squared                               1.723 
_reflns.pdbx_scaling_rejects                           ? 
_reflns.pdbx_d_res_high_opt                            ? 
_reflns.pdbx_d_res_low_opt                             ? 
_reflns.pdbx_d_res_opt_method                          ? 
_reflns.phase_calculation_details                      ? 
_reflns.pdbx_Rrim_I_all                                0.098 
_reflns.pdbx_Rpim_I_all                                0.046 
_reflns.pdbx_d_opt                                     ? 
_reflns.pdbx_number_measured_all                       141414 
_reflns.pdbx_diffrn_id                                 1 
_reflns.pdbx_ordinal                                   1 
_reflns.pdbx_CC_half                                   0.995 
_reflns.pdbx_CC_star                                   0.999 
_reflns.pdbx_R_split                                   ? 
_reflns.pdbx_Rmerge_I_obs                              0.087 
_reflns.pdbx_Rmerge_I_all                              ? 
_reflns.pdbx_Rsym_value                                ? 
_reflns.pdbx_CC_split_method                           ? 
_reflns.pdbx_aniso_diffraction_limit_axis_1_ortho[1]   ? 
_reflns.pdbx_aniso_diffraction_limit_axis_1_ortho[2]   ? 
_reflns.pdbx_aniso_diffraction_limit_axis_1_ortho[3]   ? 
_reflns.pdbx_aniso_diffraction_limit_axis_2_ortho[1]   ? 
_reflns.pdbx_aniso_diffraction_limit_axis_2_ortho[2]   ? 
_reflns.pdbx_aniso_diffraction_limit_axis_2_ortho[3]   ? 
_reflns.pdbx_aniso_diffraction_limit_axis_3_ortho[1]   ? 
_reflns.pdbx_aniso_diffraction_limit_axis_3_ortho[2]   ? 
_reflns.pdbx_aniso_diffraction_limit_axis_3_ortho[3]   ? 
_reflns.pdbx_aniso_diffraction_limit_1                 ? 
_reflns.pdbx_aniso_diffraction_limit_2                 ? 
_reflns.pdbx_aniso_diffraction_limit_3                 ? 
_reflns.pdbx_aniso_B_tensor_eigenvector_1_ortho[1]     ? 
_reflns.pdbx_aniso_B_tensor_eigenvector_1_ortho[2]     ? 
_reflns.pdbx_aniso_B_tensor_eigenvector_1_ortho[3]     ? 
_reflns.pdbx_aniso_B_tensor_eigenvector_2_ortho[1]     ? 
_reflns.pdbx_aniso_B_tensor_eigenvector_2_ortho[2]     ? 
_reflns.pdbx_aniso_B_tensor_eigenvector_2_ortho[3]     ? 
_reflns.pdbx_aniso_B_tensor_eigenvector_3_ortho[1]     ? 
_reflns.pdbx_aniso_B_tensor_eigenvector_3_ortho[2]     ? 
_reflns.pdbx_aniso_B_tensor_eigenvector_3_ortho[3]     ? 
_reflns.pdbx_aniso_B_tensor_eigenvalue_1               ? 
_reflns.pdbx_aniso_B_tensor_eigenvalue_2               ? 
_reflns.pdbx_aniso_B_tensor_eigenvalue_3               ? 
_reflns.pdbx_orthogonalization_convention              ? 
_reflns.pdbx_percent_possible_ellipsoidal              ? 
_reflns.pdbx_percent_possible_spherical                ? 
_reflns.pdbx_percent_possible_ellipsoidal_anomalous    ? 
_reflns.pdbx_percent_possible_spherical_anomalous      ? 
_reflns.pdbx_redundancy_anomalous                      ? 
_reflns.pdbx_CC_half_anomalous                         ? 
_reflns.pdbx_absDiff_over_sigma_anomalous              ? 
_reflns.pdbx_percent_possible_anomalous                ? 
_reflns.pdbx_observed_signal_threshold                 ? 
_reflns.pdbx_signal_type                               ? 
_reflns.pdbx_signal_details                            ? 
_reflns.pdbx_signal_software_id                        ? 
# 
loop_
_reflns_shell.d_res_high 
_reflns_shell.d_res_low 
_reflns_shell.meanI_over_sigI_all 
_reflns_shell.meanI_over_sigI_obs 
_reflns_shell.number_measured_all 
_reflns_shell.number_measured_obs 
_reflns_shell.number_possible 
_reflns_shell.number_unique_all 
_reflns_shell.number_unique_obs 
_reflns_shell.percent_possible_obs 
_reflns_shell.Rmerge_F_all 
_reflns_shell.Rmerge_F_obs 
_reflns_shell.meanI_over_sigI_gt 
_reflns_shell.meanI_over_uI_all 
_reflns_shell.meanI_over_uI_gt 
_reflns_shell.number_measured_gt 
_reflns_shell.number_unique_gt 
_reflns_shell.percent_possible_gt 
_reflns_shell.Rmerge_F_gt 
_reflns_shell.Rmerge_I_gt 
_reflns_shell.pdbx_redundancy 
_reflns_shell.pdbx_chi_squared 
_reflns_shell.pdbx_netI_over_sigmaI_all 
_reflns_shell.pdbx_netI_over_sigmaI_obs 
_reflns_shell.pdbx_Rrim_I_all 
_reflns_shell.pdbx_Rpim_I_all 
_reflns_shell.pdbx_rejects 
_reflns_shell.pdbx_ordinal 
_reflns_shell.pdbx_diffrn_id 
_reflns_shell.pdbx_CC_half 
_reflns_shell.pdbx_CC_star 
_reflns_shell.pdbx_R_split 
_reflns_shell.percent_possible_all 
_reflns_shell.Rmerge_I_all 
_reflns_shell.Rmerge_I_obs 
_reflns_shell.pdbx_Rsym_value 
_reflns_shell.pdbx_percent_possible_ellipsoidal 
_reflns_shell.pdbx_percent_possible_spherical 
_reflns_shell.pdbx_percent_possible_ellipsoidal_anomalous 
_reflns_shell.pdbx_percent_possible_spherical_anomalous 
_reflns_shell.pdbx_redundancy_anomalous 
_reflns_shell.pdbx_CC_half_anomalous 
_reflns_shell.pdbx_absDiff_over_sigma_anomalous 
_reflns_shell.pdbx_percent_possible_anomalous 
1.22 1.24  ? ? ? ? ? ? 1585 ? ? ? ? ? ? ? ? ? ? ? 3.5 1.714 ? ? 0.208 0.105 ? 1  1 0.947 0.986 ? 92.4 ? 0.178 ? ? ? ? ? ? ? ? ? 
1.24 1.26  ? ? ? ? ? ? 1724 ? ? ? ? ? ? ? ? ? ? ? 3.9 1.658 ? ? 0.209 0.103 ? 2  1 0.954 0.988 ? 99.0 ? 0.182 ? ? ? ? ? ? ? ? ? 
1.26 1.29  ? ? ? ? ? ? 1686 ? ? ? ? ? ? ? ? ? ? ? 4.0 1.690 ? ? 0.214 0.105 ? 3  1 0.953 0.988 ? 99.5 ? 0.186 ? ? ? ? ? ? ? ? ? 
1.29 1.31  ? ? ? ? ? ? 1734 ? ? ? ? ? ? ? ? ? ? ? 4.0 1.757 ? ? 0.213 0.103 ? 4  1 0.958 0.989 ? 99.5 ? 0.186 ? ? ? ? ? ? ? ? ? 
1.31 1.34  ? ? ? ? ? ? 1714 ? ? ? ? ? ? ? ? ? ? ? 4.1 1.722 ? ? 0.226 0.107 ? 5  1 0.948 0.987 ? 99.5 ? 0.199 ? ? ? ? ? ? ? ? ? 
1.34 1.37  ? ? ? ? ? ? 1704 ? ? ? ? ? ? ? ? ? ? ? 4.1 1.706 ? ? 0.223 0.105 ? 6  1 0.956 0.989 ? 99.4 ? 0.195 ? ? ? ? ? ? ? ? ? 
1.37 1.41  ? ? ? ? ? ? 1716 ? ? ? ? ? ? ? ? ? ? ? 4.1 1.677 ? ? 0.202 0.096 ? 7  1 0.966 0.991 ? 99.0 ? 0.177 ? ? ? ? ? ? ? ? ? 
1.41 1.45  ? ? ? ? ? ? 1632 ? ? ? ? ? ? ? ? ? ? ? 3.9 1.709 ? ? 0.205 0.097 ? 8  1 0.955 0.988 ? 96.0 ? 0.179 ? ? ? ? ? ? ? ? ? 
1.45 1.49  ? ? ? ? ? ? 1682 ? ? ? ? ? ? ? ? ? ? ? 4.0 1.645 ? ? 0.187 0.088 ? 9  1 0.965 0.991 ? 94.1 ? 0.164 ? ? ? ? ? ? ? ? ? 
1.49 1.54  ? ? ? ? ? ? 1675 ? ? ? ? ? ? ? ? ? ? ? 4.5 1.733 ? ? 0.183 0.084 ? 10 1 0.974 0.993 ? 99.4 ? 0.162 ? ? ? ? ? ? ? ? ? 
1.54 1.59  ? ? ? ? ? ? 1757 ? ? ? ? ? ? ? ? ? ? ? 4.3 1.788 ? ? 0.172 0.079 ? 11 1 0.970 0.992 ? 99.7 ? 0.152 ? ? ? ? ? ? ? ? ? 
1.59 1.66  ? ? ? ? ? ? 1691 ? ? ? ? ? ? ? ? ? ? ? 4.3 1.686 ? ? 0.161 0.075 ? 12 1 0.974 0.993 ? 99.6 ? 0.142 ? ? ? ? ? ? ? ? ? 
1.66 1.73  ? ? ? ? ? ? 1719 ? ? ? ? ? ? ? ? ? ? ? 4.3 1.779 ? ? 0.150 0.069 ? 13 1 0.979 0.995 ? 99.7 ? 0.132 ? ? ? ? ? ? ? ? ? 
1.73 1.82  ? ? ? ? ? ? 1722 ? ? ? ? ? ? ? ? ? ? ? 4.4 1.652 ? ? 0.138 0.064 ? 14 1 0.981 0.995 ? 98.6 ? 0.122 ? ? ? ? ? ? ? ? ? 
1.82 1.94  ? ? ? ? ? ? 1695 ? ? ? ? ? ? ? ? ? ? ? 4.0 1.745 ? ? 0.123 0.058 ? 15 1 0.981 0.995 ? 97.3 ? 0.107 ? ? ? ? ? ? ? ? ? 
1.94 2.09  ? ? ? ? ? ? 1634 ? ? ? ? ? ? ? ? ? ? ? 4.1 1.654 ? ? 0.107 0.050 ? 16 1 0.988 0.997 ? 94.2 ? 0.094 ? ? ? ? ? ? ? ? ? 
2.09 2.30  ? ? ? ? ? ? 1738 ? ? ? ? ? ? ? ? ? ? ? 4.5 1.677 ? ? 0.097 0.044 ? 17 1 0.990 0.998 ? 99.9 ? 0.087 ? ? ? ? ? ? ? ? ? 
2.30 2.63  ? ? ? ? ? ? 1726 ? ? ? ? ? ? ? ? ? ? ? 4.5 1.824 ? ? 0.082 0.038 ? 18 1 0.993 0.998 ? 99.7 ? 0.073 ? ? ? ? ? ? ? ? ? 
2.63 3.31  ? ? ? ? ? ? 1718 ? ? ? ? ? ? ? ? ? ? ? 4.3 1.902 ? ? 0.061 0.029 ? 19 1 0.996 0.999 ? 98.1 ? 0.054 ? ? ? ? ? ? ? ? ? 
3.31 50.00 ? ? ? ? ? ? 1742 ? ? ? ? ? ? ? ? ? ? ? 4.4 1.714 ? ? 0.043 0.020 ? 20 1 0.998 0.999 ? 97.2 ? 0.038 ? ? ? ? ? ? ? ? ? 
# 
_refine.aniso_B[1][1]                            ? 
_refine.aniso_B[1][2]                            ? 
_refine.aniso_B[1][3]                            ? 
_refine.aniso_B[2][2]                            ? 
_refine.aniso_B[2][3]                            ? 
_refine.aniso_B[3][3]                            ? 
_refine.B_iso_max                                ? 
_refine.B_iso_mean                               ? 
_refine.B_iso_min                                ? 
_refine.correlation_coeff_Fo_to_Fc               ? 
_refine.correlation_coeff_Fo_to_Fc_free          ? 
_refine.details                                  ? 
_refine.diff_density_max                         ? 
_refine.diff_density_max_esd                     ? 
_refine.diff_density_min                         ? 
_refine.diff_density_min_esd                     ? 
_refine.diff_density_rms                         ? 
_refine.diff_density_rms_esd                     ? 
_refine.entry_id                                 9DNQ 
_refine.pdbx_refine_id                           'X-RAY DIFFRACTION' 
_refine.ls_abs_structure_details                 ? 
_refine.ls_abs_structure_Flack                   ? 
_refine.ls_abs_structure_Flack_esd               ? 
_refine.ls_abs_structure_Rogers                  ? 
_refine.ls_abs_structure_Rogers_esd              ? 
_refine.ls_d_res_high                            1.22 
_refine.ls_d_res_low                             45.96 
_refine.ls_extinction_coef                       ? 
_refine.ls_extinction_coef_esd                   ? 
_refine.ls_extinction_expression                 ? 
_refine.ls_extinction_method                     ? 
_refine.ls_goodness_of_fit_all                   ? 
_refine.ls_goodness_of_fit_all_esd               ? 
_refine.ls_goodness_of_fit_obs                   ? 
_refine.ls_goodness_of_fit_obs_esd               ? 
_refine.ls_hydrogen_treatment                    ? 
_refine.ls_matrix_type                           ? 
_refine.ls_number_constraints                    ? 
_refine.ls_number_parameters                     ? 
_refine.ls_number_reflns_all                     ? 
_refine.ls_number_reflns_obs                     33965 
_refine.ls_number_reflns_R_free                  1707 
_refine.ls_number_reflns_R_work                  ? 
_refine.ls_number_restraints                     ? 
_refine.ls_percent_reflns_obs                    98.19 
_refine.ls_percent_reflns_R_free                 5.03 
_refine.ls_R_factor_all                          ? 
_refine.ls_R_factor_obs                          0.1398 
_refine.ls_R_factor_R_free                       0.1502 
_refine.ls_R_factor_R_free_error                 ? 
_refine.ls_R_factor_R_free_error_details         ? 
_refine.ls_R_factor_R_work                       0.1393 
_refine.ls_R_Fsqd_factor_obs                     ? 
_refine.ls_R_I_factor_obs                        ? 
_refine.ls_redundancy_reflns_all                 ? 
_refine.ls_redundancy_reflns_obs                 ? 
_refine.ls_restrained_S_all                      ? 
_refine.ls_restrained_S_obs                      ? 
_refine.ls_shift_over_esd_max                    ? 
_refine.ls_shift_over_esd_mean                   ? 
_refine.ls_structure_factor_coef                 ? 
_refine.ls_weighting_details                     ? 
_refine.ls_weighting_scheme                      ? 
_refine.ls_wR_factor_all                         ? 
_refine.ls_wR_factor_obs                         ? 
_refine.ls_wR_factor_R_free                      ? 
_refine.ls_wR_factor_R_work                      ? 
_refine.occupancy_max                            ? 
_refine.occupancy_min                            ? 
_refine.solvent_model_details                    'FLAT BULK SOLVENT MODEL' 
_refine.solvent_model_param_bsol                 ? 
_refine.solvent_model_param_ksol                 ? 
_refine.pdbx_R_complete                          ? 
_refine.ls_R_factor_gt                           ? 
_refine.ls_goodness_of_fit_gt                    ? 
_refine.ls_goodness_of_fit_ref                   ? 
_refine.ls_shift_over_su_max                     ? 
_refine.ls_shift_over_su_max_lt                  ? 
_refine.ls_shift_over_su_mean                    ? 
_refine.ls_shift_over_su_mean_lt                 ? 
_refine.pdbx_ls_sigma_I                          ? 
_refine.pdbx_ls_sigma_F                          1.38 
_refine.pdbx_ls_sigma_Fsqd                       ? 
_refine.pdbx_data_cutoff_high_absF               ? 
_refine.pdbx_data_cutoff_high_rms_absF           ? 
_refine.pdbx_data_cutoff_low_absF                ? 
_refine.pdbx_isotropic_thermal_model             ? 
_refine.pdbx_ls_cross_valid_method               'FREE R-VALUE' 
_refine.pdbx_method_to_determine_struct          'MOLECULAR REPLACEMENT' 
_refine.pdbx_starting_model                      ? 
_refine.pdbx_stereochemistry_target_values       ML 
_refine.pdbx_R_Free_selection_details            ? 
_refine.pdbx_stereochem_target_val_spec_case     ? 
_refine.pdbx_overall_ESU_R                       ? 
_refine.pdbx_overall_ESU_R_Free                  ? 
_refine.pdbx_solvent_vdw_probe_radii             1.10 
_refine.pdbx_solvent_ion_probe_radii             ? 
_refine.pdbx_solvent_shrinkage_radii             0.90 
_refine.pdbx_real_space_R                        ? 
_refine.pdbx_density_correlation                 ? 
_refine.pdbx_pd_number_of_powder_patterns        ? 
_refine.pdbx_pd_number_of_points                 ? 
_refine.pdbx_pd_meas_number_of_points            ? 
_refine.pdbx_pd_proc_ls_prof_R_factor            ? 
_refine.pdbx_pd_proc_ls_prof_wR_factor           ? 
_refine.pdbx_pd_Marquardt_correlation_coeff      ? 
_refine.pdbx_pd_Fsqrd_R_factor                   ? 
_refine.pdbx_pd_ls_matrix_band_width             ? 
_refine.pdbx_overall_phase_error                 14.12 
_refine.pdbx_overall_SU_R_free_Cruickshank_DPI   ? 
_refine.pdbx_overall_SU_R_free_Blow_DPI          ? 
_refine.pdbx_overall_SU_R_Blow_DPI               ? 
_refine.pdbx_TLS_residual_ADP_flag               ? 
_refine.pdbx_diffrn_id                           1 
_refine.overall_SU_B                             ? 
_refine.overall_SU_ML                            0.10 
_refine.overall_SU_R_Cruickshank_DPI             ? 
_refine.overall_SU_R_free                        ? 
_refine.overall_FOM_free_R_set                   ? 
_refine.overall_FOM_work_R_set                   ? 
_refine.pdbx_average_fsc_overall                 ? 
_refine.pdbx_average_fsc_work                    ? 
_refine.pdbx_average_fsc_free                    ? 
# 
_refine_hist.pdbx_refine_id                   'X-RAY DIFFRACTION' 
_refine_hist.cycle_id                         LAST 
_refine_hist.pdbx_number_atoms_protein        1208 
_refine_hist.pdbx_number_atoms_nucleic_acid   0 
_refine_hist.pdbx_number_atoms_ligand         6 
_refine_hist.number_atoms_solvent             244 
_refine_hist.number_atoms_total               1458 
_refine_hist.d_res_high                       1.22 
_refine_hist.d_res_low                        45.96 
# 
loop_
_refine_ls_restr.pdbx_refine_id 
_refine_ls_restr.criterion 
_refine_ls_restr.dev_ideal 
_refine_ls_restr.dev_ideal_target 
_refine_ls_restr.number 
_refine_ls_restr.rejects 
_refine_ls_restr.type 
_refine_ls_restr.weight 
_refine_ls_restr.pdbx_restraint_function 
'X-RAY DIFFRACTION' ? 0.006 ? 1238 ? f_bond_d           ? ? 
'X-RAY DIFFRACTION' ? 0.978 ? 1664 ? f_angle_d          ? ? 
'X-RAY DIFFRACTION' ? 5.899 ? 174  ? f_dihedral_angle_d ? ? 
'X-RAY DIFFRACTION' ? 0.080 ? 162  ? f_chiral_restr     ? ? 
'X-RAY DIFFRACTION' ? 0.012 ? 222  ? f_plane_restr      ? ? 
# 
loop_
_refine_ls_shell.pdbx_refine_id 
_refine_ls_shell.d_res_high 
_refine_ls_shell.d_res_low 
_refine_ls_shell.number_reflns_all 
_refine_ls_shell.number_reflns_obs 
_refine_ls_shell.number_reflns_R_free 
_refine_ls_shell.number_reflns_R_work 
_refine_ls_shell.percent_reflns_obs 
_refine_ls_shell.percent_reflns_R_free 
_refine_ls_shell.R_factor_all 
_refine_ls_shell.R_factor_obs 
_refine_ls_shell.R_factor_R_free_error 
_refine_ls_shell.R_factor_R_work 
_refine_ls_shell.redundancy_reflns_all 
_refine_ls_shell.redundancy_reflns_obs 
_refine_ls_shell.wR_factor_all 
_refine_ls_shell.wR_factor_obs 
_refine_ls_shell.wR_factor_R_free 
_refine_ls_shell.wR_factor_R_work 
_refine_ls_shell.pdbx_R_complete 
_refine_ls_shell.pdbx_total_number_of_bins_used 
_refine_ls_shell.pdbx_phase_error 
_refine_ls_shell.pdbx_fsc_work 
_refine_ls_shell.pdbx_fsc_free 
_refine_ls_shell.R_factor_R_free 
'X-RAY DIFFRACTION' 1.22 1.26  . . 146 2655 97.00  . . . . 0.1689 . . . . . . . . . . . 0.2069 
'X-RAY DIFFRACTION' 1.26 1.30  . . 141 2659 99.00  . . . . 0.1658 . . . . . . . . . . . 0.1852 
'X-RAY DIFFRACTION' 1.30 1.34  . . 151 2738 99.00  . . . . 0.1607 . . . . . . . . . . . 0.1784 
'X-RAY DIFFRACTION' 1.34 1.40  . . 143 2705 99.00  . . . . 0.1554 . . . . . . . . . . . 0.1724 
'X-RAY DIFFRACTION' 1.40 1.46  . . 132 2590 95.00  . . . . 0.1526 . . . . . . . . . . . 0.1777 
'X-RAY DIFFRACTION' 1.46 1.54  . . 133 2665 98.00  . . . . 0.1465 . . . . . . . . . . . 0.1426 
'X-RAY DIFFRACTION' 1.54 1.63  . . 124 2763 100.00 . . . . 0.1303 . . . . . . . . . . . 0.1359 
'X-RAY DIFFRACTION' 1.63 1.76  . . 136 2712 99.00  . . . . 0.1272 . . . . . . . . . . . 0.1432 
'X-RAY DIFFRACTION' 1.76 1.94  . . 154 2699 98.00  . . . . 0.1325 . . . . . . . . . . . 0.1291 
'X-RAY DIFFRACTION' 1.94 2.22  . . 157 2603 97.00  . . . . 0.1337 . . . . . . . . . . . 0.1518 
'X-RAY DIFFRACTION' 2.22 2.79  . . 144 2743 100.00 . . . . 0.1403 . . . . . . . . . . . 0.1498 
'X-RAY DIFFRACTION' 2.79 45.96 . . 146 2726 97.00  . . . . 0.1271 . . . . . . . . . . . 0.1333 
# 
_struct.entry_id                     9DNQ 
_struct.title                        'Structure of UBR2-RYF complex' 
_struct.pdbx_model_details           ? 
_struct.pdbx_formula_weight          ? 
_struct.pdbx_formula_weight_method   ? 
_struct.pdbx_model_type_details      ? 
_struct.pdbx_CASP_flag               N 
# 
_struct_keywords.entry_id        9DNQ 
_struct_keywords.text            'UBR, E3 ligase, natural ligands, PROTEIN BINDING' 
_struct_keywords.pdbx_keywords   'PROTEIN BINDING' 
# 
loop_
_struct_asym.id 
_struct_asym.pdbx_blank_PDB_chainid_flag 
_struct_asym.pdbx_modified 
_struct_asym.entity_id 
_struct_asym.details 
A N N 1 ? 
B N N 2 ? 
C N N 1 ? 
D N N 2 ? 
E N N 3 ? 
F N N 3 ? 
G N N 3 ? 
H N N 3 ? 
I N N 3 ? 
J N N 3 ? 
K N N 4 ? 
L N N 4 ? 
M N N 4 ? 
N N N 4 ? 
# 
loop_
_struct_ref.id 
_struct_ref.db_name 
_struct_ref.db_code 
_struct_ref.pdbx_db_accession 
_struct_ref.pdbx_db_isoform 
_struct_ref.entity_id 
_struct_ref.pdbx_seq_one_letter_code 
_struct_ref.pdbx_align_begin 
1 UNP UBR2_HUMAN Q8IWV8 ? 1 LCGRVFKVGEPTYSCRDCAVDPTCVLCMECFLGSIHRDHRYRMTTSGGGGFCDCGDTEAWKEGPYCQKHE 98 
2 PDB 9DNQ       9DNQ   ? 2 ?                                                                      1  
# 
loop_
_struct_ref_seq.align_id 
_struct_ref_seq.ref_id 
_struct_ref_seq.pdbx_PDB_id_code 
_struct_ref_seq.pdbx_strand_id 
_struct_ref_seq.seq_align_beg 
_struct_ref_seq.pdbx_seq_align_beg_ins_code 
_struct_ref_seq.seq_align_end 
_struct_ref_seq.pdbx_seq_align_end_ins_code 
_struct_ref_seq.pdbx_db_accession 
_struct_ref_seq.db_align_beg 
_struct_ref_seq.pdbx_db_align_beg_ins_code 
_struct_ref_seq.db_align_end 
_struct_ref_seq.pdbx_db_align_end_ins_code 
_struct_ref_seq.pdbx_auth_seq_align_beg 
_struct_ref_seq.pdbx_auth_seq_align_end 
1 1 9DNQ A 6 ? 75 ? Q8IWV8 98 ? 167 ? 98 167 
2 2 9DNQ C 1 ? 4  ? 9DNQ   1  ? 4   ? 1  4   
3 1 9DNQ B 6 ? 75 ? Q8IWV8 98 ? 167 ? 98 167 
4 2 9DNQ D 1 ? 4  ? 9DNQ   1  ? 4   ? 1  4   
# 
loop_
_struct_ref_seq_dif.align_id 
_struct_ref_seq_dif.pdbx_pdb_id_code 
_struct_ref_seq_dif.mon_id 
_struct_ref_seq_dif.pdbx_pdb_strand_id 
_struct_ref_seq_dif.seq_num 
_struct_ref_seq_dif.pdbx_pdb_ins_code 
_struct_ref_seq_dif.pdbx_seq_db_name 
_struct_ref_seq_dif.pdbx_seq_db_accession_code 
_struct_ref_seq_dif.db_mon_id 
_struct_ref_seq_dif.pdbx_seq_db_seq_num 
_struct_ref_seq_dif.details 
_struct_ref_seq_dif.pdbx_auth_seq_num 
_struct_ref_seq_dif.pdbx_ordinal 
1 9DNQ GLY A 1 ? UNP Q8IWV8 ? ? 'expression tag' 93 1  
1 9DNQ PRO A 2 ? UNP Q8IWV8 ? ? 'expression tag' 94 2  
1 9DNQ LEU A 3 ? UNP Q8IWV8 ? ? 'expression tag' 95 3  
1 9DNQ GLY A 4 ? UNP Q8IWV8 ? ? 'expression tag' 96 4  
1 9DNQ SER A 5 ? UNP Q8IWV8 ? ? 'expression tag' 97 5  
3 9DNQ GLY B 1 ? UNP Q8IWV8 ? ? 'expression tag' 93 6  
3 9DNQ PRO B 2 ? UNP Q8IWV8 ? ? 'expression tag' 94 7  
3 9DNQ LEU B 3 ? UNP Q8IWV8 ? ? 'expression tag' 95 8  
3 9DNQ GLY B 4 ? UNP Q8IWV8 ? ? 'expression tag' 96 9  
3 9DNQ SER B 5 ? UNP Q8IWV8 ? ? 'expression tag' 97 10 
# 
loop_
_pdbx_struct_assembly.id 
_pdbx_struct_assembly.details 
_pdbx_struct_assembly.method_details 
_pdbx_struct_assembly.oligomeric_details 
_pdbx_struct_assembly.oligomeric_count 
1 author_and_software_defined_assembly PISA dimeric 2 
2 author_and_software_defined_assembly PISA dimeric 2 
# 
loop_
_pdbx_struct_assembly_prop.biol_id 
_pdbx_struct_assembly_prop.type 
_pdbx_struct_assembly_prop.value 
_pdbx_struct_assembly_prop.details 
1 'ABSA (A^2)' 750  ? 
1 MORE         -2   ? 
1 'SSA (A^2)'  4590 ? 
2 'ABSA (A^2)' 760  ? 
2 MORE         -2   ? 
2 'SSA (A^2)'  4580 ? 
# 
loop_
_pdbx_struct_assembly_gen.assembly_id 
_pdbx_struct_assembly_gen.oper_expression 
_pdbx_struct_assembly_gen.asym_id_list 
1 1 A,B,E,F,G,K,L 
2 1 C,D,H,I,J,M,N 
# 
_pdbx_struct_assembly_auth_evidence.id                     1 
_pdbx_struct_assembly_auth_evidence.assembly_id            1 
_pdbx_struct_assembly_auth_evidence.experimental_support   'gel filtration' 
_pdbx_struct_assembly_auth_evidence.details                'Single peak observed during size exclusion chromatography purification' 
# 
_pdbx_struct_oper_list.id                   1 
_pdbx_struct_oper_list.type                 'identity operation' 
_pdbx_struct_oper_list.name                 1_555 
_pdbx_struct_oper_list.symmetry_operation   x,y,z 
_pdbx_struct_oper_list.matrix[1][1]         1.0000000000 
_pdbx_struct_oper_list.matrix[1][2]         0.0000000000 
_pdbx_struct_oper_list.matrix[1][3]         0.0000000000 
_pdbx_struct_oper_list.vector[1]            0.0000000000 
_pdbx_struct_oper_list.matrix[2][1]         0.0000000000 
_pdbx_struct_oper_list.matrix[2][2]         1.0000000000 
_pdbx_struct_oper_list.matrix[2][3]         0.0000000000 
_pdbx_struct_oper_list.vector[2]            0.0000000000 
_pdbx_struct_oper_list.matrix[3][1]         0.0000000000 
_pdbx_struct_oper_list.matrix[3][2]         0.0000000000 
_pdbx_struct_oper_list.matrix[3][3]         1.0000000000 
_pdbx_struct_oper_list.vector[3]            0.0000000000 
# 
loop_
_struct_conf.conf_type_id 
_struct_conf.id 
_struct_conf.pdbx_PDB_helix_id 
_struct_conf.beg_label_comp_id 
_struct_conf.beg_label_asym_id 
_struct_conf.beg_label_seq_id 
_struct_conf.pdbx_beg_PDB_ins_code 
_struct_conf.end_label_comp_id 
_struct_conf.end_label_asym_id 
_struct_conf.end_label_seq_id 
_struct_conf.pdbx_end_PDB_ins_code 
_struct_conf.beg_auth_comp_id 
_struct_conf.beg_auth_asym_id 
_struct_conf.beg_auth_seq_id 
_struct_conf.end_auth_comp_id 
_struct_conf.end_auth_asym_id 
_struct_conf.end_auth_seq_id 
_struct_conf.pdbx_PDB_helix_class 
_struct_conf.details 
_struct_conf.pdbx_PDB_helix_length 
HELX_P HELX_P1 AA1 CYS A 32 ? GLY A 38 ? CYS A 124 GLY A 130 1 ? 7 
HELX_P HELX_P2 AA2 SER A 39 ? HIS A 44 ? SER A 131 HIS A 136 5 ? 6 
HELX_P HELX_P3 AA3 CYS C 32 ? GLY C 38 ? CYS B 124 GLY B 130 1 ? 7 
HELX_P HELX_P4 AA4 SER C 39 ? HIS C 44 ? SER B 131 HIS B 136 5 ? 6 
# 
_struct_conf_type.id          HELX_P 
_struct_conf_type.criteria    ? 
_struct_conf_type.reference   ? 
# 
loop_
_struct_conn.id 
_struct_conn.conn_type_id 
_struct_conn.pdbx_leaving_atom_flag 
_struct_conn.pdbx_PDB_id 
_struct_conn.ptnr1_label_asym_id 
_struct_conn.ptnr1_label_comp_id 
_struct_conn.ptnr1_label_seq_id 
_struct_conn.ptnr1_label_atom_id 
_struct_conn.pdbx_ptnr1_label_alt_id 
_struct_conn.pdbx_ptnr1_PDB_ins_code 
_struct_conn.pdbx_ptnr1_standard_comp_id 
_struct_conn.ptnr1_symmetry 
_struct_conn.ptnr2_label_asym_id 
_struct_conn.ptnr2_label_comp_id 
_struct_conn.ptnr2_label_seq_id 
_struct_conn.ptnr2_label_atom_id 
_struct_conn.pdbx_ptnr2_label_alt_id 
_struct_conn.pdbx_ptnr2_PDB_ins_code 
_struct_conn.ptnr1_auth_asym_id 
_struct_conn.ptnr1_auth_comp_id 
_struct_conn.ptnr1_auth_seq_id 
_struct_conn.ptnr2_auth_asym_id 
_struct_conn.ptnr2_auth_comp_id 
_struct_conn.ptnr2_auth_seq_id 
_struct_conn.ptnr2_symmetry 
_struct_conn.pdbx_ptnr3_label_atom_id 
_struct_conn.pdbx_ptnr3_label_seq_id 
_struct_conn.pdbx_ptnr3_label_comp_id 
_struct_conn.pdbx_ptnr3_label_asym_id 
_struct_conn.pdbx_ptnr3_label_alt_id 
_struct_conn.pdbx_ptnr3_PDB_ins_code 
_struct_conn.details 
_struct_conn.pdbx_dist_value 
_struct_conn.pdbx_value_order 
_struct_conn.pdbx_role 
covale1  covale both ? B PHE 3  C   ? ? ? 1_555 B NH2 4 N  ? ? C PHE 3   C NH2 4   1_555 ? ? ? ? ? ? ? 1.328 ? ? 
covale2  covale both ? D PHE 3  C   ? ? ? 1_555 D NH2 4 N  ? ? D PHE 3   D NH2 4   1_555 ? ? ? ? ? ? ? 1.324 ? ? 
metalc1  metalc ?    ? A CYS 7  SG  ? ? ? 1_555 E ZN  . ZN ? ? A CYS 99  A ZN  201 1_555 ? ? ? ? ? ? ? 2.327 ? ? 
metalc2  metalc ?    ? A CYS 20 SG  ? ? ? 1_555 G ZN  . ZN ? ? A CYS 112 A ZN  203 1_555 ? ? ? ? ? ? ? 2.275 ? ? 
metalc3  metalc ?    ? A CYS 23 SG  ? ? ? 1_555 G ZN  . ZN ? ? A CYS 115 A ZN  203 1_555 ? ? ? ? ? ? ? 2.310 ? ? 
metalc4  metalc ?    ? A CYS 32 SG  ? ? ? 1_555 E ZN  . ZN ? ? A CYS 124 A ZN  201 1_555 ? ? ? ? ? ? ? 2.333 ? ? 
metalc5  metalc ?    ? A CYS 35 SG  ? ? ? 1_555 E ZN  . ZN ? ? A CYS 127 A ZN  201 1_555 ? ? ? ? ? ? ? 2.413 ? ? 
metalc6  metalc ?    ? A CYS 35 SG  ? ? ? 1_555 F ZN  . ZN ? ? A CYS 127 A ZN  202 1_555 ? ? ? ? ? ? ? 2.364 ? ? 
metalc7  metalc ?    ? A HIS 41 ND1 ? ? ? 1_555 G ZN  . ZN ? ? A HIS 133 A ZN  203 1_555 ? ? ? ? ? ? ? 2.088 ? ? 
metalc8  metalc ?    ? A HIS 44 ND1 ? ? ? 1_555 G ZN  . ZN ? ? A HIS 136 A ZN  203 1_555 ? ? ? ? ? ? ? 2.046 ? ? 
metalc9  metalc ?    ? A CYS 57 SG  ? ? ? 1_555 E ZN  . ZN ? ? A CYS 149 A ZN  201 1_555 ? ? ? ? ? ? ? 2.329 ? ? 
metalc10 metalc ?    ? A CYS 59 SG  ? ? ? 1_555 F ZN  . ZN ? ? A CYS 151 A ZN  202 1_555 ? ? ? ? ? ? ? 2.277 ? ? 
metalc11 metalc ?    ? A CYS 71 SG  ? ? ? 1_555 F ZN  . ZN ? ? A CYS 163 A ZN  202 1_555 ? ? ? ? ? ? ? 2.312 ? ? 
metalc12 metalc ?    ? A HIS 74 ND1 ? ? ? 1_555 F ZN  . ZN ? ? A HIS 166 A ZN  202 1_555 ? ? ? ? ? ? ? 2.073 ? ? 
metalc13 metalc ?    ? C CYS 7  SG  ? ? ? 1_555 H ZN  . ZN ? ? B CYS 99  B ZN  201 1_555 ? ? ? ? ? ? ? 2.351 ? ? 
metalc14 metalc ?    ? C CYS 20 SG  ? ? ? 1_555 J ZN  . ZN ? ? B CYS 112 B ZN  203 1_555 ? ? ? ? ? ? ? 2.278 ? ? 
metalc15 metalc ?    ? C CYS 23 SG  ? ? ? 1_555 J ZN  . ZN ? ? B CYS 115 B ZN  203 1_555 ? ? ? ? ? ? ? 2.295 ? ? 
metalc16 metalc ?    ? C CYS 32 SG  ? ? ? 1_555 H ZN  . ZN ? ? B CYS 124 B ZN  201 1_555 ? ? ? ? ? ? ? 2.314 ? ? 
metalc17 metalc ?    ? C CYS 35 SG  ? ? ? 1_555 H ZN  . ZN ? ? B CYS 127 B ZN  201 1_555 ? ? ? ? ? ? ? 2.380 ? ? 
metalc18 metalc ?    ? C CYS 35 SG  ? ? ? 1_555 I ZN  . ZN ? ? B CYS 127 B ZN  202 1_555 ? ? ? ? ? ? ? 2.401 ? ? 
metalc19 metalc ?    ? C HIS 41 ND1 ? ? ? 1_555 J ZN  . ZN ? ? B HIS 133 B ZN  203 1_555 ? ? ? ? ? ? ? 2.075 ? ? 
metalc20 metalc ?    ? C HIS 44 ND1 ? ? ? 1_555 J ZN  . ZN ? ? B HIS 136 B ZN  203 1_555 ? ? ? ? ? ? ? 2.059 ? ? 
metalc21 metalc ?    ? C CYS 57 SG  ? ? ? 1_555 H ZN  . ZN ? ? B CYS 149 B ZN  201 1_555 ? ? ? ? ? ? ? 2.327 ? ? 
metalc22 metalc ?    ? C CYS 59 SG  ? ? ? 1_555 I ZN  . ZN ? ? B CYS 151 B ZN  202 1_555 ? ? ? ? ? ? ? 2.286 ? ? 
metalc23 metalc ?    ? C CYS 71 SG  ? ? ? 1_555 I ZN  . ZN ? ? B CYS 163 B ZN  202 1_555 ? ? ? ? ? ? ? 2.309 ? ? 
metalc24 metalc ?    ? C HIS 74 ND1 ? ? ? 1_555 I ZN  . ZN ? ? B HIS 166 B ZN  202 1_555 ? ? ? ? ? ? ? 2.069 ? ? 
# 
loop_
_struct_conn_type.id 
_struct_conn_type.criteria 
_struct_conn_type.reference 
covale ? ? 
metalc ? ? 
# 
loop_
_pdbx_struct_conn_angle.id 
_pdbx_struct_conn_angle.ptnr1_label_atom_id 
_pdbx_struct_conn_angle.ptnr1_label_alt_id 
_pdbx_struct_conn_angle.ptnr1_label_asym_id 
_pdbx_struct_conn_angle.ptnr1_label_comp_id 
_pdbx_struct_conn_angle.ptnr1_label_seq_id 
_pdbx_struct_conn_angle.ptnr1_auth_atom_id 
_pdbx_struct_conn_angle.ptnr1_auth_asym_id 
_pdbx_struct_conn_angle.ptnr1_auth_comp_id 
_pdbx_struct_conn_angle.ptnr1_auth_seq_id 
_pdbx_struct_conn_angle.ptnr1_PDB_ins_code 
_pdbx_struct_conn_angle.ptnr1_symmetry 
_pdbx_struct_conn_angle.ptnr2_label_atom_id 
_pdbx_struct_conn_angle.ptnr2_label_alt_id 
_pdbx_struct_conn_angle.ptnr2_label_asym_id 
_pdbx_struct_conn_angle.ptnr2_label_comp_id 
_pdbx_struct_conn_angle.ptnr2_label_seq_id 
_pdbx_struct_conn_angle.ptnr2_auth_atom_id 
_pdbx_struct_conn_angle.ptnr2_auth_asym_id 
_pdbx_struct_conn_angle.ptnr2_auth_comp_id 
_pdbx_struct_conn_angle.ptnr2_auth_seq_id 
_pdbx_struct_conn_angle.ptnr2_PDB_ins_code 
_pdbx_struct_conn_angle.ptnr2_symmetry 
_pdbx_struct_conn_angle.ptnr3_label_atom_id 
_pdbx_struct_conn_angle.ptnr3_label_alt_id 
_pdbx_struct_conn_angle.ptnr3_label_asym_id 
_pdbx_struct_conn_angle.ptnr3_label_comp_id 
_pdbx_struct_conn_angle.ptnr3_label_seq_id 
_pdbx_struct_conn_angle.ptnr3_auth_atom_id 
_pdbx_struct_conn_angle.ptnr3_auth_asym_id 
_pdbx_struct_conn_angle.ptnr3_auth_comp_id 
_pdbx_struct_conn_angle.ptnr3_auth_seq_id 
_pdbx_struct_conn_angle.ptnr3_PDB_ins_code 
_pdbx_struct_conn_angle.ptnr3_symmetry 
_pdbx_struct_conn_angle.value 
_pdbx_struct_conn_angle.value_esd 
1  SG  ? A CYS 7  ? A CYS 99  ? 1_555 ZN ? E ZN . ? A ZN 201 ? 1_555 SG  ? A CYS 32 ? A CYS 124 ? 1_555 116.6 ? 
2  SG  ? A CYS 7  ? A CYS 99  ? 1_555 ZN ? E ZN . ? A ZN 201 ? 1_555 SG  ? A CYS 35 ? A CYS 127 ? 1_555 109.4 ? 
3  SG  ? A CYS 32 ? A CYS 124 ? 1_555 ZN ? E ZN . ? A ZN 201 ? 1_555 SG  ? A CYS 35 ? A CYS 127 ? 1_555 93.0  ? 
4  SG  ? A CYS 7  ? A CYS 99  ? 1_555 ZN ? E ZN . ? A ZN 201 ? 1_555 SG  ? A CYS 57 ? A CYS 149 ? 1_555 108.3 ? 
5  SG  ? A CYS 32 ? A CYS 124 ? 1_555 ZN ? E ZN . ? A ZN 201 ? 1_555 SG  ? A CYS 57 ? A CYS 149 ? 1_555 116.6 ? 
6  SG  ? A CYS 35 ? A CYS 127 ? 1_555 ZN ? E ZN . ? A ZN 201 ? 1_555 SG  ? A CYS 57 ? A CYS 149 ? 1_555 112.0 ? 
7  SG  ? A CYS 20 ? A CYS 112 ? 1_555 ZN ? G ZN . ? A ZN 203 ? 1_555 SG  ? A CYS 23 ? A CYS 115 ? 1_555 115.1 ? 
8  SG  ? A CYS 20 ? A CYS 112 ? 1_555 ZN ? G ZN . ? A ZN 203 ? 1_555 ND1 ? A HIS 41 ? A HIS 133 ? 1_555 112.7 ? 
9  SG  ? A CYS 23 ? A CYS 115 ? 1_555 ZN ? G ZN . ? A ZN 203 ? 1_555 ND1 ? A HIS 41 ? A HIS 133 ? 1_555 103.2 ? 
10 SG  ? A CYS 20 ? A CYS 112 ? 1_555 ZN ? G ZN . ? A ZN 203 ? 1_555 ND1 ? A HIS 44 ? A HIS 136 ? 1_555 110.2 ? 
11 SG  ? A CYS 23 ? A CYS 115 ? 1_555 ZN ? G ZN . ? A ZN 203 ? 1_555 ND1 ? A HIS 44 ? A HIS 136 ? 1_555 107.5 ? 
12 ND1 ? A HIS 41 ? A HIS 133 ? 1_555 ZN ? G ZN . ? A ZN 203 ? 1_555 ND1 ? A HIS 44 ? A HIS 136 ? 1_555 107.7 ? 
13 SG  ? A CYS 35 ? A CYS 127 ? 1_555 ZN ? F ZN . ? A ZN 202 ? 1_555 SG  ? A CYS 59 ? A CYS 151 ? 1_555 113.5 ? 
14 SG  ? A CYS 35 ? A CYS 127 ? 1_555 ZN ? F ZN . ? A ZN 202 ? 1_555 SG  ? A CYS 71 ? A CYS 163 ? 1_555 109.6 ? 
15 SG  ? A CYS 59 ? A CYS 151 ? 1_555 ZN ? F ZN . ? A ZN 202 ? 1_555 SG  ? A CYS 71 ? A CYS 163 ? 1_555 112.6 ? 
16 SG  ? A CYS 35 ? A CYS 127 ? 1_555 ZN ? F ZN . ? A ZN 202 ? 1_555 ND1 ? A HIS 74 ? A HIS 166 ? 1_555 102.2 ? 
17 SG  ? A CYS 59 ? A CYS 151 ? 1_555 ZN ? F ZN . ? A ZN 202 ? 1_555 ND1 ? A HIS 74 ? A HIS 166 ? 1_555 113.3 ? 
18 SG  ? A CYS 71 ? A CYS 163 ? 1_555 ZN ? F ZN . ? A ZN 202 ? 1_555 ND1 ? A HIS 74 ? A HIS 166 ? 1_555 104.7 ? 
19 SG  ? C CYS 7  ? B CYS 99  ? 1_555 ZN ? H ZN . ? B ZN 201 ? 1_555 SG  ? C CYS 32 ? B CYS 124 ? 1_555 116.5 ? 
20 SG  ? C CYS 7  ? B CYS 99  ? 1_555 ZN ? H ZN . ? B ZN 201 ? 1_555 SG  ? C CYS 35 ? B CYS 127 ? 1_555 109.7 ? 
21 SG  ? C CYS 32 ? B CYS 124 ? 1_555 ZN ? H ZN . ? B ZN 201 ? 1_555 SG  ? C CYS 35 ? B CYS 127 ? 1_555 92.1  ? 
22 SG  ? C CYS 7  ? B CYS 99  ? 1_555 ZN ? H ZN . ? B ZN 201 ? 1_555 SG  ? C CYS 57 ? B CYS 149 ? 1_555 107.6 ? 
23 SG  ? C CYS 32 ? B CYS 124 ? 1_555 ZN ? H ZN . ? B ZN 201 ? 1_555 SG  ? C CYS 57 ? B CYS 149 ? 1_555 117.4 ? 
24 SG  ? C CYS 35 ? B CYS 127 ? 1_555 ZN ? H ZN . ? B ZN 201 ? 1_555 SG  ? C CYS 57 ? B CYS 149 ? 1_555 112.6 ? 
25 SG  ? C CYS 20 ? B CYS 112 ? 1_555 ZN ? J ZN . ? B ZN 203 ? 1_555 SG  ? C CYS 23 ? B CYS 115 ? 1_555 115.1 ? 
26 SG  ? C CYS 20 ? B CYS 112 ? 1_555 ZN ? J ZN . ? B ZN 203 ? 1_555 ND1 ? C HIS 41 ? B HIS 133 ? 1_555 112.3 ? 
27 SG  ? C CYS 23 ? B CYS 115 ? 1_555 ZN ? J ZN . ? B ZN 203 ? 1_555 ND1 ? C HIS 41 ? B HIS 133 ? 1_555 103.6 ? 
28 SG  ? C CYS 20 ? B CYS 112 ? 1_555 ZN ? J ZN . ? B ZN 203 ? 1_555 ND1 ? C HIS 44 ? B HIS 136 ? 1_555 110.3 ? 
29 SG  ? C CYS 23 ? B CYS 115 ? 1_555 ZN ? J ZN . ? B ZN 203 ? 1_555 ND1 ? C HIS 44 ? B HIS 136 ? 1_555 107.2 ? 
30 ND1 ? C HIS 41 ? B HIS 133 ? 1_555 ZN ? J ZN . ? B ZN 203 ? 1_555 ND1 ? C HIS 44 ? B HIS 136 ? 1_555 107.9 ? 
31 SG  ? C CYS 35 ? B CYS 127 ? 1_555 ZN ? I ZN . ? B ZN 202 ? 1_555 SG  ? C CYS 59 ? B CYS 151 ? 1_555 113.7 ? 
32 SG  ? C CYS 35 ? B CYS 127 ? 1_555 ZN ? I ZN . ? B ZN 202 ? 1_555 SG  ? C CYS 71 ? B CYS 163 ? 1_555 109.7 ? 
33 SG  ? C CYS 59 ? B CYS 151 ? 1_555 ZN ? I ZN . ? B ZN 202 ? 1_555 SG  ? C CYS 71 ? B CYS 163 ? 1_555 112.8 ? 
34 SG  ? C CYS 35 ? B CYS 127 ? 1_555 ZN ? I ZN . ? B ZN 202 ? 1_555 ND1 ? C HIS 74 ? B HIS 166 ? 1_555 102.7 ? 
35 SG  ? C CYS 59 ? B CYS 151 ? 1_555 ZN ? I ZN . ? B ZN 202 ? 1_555 ND1 ? C HIS 74 ? B HIS 166 ? 1_555 112.2 ? 
36 SG  ? C CYS 71 ? B CYS 163 ? 1_555 ZN ? I ZN . ? B ZN 202 ? 1_555 ND1 ? C HIS 74 ? B HIS 166 ? 1_555 104.8 ? 
# 
loop_
_pdbx_modification_feature.ordinal 
_pdbx_modification_feature.label_comp_id 
_pdbx_modification_feature.label_asym_id 
_pdbx_modification_feature.label_seq_id 
_pdbx_modification_feature.label_alt_id 
_pdbx_modification_feature.modified_residue_label_comp_id 
_pdbx_modification_feature.modified_residue_label_asym_id 
_pdbx_modification_feature.modified_residue_label_seq_id 
_pdbx_modification_feature.modified_residue_label_alt_id 
_pdbx_modification_feature.auth_comp_id 
_pdbx_modification_feature.auth_asym_id 
_pdbx_modification_feature.auth_seq_id 
_pdbx_modification_feature.PDB_ins_code 
_pdbx_modification_feature.symmetry 
_pdbx_modification_feature.modified_residue_auth_comp_id 
_pdbx_modification_feature.modified_residue_auth_asym_id 
_pdbx_modification_feature.modified_residue_auth_seq_id 
_pdbx_modification_feature.modified_residue_PDB_ins_code 
_pdbx_modification_feature.modified_residue_symmetry 
_pdbx_modification_feature.comp_id_linking_atom 
_pdbx_modification_feature.modified_residue_id_linking_atom 
_pdbx_modification_feature.modified_residue_id 
_pdbx_modification_feature.ref_pcm_id 
_pdbx_modification_feature.ref_comp_id 
_pdbx_modification_feature.type 
_pdbx_modification_feature.category 
1 NH2 B 4 ? PHE B 3 ? NH2 C 4 ? 1_555 PHE C 3 ? 1_555 . . PHE 15 NH2 None 'Terminal amidation' 
2 NH2 D 4 ? PHE D 3 ? NH2 D 4 ? 1_555 PHE D 3 ? 1_555 . . PHE 15 NH2 None 'Terminal amidation' 
# 
loop_
_struct_sheet.id 
_struct_sheet.type 
_struct_sheet.number_strands 
_struct_sheet.details 
AA1 ? 2 ? 
AA2 ? 2 ? 
# 
loop_
_struct_sheet_order.sheet_id 
_struct_sheet_order.range_id_1 
_struct_sheet_order.range_id_2 
_struct_sheet_order.offset 
_struct_sheet_order.sense 
AA1 1 2 ? anti-parallel 
AA2 1 2 ? anti-parallel 
# 
loop_
_struct_sheet_range.sheet_id 
_struct_sheet_range.id 
_struct_sheet_range.beg_label_comp_id 
_struct_sheet_range.beg_label_asym_id 
_struct_sheet_range.beg_label_seq_id 
_struct_sheet_range.pdbx_beg_PDB_ins_code 
_struct_sheet_range.end_label_comp_id 
_struct_sheet_range.end_label_asym_id 
_struct_sheet_range.end_label_seq_id 
_struct_sheet_range.pdbx_end_PDB_ins_code 
_struct_sheet_range.beg_auth_comp_id 
_struct_sheet_range.beg_auth_asym_id 
_struct_sheet_range.beg_auth_seq_id 
_struct_sheet_range.end_auth_comp_id 
_struct_sheet_range.end_auth_asym_id 
_struct_sheet_range.end_auth_seq_id 
AA1 1 PRO A 16 ? CYS A 20 ? PRO A 108 CYS A 112 
AA1 2 TYR A 46 ? THR A 50 ? TYR A 138 THR A 142 
AA2 1 PRO C 16 ? CYS C 20 ? PRO B 108 CYS B 112 
AA2 2 TYR C 46 ? THR C 50 ? TYR B 138 THR B 142 
# 
loop_
_pdbx_struct_sheet_hbond.sheet_id 
_pdbx_struct_sheet_hbond.range_id_1 
_pdbx_struct_sheet_hbond.range_id_2 
_pdbx_struct_sheet_hbond.range_1_label_atom_id 
_pdbx_struct_sheet_hbond.range_1_label_comp_id 
_pdbx_struct_sheet_hbond.range_1_label_asym_id 
_pdbx_struct_sheet_hbond.range_1_label_seq_id 
_pdbx_struct_sheet_hbond.range_1_PDB_ins_code 
_pdbx_struct_sheet_hbond.range_1_auth_atom_id 
_pdbx_struct_sheet_hbond.range_1_auth_comp_id 
_pdbx_struct_sheet_hbond.range_1_auth_asym_id 
_pdbx_struct_sheet_hbond.range_1_auth_seq_id 
_pdbx_struct_sheet_hbond.range_2_label_atom_id 
_pdbx_struct_sheet_hbond.range_2_label_comp_id 
_pdbx_struct_sheet_hbond.range_2_label_asym_id 
_pdbx_struct_sheet_hbond.range_2_label_seq_id 
_pdbx_struct_sheet_hbond.range_2_PDB_ins_code 
_pdbx_struct_sheet_hbond.range_2_auth_atom_id 
_pdbx_struct_sheet_hbond.range_2_auth_comp_id 
_pdbx_struct_sheet_hbond.range_2_auth_asym_id 
_pdbx_struct_sheet_hbond.range_2_auth_seq_id 
AA1 1 2 N SER A 19 ? N SER A 111 O ARG A 47 ? O ARG A 139 
AA2 1 2 N SER C 19 ? N SER B 111 O ARG C 47 ? O ARG B 139 
# 
_pdbx_entry_details.entry_id                   9DNQ 
_pdbx_entry_details.has_ligand_of_interest     Y 
_pdbx_entry_details.compound_details           ? 
_pdbx_entry_details.source_details             ? 
_pdbx_entry_details.nonpolymer_details         ? 
_pdbx_entry_details.sequence_details           ? 
_pdbx_entry_details.has_protein_modification   Y 
# 
loop_
_pdbx_validate_close_contact.id 
_pdbx_validate_close_contact.PDB_model_num 
_pdbx_validate_close_contact.auth_atom_id_1 
_pdbx_validate_close_contact.auth_asym_id_1 
_pdbx_validate_close_contact.auth_comp_id_1 
_pdbx_validate_close_contact.auth_seq_id_1 
_pdbx_validate_close_contact.PDB_ins_code_1 
_pdbx_validate_close_contact.label_alt_id_1 
_pdbx_validate_close_contact.auth_atom_id_2 
_pdbx_validate_close_contact.auth_asym_id_2 
_pdbx_validate_close_contact.auth_comp_id_2 
_pdbx_validate_close_contact.auth_seq_id_2 
_pdbx_validate_close_contact.PDB_ins_code_2 
_pdbx_validate_close_contact.label_alt_id_2 
_pdbx_validate_close_contact.dist 
1 1 O B HOH 306 ? ? O B HOH 371 ? ? 2.01 
2 1 O B CYS 99  ? ? O B HOH 301 ? ? 2.07 
3 1 O A CYS 99  ? ? O A HOH 301 ? ? 2.08 
4 1 O B HOH 371 ? ? O B HOH 410 ? ? 2.12 
5 1 O A HOH 401 ? ? O A HOH 405 ? ? 2.12 
# 
loop_
_pdbx_validate_symm_contact.id 
_pdbx_validate_symm_contact.PDB_model_num 
_pdbx_validate_symm_contact.auth_atom_id_1 
_pdbx_validate_symm_contact.auth_asym_id_1 
_pdbx_validate_symm_contact.auth_comp_id_1 
_pdbx_validate_symm_contact.auth_seq_id_1 
_pdbx_validate_symm_contact.PDB_ins_code_1 
_pdbx_validate_symm_contact.label_alt_id_1 
_pdbx_validate_symm_contact.site_symmetry_1 
_pdbx_validate_symm_contact.auth_atom_id_2 
_pdbx_validate_symm_contact.auth_asym_id_2 
_pdbx_validate_symm_contact.auth_comp_id_2 
_pdbx_validate_symm_contact.auth_seq_id_2 
_pdbx_validate_symm_contact.PDB_ins_code_2 
_pdbx_validate_symm_contact.label_alt_id_2 
_pdbx_validate_symm_contact.site_symmetry_2 
_pdbx_validate_symm_contact.dist 
1 1 O A HOH 403 ? ? 1_555 O B HOH 306 ? ? 1_456 2.03 
2 1 O A HOH 388 ? ? 1_555 O B HOH 409 ? ? 1_455 2.04 
3 1 O A HOH 367 ? ? 1_555 O B HOH 319 ? ? 1_456 2.16 
# 
loop_
_chem_comp_atom.comp_id 
_chem_comp_atom.atom_id 
_chem_comp_atom.type_symbol 
_chem_comp_atom.pdbx_aromatic_flag 
_chem_comp_atom.pdbx_stereo_config 
_chem_comp_atom.pdbx_ordinal 
ALA N    N  N N 1   
ALA CA   C  N S 2   
ALA C    C  N N 3   
ALA O    O  N N 4   
ALA CB   C  N N 5   
ALA OXT  O  N N 6   
ALA H    H  N N 7   
ALA H2   H  N N 8   
ALA HA   H  N N 9   
ALA HB1  H  N N 10  
ALA HB2  H  N N 11  
ALA HB3  H  N N 12  
ALA HXT  H  N N 13  
ARG N    N  N N 14  
ARG CA   C  N S 15  
ARG C    C  N N 16  
ARG O    O  N N 17  
ARG CB   C  N N 18  
ARG CG   C  N N 19  
ARG CD   C  N N 20  
ARG NE   N  N N 21  
ARG CZ   C  N N 22  
ARG NH1  N  N N 23  
ARG NH2  N  N N 24  
ARG OXT  O  N N 25  
ARG H    H  N N 26  
ARG H2   H  N N 27  
ARG HA   H  N N 28  
ARG HB2  H  N N 29  
ARG HB3  H  N N 30  
ARG HG2  H  N N 31  
ARG HG3  H  N N 32  
ARG HD2  H  N N 33  
ARG HD3  H  N N 34  
ARG HE   H  N N 35  
ARG HH11 H  N N 36  
ARG HH12 H  N N 37  
ARG HH21 H  N N 38  
ARG HH22 H  N N 39  
ARG HXT  H  N N 40  
ASP N    N  N N 41  
ASP CA   C  N S 42  
ASP C    C  N N 43  
ASP O    O  N N 44  
ASP CB   C  N N 45  
ASP CG   C  N N 46  
ASP OD1  O  N N 47  
ASP OD2  O  N N 48  
ASP OXT  O  N N 49  
ASP H    H  N N 50  
ASP H2   H  N N 51  
ASP HA   H  N N 52  
ASP HB2  H  N N 53  
ASP HB3  H  N N 54  
ASP HD2  H  N N 55  
ASP HXT  H  N N 56  
CYS N    N  N N 57  
CYS CA   C  N R 58  
CYS C    C  N N 59  
CYS O    O  N N 60  
CYS CB   C  N N 61  
CYS SG   S  N N 62  
CYS OXT  O  N N 63  
CYS H    H  N N 64  
CYS H2   H  N N 65  
CYS HA   H  N N 66  
CYS HB2  H  N N 67  
CYS HB3  H  N N 68  
CYS HG   H  N N 69  
CYS HXT  H  N N 70  
GLN N    N  N N 71  
GLN CA   C  N S 72  
GLN C    C  N N 73  
GLN O    O  N N 74  
GLN CB   C  N N 75  
GLN CG   C  N N 76  
GLN CD   C  N N 77  
GLN OE1  O  N N 78  
GLN NE2  N  N N 79  
GLN OXT  O  N N 80  
GLN H    H  N N 81  
GLN H2   H  N N 82  
GLN HA   H  N N 83  
GLN HB2  H  N N 84  
GLN HB3  H  N N 85  
GLN HG2  H  N N 86  
GLN HG3  H  N N 87  
GLN HE21 H  N N 88  
GLN HE22 H  N N 89  
GLN HXT  H  N N 90  
GLU N    N  N N 91  
GLU CA   C  N S 92  
GLU C    C  N N 93  
GLU O    O  N N 94  
GLU CB   C  N N 95  
GLU CG   C  N N 96  
GLU CD   C  N N 97  
GLU OE1  O  N N 98  
GLU OE2  O  N N 99  
GLU OXT  O  N N 100 
GLU H    H  N N 101 
GLU H2   H  N N 102 
GLU HA   H  N N 103 
GLU HB2  H  N N 104 
GLU HB3  H  N N 105 
GLU HG2  H  N N 106 
GLU HG3  H  N N 107 
GLU HE2  H  N N 108 
GLU HXT  H  N N 109 
GLY N    N  N N 110 
GLY CA   C  N N 111 
GLY C    C  N N 112 
GLY O    O  N N 113 
GLY OXT  O  N N 114 
GLY H    H  N N 115 
GLY H2   H  N N 116 
GLY HA2  H  N N 117 
GLY HA3  H  N N 118 
GLY HXT  H  N N 119 
HIS N    N  N N 120 
HIS CA   C  N S 121 
HIS C    C  N N 122 
HIS O    O  N N 123 
HIS CB   C  N N 124 
HIS CG   C  Y N 125 
HIS ND1  N  Y N 126 
HIS CD2  C  Y N 127 
HIS CE1  C  Y N 128 
HIS NE2  N  Y N 129 
HIS OXT  O  N N 130 
HIS H    H  N N 131 
HIS H2   H  N N 132 
HIS HA   H  N N 133 
HIS HB2  H  N N 134 
HIS HB3  H  N N 135 
HIS HD1  H  N N 136 
HIS HD2  H  N N 137 
HIS HE1  H  N N 138 
HIS HE2  H  N N 139 
HIS HXT  H  N N 140 
HOH O    O  N N 141 
HOH H1   H  N N 142 
HOH H2   H  N N 143 
ILE N    N  N N 144 
ILE CA   C  N S 145 
ILE C    C  N N 146 
ILE O    O  N N 147 
ILE CB   C  N S 148 
ILE CG1  C  N N 149 
ILE CG2  C  N N 150 
ILE CD1  C  N N 151 
ILE OXT  O  N N 152 
ILE H    H  N N 153 
ILE H2   H  N N 154 
ILE HA   H  N N 155 
ILE HB   H  N N 156 
ILE HG12 H  N N 157 
ILE HG13 H  N N 158 
ILE HG21 H  N N 159 
ILE HG22 H  N N 160 
ILE HG23 H  N N 161 
ILE HD11 H  N N 162 
ILE HD12 H  N N 163 
ILE HD13 H  N N 164 
ILE HXT  H  N N 165 
LEU N    N  N N 166 
LEU CA   C  N S 167 
LEU C    C  N N 168 
LEU O    O  N N 169 
LEU CB   C  N N 170 
LEU CG   C  N N 171 
LEU CD1  C  N N 172 
LEU CD2  C  N N 173 
LEU OXT  O  N N 174 
LEU H    H  N N 175 
LEU H2   H  N N 176 
LEU HA   H  N N 177 
LEU HB2  H  N N 178 
LEU HB3  H  N N 179 
LEU HG   H  N N 180 
LEU HD11 H  N N 181 
LEU HD12 H  N N 182 
LEU HD13 H  N N 183 
LEU HD21 H  N N 184 
LEU HD22 H  N N 185 
LEU HD23 H  N N 186 
LEU HXT  H  N N 187 
LYS N    N  N N 188 
LYS CA   C  N S 189 
LYS C    C  N N 190 
LYS O    O  N N 191 
LYS CB   C  N N 192 
LYS CG   C  N N 193 
LYS CD   C  N N 194 
LYS CE   C  N N 195 
LYS NZ   N  N N 196 
LYS OXT  O  N N 197 
LYS H    H  N N 198 
LYS H2   H  N N 199 
LYS HA   H  N N 200 
LYS HB2  H  N N 201 
LYS HB3  H  N N 202 
LYS HG2  H  N N 203 
LYS HG3  H  N N 204 
LYS HD2  H  N N 205 
LYS HD3  H  N N 206 
LYS HE2  H  N N 207 
LYS HE3  H  N N 208 
LYS HZ1  H  N N 209 
LYS HZ2  H  N N 210 
LYS HZ3  H  N N 211 
LYS HXT  H  N N 212 
MET N    N  N N 213 
MET CA   C  N S 214 
MET C    C  N N 215 
MET O    O  N N 216 
MET CB   C  N N 217 
MET CG   C  N N 218 
MET SD   S  N N 219 
MET CE   C  N N 220 
MET OXT  O  N N 221 
MET H    H  N N 222 
MET H2   H  N N 223 
MET HA   H  N N 224 
MET HB2  H  N N 225 
MET HB3  H  N N 226 
MET HG2  H  N N 227 
MET HG3  H  N N 228 
MET HE1  H  N N 229 
MET HE2  H  N N 230 
MET HE3  H  N N 231 
MET HXT  H  N N 232 
NH2 N    N  N N 233 
NH2 HN1  H  N N 234 
NH2 HN2  H  N N 235 
PHE N    N  N N 236 
PHE CA   C  N S 237 
PHE C    C  N N 238 
PHE O    O  N N 239 
PHE CB   C  N N 240 
PHE CG   C  Y N 241 
PHE CD1  C  Y N 242 
PHE CD2  C  Y N 243 
PHE CE1  C  Y N 244 
PHE CE2  C  Y N 245 
PHE CZ   C  Y N 246 
PHE OXT  O  N N 247 
PHE H    H  N N 248 
PHE H2   H  N N 249 
PHE HA   H  N N 250 
PHE HB2  H  N N 251 
PHE HB3  H  N N 252 
PHE HD1  H  N N 253 
PHE HD2  H  N N 254 
PHE HE1  H  N N 255 
PHE HE2  H  N N 256 
PHE HZ   H  N N 257 
PHE HXT  H  N N 258 
PRO N    N  N N 259 
PRO CA   C  N S 260 
PRO C    C  N N 261 
PRO O    O  N N 262 
PRO CB   C  N N 263 
PRO CG   C  N N 264 
PRO CD   C  N N 265 
PRO OXT  O  N N 266 
PRO H    H  N N 267 
PRO HA   H  N N 268 
PRO HB2  H  N N 269 
PRO HB3  H  N N 270 
PRO HG2  H  N N 271 
PRO HG3  H  N N 272 
PRO HD2  H  N N 273 
PRO HD3  H  N N 274 
PRO HXT  H  N N 275 
SER N    N  N N 276 
SER CA   C  N S 277 
SER C    C  N N 278 
SER O    O  N N 279 
SER CB   C  N N 280 
SER OG   O  N N 281 
SER OXT  O  N N 282 
SER H    H  N N 283 
SER H2   H  N N 284 
SER HA   H  N N 285 
SER HB2  H  N N 286 
SER HB3  H  N N 287 
SER HG   H  N N 288 
SER HXT  H  N N 289 
THR N    N  N N 290 
THR CA   C  N S 291 
THR C    C  N N 292 
THR O    O  N N 293 
THR CB   C  N R 294 
THR OG1  O  N N 295 
THR CG2  C  N N 296 
THR OXT  O  N N 297 
THR H    H  N N 298 
THR H2   H  N N 299 
THR HA   H  N N 300 
THR HB   H  N N 301 
THR HG1  H  N N 302 
THR HG21 H  N N 303 
THR HG22 H  N N 304 
THR HG23 H  N N 305 
THR HXT  H  N N 306 
TRP N    N  N N 307 
TRP CA   C  N S 308 
TRP C    C  N N 309 
TRP O    O  N N 310 
TRP CB   C  N N 311 
TRP CG   C  Y N 312 
TRP CD1  C  Y N 313 
TRP CD2  C  Y N 314 
TRP NE1  N  Y N 315 
TRP CE2  C  Y N 316 
TRP CE3  C  Y N 317 
TRP CZ2  C  Y N 318 
TRP CZ3  C  Y N 319 
TRP CH2  C  Y N 320 
TRP OXT  O  N N 321 
TRP H    H  N N 322 
TRP H2   H  N N 323 
TRP HA   H  N N 324 
TRP HB2  H  N N 325 
TRP HB3  H  N N 326 
TRP HD1  H  N N 327 
TRP HE1  H  N N 328 
TRP HE3  H  N N 329 
TRP HZ2  H  N N 330 
TRP HZ3  H  N N 331 
TRP HH2  H  N N 332 
TRP HXT  H  N N 333 
TYR N    N  N N 334 
TYR CA   C  N S 335 
TYR C    C  N N 336 
TYR O    O  N N 337 
TYR CB   C  N N 338 
TYR CG   C  Y N 339 
TYR CD1  C  Y N 340 
TYR CD2  C  Y N 341 
TYR CE1  C  Y N 342 
TYR CE2  C  Y N 343 
TYR CZ   C  Y N 344 
TYR OH   O  N N 345 
TYR OXT  O  N N 346 
TYR H    H  N N 347 
TYR H2   H  N N 348 
TYR HA   H  N N 349 
TYR HB2  H  N N 350 
TYR HB3  H  N N 351 
TYR HD1  H  N N 352 
TYR HD2  H  N N 353 
TYR HE1  H  N N 354 
TYR HE2  H  N N 355 
TYR HH   H  N N 356 
TYR HXT  H  N N 357 
VAL N    N  N N 358 
VAL CA   C  N S 359 
VAL C    C  N N 360 
VAL O    O  N N 361 
VAL CB   C  N N 362 
VAL CG1  C  N N 363 
VAL CG2  C  N N 364 
VAL OXT  O  N N 365 
VAL H    H  N N 366 
VAL H2   H  N N 367 
VAL HA   H  N N 368 
VAL HB   H  N N 369 
VAL HG11 H  N N 370 
VAL HG12 H  N N 371 
VAL HG13 H  N N 372 
VAL HG21 H  N N 373 
VAL HG22 H  N N 374 
VAL HG23 H  N N 375 
VAL HXT  H  N N 376 
ZN  ZN   ZN N N 377 
# 
loop_
_chem_comp_bond.comp_id 
_chem_comp_bond.atom_id_1 
_chem_comp_bond.atom_id_2 
_chem_comp_bond.value_order 
_chem_comp_bond.pdbx_aromatic_flag 
_chem_comp_bond.pdbx_stereo_config 
_chem_comp_bond.pdbx_ordinal 
ALA N   CA   sing N N 1   
ALA N   H    sing N N 2   
ALA N   H2   sing N N 3   
ALA CA  C    sing N N 4   
ALA CA  CB   sing N N 5   
ALA CA  HA   sing N N 6   
ALA C   O    doub N N 7   
ALA C   OXT  sing N N 8   
ALA CB  HB1  sing N N 9   
ALA CB  HB2  sing N N 10  
ALA CB  HB3  sing N N 11  
ALA OXT HXT  sing N N 12  
ARG N   CA   sing N N 13  
ARG N   H    sing N N 14  
ARG N   H2   sing N N 15  
ARG CA  C    sing N N 16  
ARG CA  CB   sing N N 17  
ARG CA  HA   sing N N 18  
ARG C   O    doub N N 19  
ARG C   OXT  sing N N 20  
ARG CB  CG   sing N N 21  
ARG CB  HB2  sing N N 22  
ARG CB  HB3  sing N N 23  
ARG CG  CD   sing N N 24  
ARG CG  HG2  sing N N 25  
ARG CG  HG3  sing N N 26  
ARG CD  NE   sing N N 27  
ARG CD  HD2  sing N N 28  
ARG CD  HD3  sing N N 29  
ARG NE  CZ   sing N N 30  
ARG NE  HE   sing N N 31  
ARG CZ  NH1  sing N N 32  
ARG CZ  NH2  doub N N 33  
ARG NH1 HH11 sing N N 34  
ARG NH1 HH12 sing N N 35  
ARG NH2 HH21 sing N N 36  
ARG NH2 HH22 sing N N 37  
ARG OXT HXT  sing N N 38  
ASP N   CA   sing N N 39  
ASP N   H    sing N N 40  
ASP N   H2   sing N N 41  
ASP CA  C    sing N N 42  
ASP CA  CB   sing N N 43  
ASP CA  HA   sing N N 44  
ASP C   O    doub N N 45  
ASP C   OXT  sing N N 46  
ASP CB  CG   sing N N 47  
ASP CB  HB2  sing N N 48  
ASP CB  HB3  sing N N 49  
ASP CG  OD1  doub N N 50  
ASP CG  OD2  sing N N 51  
ASP OD2 HD2  sing N N 52  
ASP OXT HXT  sing N N 53  
CYS N   CA   sing N N 54  
CYS N   H    sing N N 55  
CYS N   H2   sing N N 56  
CYS CA  C    sing N N 57  
CYS CA  CB   sing N N 58  
CYS CA  HA   sing N N 59  
CYS C   O    doub N N 60  
CYS C   OXT  sing N N 61  
CYS CB  SG   sing N N 62  
CYS CB  HB2  sing N N 63  
CYS CB  HB3  sing N N 64  
CYS SG  HG   sing N N 65  
CYS OXT HXT  sing N N 66  
GLN N   CA   sing N N 67  
GLN N   H    sing N N 68  
GLN N   H2   sing N N 69  
GLN CA  C    sing N N 70  
GLN CA  CB   sing N N 71  
GLN CA  HA   sing N N 72  
GLN C   O    doub N N 73  
GLN C   OXT  sing N N 74  
GLN CB  CG   sing N N 75  
GLN CB  HB2  sing N N 76  
GLN CB  HB3  sing N N 77  
GLN CG  CD   sing N N 78  
GLN CG  HG2  sing N N 79  
GLN CG  HG3  sing N N 80  
GLN CD  OE1  doub N N 81  
GLN CD  NE2  sing N N 82  
GLN NE2 HE21 sing N N 83  
GLN NE2 HE22 sing N N 84  
GLN OXT HXT  sing N N 85  
GLU N   CA   sing N N 86  
GLU N   H    sing N N 87  
GLU N   H2   sing N N 88  
GLU CA  C    sing N N 89  
GLU CA  CB   sing N N 90  
GLU CA  HA   sing N N 91  
GLU C   O    doub N N 92  
GLU C   OXT  sing N N 93  
GLU CB  CG   sing N N 94  
GLU CB  HB2  sing N N 95  
GLU CB  HB3  sing N N 96  
GLU CG  CD   sing N N 97  
GLU CG  HG2  sing N N 98  
GLU CG  HG3  sing N N 99  
GLU CD  OE1  doub N N 100 
GLU CD  OE2  sing N N 101 
GLU OE2 HE2  sing N N 102 
GLU OXT HXT  sing N N 103 
GLY N   CA   sing N N 104 
GLY N   H    sing N N 105 
GLY N   H2   sing N N 106 
GLY CA  C    sing N N 107 
GLY CA  HA2  sing N N 108 
GLY CA  HA3  sing N N 109 
GLY C   O    doub N N 110 
GLY C   OXT  sing N N 111 
GLY OXT HXT  sing N N 112 
HIS N   CA   sing N N 113 
HIS N   H    sing N N 114 
HIS N   H2   sing N N 115 
HIS CA  C    sing N N 116 
HIS CA  CB   sing N N 117 
HIS CA  HA   sing N N 118 
HIS C   O    doub N N 119 
HIS C   OXT  sing N N 120 
HIS CB  CG   sing N N 121 
HIS CB  HB2  sing N N 122 
HIS CB  HB3  sing N N 123 
HIS CG  ND1  sing Y N 124 
HIS CG  CD2  doub Y N 125 
HIS ND1 CE1  doub Y N 126 
HIS ND1 HD1  sing N N 127 
HIS CD2 NE2  sing Y N 128 
HIS CD2 HD2  sing N N 129 
HIS CE1 NE2  sing Y N 130 
HIS CE1 HE1  sing N N 131 
HIS NE2 HE2  sing N N 132 
HIS OXT HXT  sing N N 133 
HOH O   H1   sing N N 134 
HOH O   H2   sing N N 135 
ILE N   CA   sing N N 136 
ILE N   H    sing N N 137 
ILE N   H2   sing N N 138 
ILE CA  C    sing N N 139 
ILE CA  CB   sing N N 140 
ILE CA  HA   sing N N 141 
ILE C   O    doub N N 142 
ILE C   OXT  sing N N 143 
ILE CB  CG1  sing N N 144 
ILE CB  CG2  sing N N 145 
ILE CB  HB   sing N N 146 
ILE CG1 CD1  sing N N 147 
ILE CG1 HG12 sing N N 148 
ILE CG1 HG13 sing N N 149 
ILE CG2 HG21 sing N N 150 
ILE CG2 HG22 sing N N 151 
ILE CG2 HG23 sing N N 152 
ILE CD1 HD11 sing N N 153 
ILE CD1 HD12 sing N N 154 
ILE CD1 HD13 sing N N 155 
ILE OXT HXT  sing N N 156 
LEU N   CA   sing N N 157 
LEU N   H    sing N N 158 
LEU N   H2   sing N N 159 
LEU CA  C    sing N N 160 
LEU CA  CB   sing N N 161 
LEU CA  HA   sing N N 162 
LEU C   O    doub N N 163 
LEU C   OXT  sing N N 164 
LEU CB  CG   sing N N 165 
LEU CB  HB2  sing N N 166 
LEU CB  HB3  sing N N 167 
LEU CG  CD1  sing N N 168 
LEU CG  CD2  sing N N 169 
LEU CG  HG   sing N N 170 
LEU CD1 HD11 sing N N 171 
LEU CD1 HD12 sing N N 172 
LEU CD1 HD13 sing N N 173 
LEU CD2 HD21 sing N N 174 
LEU CD2 HD22 sing N N 175 
LEU CD2 HD23 sing N N 176 
LEU OXT HXT  sing N N 177 
LYS N   CA   sing N N 178 
LYS N   H    sing N N 179 
LYS N   H2   sing N N 180 
LYS CA  C    sing N N 181 
LYS CA  CB   sing N N 182 
LYS CA  HA   sing N N 183 
LYS C   O    doub N N 184 
LYS C   OXT  sing N N 185 
LYS CB  CG   sing N N 186 
LYS CB  HB2  sing N N 187 
LYS CB  HB3  sing N N 188 
LYS CG  CD   sing N N 189 
LYS CG  HG2  sing N N 190 
LYS CG  HG3  sing N N 191 
LYS CD  CE   sing N N 192 
LYS CD  HD2  sing N N 193 
LYS CD  HD3  sing N N 194 
LYS CE  NZ   sing N N 195 
LYS CE  HE2  sing N N 196 
LYS CE  HE3  sing N N 197 
LYS NZ  HZ1  sing N N 198 
LYS NZ  HZ2  sing N N 199 
LYS NZ  HZ3  sing N N 200 
LYS OXT HXT  sing N N 201 
MET N   CA   sing N N 202 
MET N   H    sing N N 203 
MET N   H2   sing N N 204 
MET CA  C    sing N N 205 
MET CA  CB   sing N N 206 
MET CA  HA   sing N N 207 
MET C   O    doub N N 208 
MET C   OXT  sing N N 209 
MET CB  CG   sing N N 210 
MET CB  HB2  sing N N 211 
MET CB  HB3  sing N N 212 
MET CG  SD   sing N N 213 
MET CG  HG2  sing N N 214 
MET CG  HG3  sing N N 215 
MET SD  CE   sing N N 216 
MET CE  HE1  sing N N 217 
MET CE  HE2  sing N N 218 
MET CE  HE3  sing N N 219 
MET OXT HXT  sing N N 220 
NH2 N   HN1  sing N N 221 
NH2 N   HN2  sing N N 222 
PHE N   CA   sing N N 223 
PHE N   H    sing N N 224 
PHE N   H2   sing N N 225 
PHE CA  C    sing N N 226 
PHE CA  CB   sing N N 227 
PHE CA  HA   sing N N 228 
PHE C   O    doub N N 229 
PHE C   OXT  sing N N 230 
PHE CB  CG   sing N N 231 
PHE CB  HB2  sing N N 232 
PHE CB  HB3  sing N N 233 
PHE CG  CD1  doub Y N 234 
PHE CG  CD2  sing Y N 235 
PHE CD1 CE1  sing Y N 236 
PHE CD1 HD1  sing N N 237 
PHE CD2 CE2  doub Y N 238 
PHE CD2 HD2  sing N N 239 
PHE CE1 CZ   doub Y N 240 
PHE CE1 HE1  sing N N 241 
PHE CE2 CZ   sing Y N 242 
PHE CE2 HE2  sing N N 243 
PHE CZ  HZ   sing N N 244 
PHE OXT HXT  sing N N 245 
PRO N   CA   sing N N 246 
PRO N   CD   sing N N 247 
PRO N   H    sing N N 248 
PRO CA  C    sing N N 249 
PRO CA  CB   sing N N 250 
PRO CA  HA   sing N N 251 
PRO C   O    doub N N 252 
PRO C   OXT  sing N N 253 
PRO CB  CG   sing N N 254 
PRO CB  HB2  sing N N 255 
PRO CB  HB3  sing N N 256 
PRO CG  CD   sing N N 257 
PRO CG  HG2  sing N N 258 
PRO CG  HG3  sing N N 259 
PRO CD  HD2  sing N N 260 
PRO CD  HD3  sing N N 261 
PRO OXT HXT  sing N N 262 
SER N   CA   sing N N 263 
SER N   H    sing N N 264 
SER N   H2   sing N N 265 
SER CA  C    sing N N 266 
SER CA  CB   sing N N 267 
SER CA  HA   sing N N 268 
SER C   O    doub N N 269 
SER C   OXT  sing N N 270 
SER CB  OG   sing N N 271 
SER CB  HB2  sing N N 272 
SER CB  HB3  sing N N 273 
SER OG  HG   sing N N 274 
SER OXT HXT  sing N N 275 
THR N   CA   sing N N 276 
THR N   H    sing N N 277 
THR N   H2   sing N N 278 
THR CA  C    sing N N 279 
THR CA  CB   sing N N 280 
THR CA  HA   sing N N 281 
THR C   O    doub N N 282 
THR C   OXT  sing N N 283 
THR CB  OG1  sing N N 284 
THR CB  CG2  sing N N 285 
THR CB  HB   sing N N 286 
THR OG1 HG1  sing N N 287 
THR CG2 HG21 sing N N 288 
THR CG2 HG22 sing N N 289 
THR CG2 HG23 sing N N 290 
THR OXT HXT  sing N N 291 
TRP N   CA   sing N N 292 
TRP N   H    sing N N 293 
TRP N   H2   sing N N 294 
TRP CA  C    sing N N 295 
TRP CA  CB   sing N N 296 
TRP CA  HA   sing N N 297 
TRP C   O    doub N N 298 
TRP C   OXT  sing N N 299 
TRP CB  CG   sing N N 300 
TRP CB  HB2  sing N N 301 
TRP CB  HB3  sing N N 302 
TRP CG  CD1  doub Y N 303 
TRP CG  CD2  sing Y N 304 
TRP CD1 NE1  sing Y N 305 
TRP CD1 HD1  sing N N 306 
TRP CD2 CE2  doub Y N 307 
TRP CD2 CE3  sing Y N 308 
TRP NE1 CE2  sing Y N 309 
TRP NE1 HE1  sing N N 310 
TRP CE2 CZ2  sing Y N 311 
TRP CE3 CZ3  doub Y N 312 
TRP CE3 HE3  sing N N 313 
TRP CZ2 CH2  doub Y N 314 
TRP CZ2 HZ2  sing N N 315 
TRP CZ3 CH2  sing Y N 316 
TRP CZ3 HZ3  sing N N 317 
TRP CH2 HH2  sing N N 318 
TRP OXT HXT  sing N N 319 
TYR N   CA   sing N N 320 
TYR N   H    sing N N 321 
TYR N   H2   sing N N 322 
TYR CA  C    sing N N 323 
TYR CA  CB   sing N N 324 
TYR CA  HA   sing N N 325 
TYR C   O    doub N N 326 
TYR C   OXT  sing N N 327 
TYR CB  CG   sing N N 328 
TYR CB  HB2  sing N N 329 
TYR CB  HB3  sing N N 330 
TYR CG  CD1  doub Y N 331 
TYR CG  CD2  sing Y N 332 
TYR CD1 CE1  sing Y N 333 
TYR CD1 HD1  sing N N 334 
TYR CD2 CE2  doub Y N 335 
TYR CD2 HD2  sing N N 336 
TYR CE1 CZ   doub Y N 337 
TYR CE1 HE1  sing N N 338 
TYR CE2 CZ   sing Y N 339 
TYR CE2 HE2  sing N N 340 
TYR CZ  OH   sing N N 341 
TYR OH  HH   sing N N 342 
TYR OXT HXT  sing N N 343 
VAL N   CA   sing N N 344 
VAL N   H    sing N N 345 
VAL N   H2   sing N N 346 
VAL CA  C    sing N N 347 
VAL CA  CB   sing N N 348 
VAL CA  HA   sing N N 349 
VAL C   O    doub N N 350 
VAL C   OXT  sing N N 351 
VAL CB  CG1  sing N N 352 
VAL CB  CG2  sing N N 353 
VAL CB  HB   sing N N 354 
VAL CG1 HG11 sing N N 355 
VAL CG1 HG12 sing N N 356 
VAL CG1 HG13 sing N N 357 
VAL CG2 HG21 sing N N 358 
VAL CG2 HG22 sing N N 359 
VAL CG2 HG23 sing N N 360 
VAL OXT HXT  sing N N 361 
# 
loop_
_pdbx_audit_support.funding_organization 
_pdbx_audit_support.country 
_pdbx_audit_support.grant_number 
_pdbx_audit_support.ordinal 
'Department of Defense (DOD, United States)'                        'United States' HT9425-23-1-0560 1 
'Department of Defense (DOD, United States)'                        'United States' PA220024P1       2 
'National Institutes of Health/National Cancer Institute (NIH/NCI)' 'United States' 'R01 CA212119'   3 
'National Institutes of Health/National Cancer Institute (NIH/NCI)' 'United States' 'R01 CA265410'   4 
# 
_pdbx_initial_refinement_model.id               1 
_pdbx_initial_refinement_model.entity_id_list   ? 
_pdbx_initial_refinement_model.type             'experimental model' 
_pdbx_initial_refinement_model.source_name      PDB 
_pdbx_initial_refinement_model.accession_code   3ny2 
_pdbx_initial_refinement_model.details          ? 
# 
_atom_sites.entry_id                    9DNQ 
_atom_sites.Cartn_transf_matrix[1][1]   ? 
_atom_sites.Cartn_transf_matrix[1][2]   ? 
_atom_sites.Cartn_transf_matrix[1][3]   ? 
_atom_sites.Cartn_transf_matrix[2][1]   ? 
_atom_sites.Cartn_transf_matrix[2][2]   ? 
_atom_sites.Cartn_transf_matrix[2][3]   ? 
_atom_sites.Cartn_transf_matrix[3][1]   ? 
_atom_sites.Cartn_transf_matrix[3][2]   ? 
_atom_sites.Cartn_transf_matrix[3][3]   ? 
_atom_sites.Cartn_transf_vector[1]      ? 
_atom_sites.Cartn_transf_vector[2]      ? 
_atom_sites.Cartn_transf_vector[3]      ? 
_atom_sites.Cartn_transform_axes        ? 
_atom_sites.fract_transf_matrix[1][1]   0.03068432 
_atom_sites.fract_transf_matrix[1][2]   -0.02293965 
_atom_sites.fract_transf_matrix[1][3]   -0.01041984 
_atom_sites.fract_transf_matrix[2][1]   0.00154791 
_atom_sites.fract_transf_matrix[2][2]   0.00978338 
_atom_sites.fract_transf_matrix[2][3]   -0.01698018 
_atom_sites.fract_transf_matrix[3][1]   0.01369610 
_atom_sites.fract_transf_matrix[3][2]   0.01408105 
_atom_sites.fract_transf_matrix[3][3]   0.00936154 
_atom_sites.fract_transf_vector[1]      0.250065 
_atom_sites.fract_transf_vector[2]      -0.066716 
_atom_sites.fract_transf_vector[3]      0.162622 
_atom_sites.solution_primary            ? 
_atom_sites.solution_secondary          ? 
_atom_sites.solution_hydrogens          ? 
_atom_sites.special_details             ? 
# 
loop_
_atom_type.symbol 
C  
N  
O  
S  
ZN 
# 
loop_
_atom_site.group_PDB 
_atom_site.id 
_atom_site.type_symbol 
_atom_site.label_atom_id 
_atom_site.label_alt_id 
_atom_site.label_comp_id 
_atom_site.label_asym_id 
_atom_site.label_entity_id 
_atom_site.label_seq_id 
_atom_site.pdbx_PDB_ins_code 
_atom_site.Cartn_x 
_atom_site.Cartn_y 
_atom_site.Cartn_z 
_atom_site.occupancy 
_atom_site.B_iso_or_equiv 
_atom_site.pdbx_formal_charge 
_atom_site.auth_seq_id 
_atom_site.auth_comp_id 
_atom_site.auth_asym_id 
_atom_site.auth_atom_id 
_atom_site.pdbx_PDB_model_num 
ATOM   1    N  N   . GLY A 1 1  ? -4.992  -1.890  7.602   1.00 21.75 ?  93  GLY A N   1 
ATOM   2    C  CA  . GLY A 1 1  ? -3.948  -1.151  6.913   1.00 17.42 ?  93  GLY A CA  1 
ATOM   3    C  C   . GLY A 1 1  ? -2.584  -1.746  7.184   1.00 13.28 ?  93  GLY A C   1 
ATOM   4    O  O   . GLY A 1 1  ? -2.461  -2.602  8.060   1.00 15.64 ?  93  GLY A O   1 
ATOM   5    N  N   . PRO A 1 2  ? -1.569  -1.300  6.443   1.00 11.90 ?  94  PRO A N   1 
ATOM   6    C  CA  . PRO A 1 2  ? -0.211  -1.826  6.653   1.00 12.87 ?  94  PRO A CA  1 
ATOM   7    C  C   . PRO A 1 2  ? 0.215   -1.741  8.112   1.00 14.32 ?  94  PRO A C   1 
ATOM   8    O  O   . PRO A 1 2  ? 0.103   -0.692  8.755   1.00 12.43 ?  94  PRO A O   1 
ATOM   9    C  CB  . PRO A 1 2  ? 0.651   -0.920  5.770   1.00 13.47 ?  94  PRO A CB  1 
ATOM   10   C  CG  . PRO A 1 2  ? -0.261  -0.543  4.653   1.00 13.82 ?  94  PRO A CG  1 
ATOM   11   C  CD  . PRO A 1 2  ? -1.625  -0.381  5.291   1.00 14.61 ?  94  PRO A CD  1 
ATOM   12   N  N   . LEU A 1 3  ? 0.706   -2.861  8.637   1.00 12.57 ?  95  LEU A N   1 
ATOM   13   C  CA  . LEU A 1 3  ? 1.234   -2.876  9.995   1.00 16.42 ?  95  LEU A CA  1 
ATOM   14   C  C   . LEU A 1 3  ? 2.371   -1.870  10.119  1.00 15.59 ?  95  LEU A C   1 
ATOM   15   O  O   . LEU A 1 3  ? 3.213   -1.745  9.226   1.00 21.18 ?  95  LEU A O   1 
ATOM   16   C  CB  . LEU A 1 3  ? 1.758   -4.270  10.334  1.00 19.26 ?  95  LEU A CB  1 
ATOM   17   C  CG  . LEU A 1 3  ? 0.748   -5.264  10.909  1.00 20.42 ?  95  LEU A CG  1 
ATOM   18   C  CD1 . LEU A 1 3  ? 1.409   -6.615  11.167  1.00 17.54 ?  95  LEU A CD1 1 
ATOM   19   C  CD2 . LEU A 1 3  ? 0.091   -4.725  12.174  1.00 21.08 ?  95  LEU A CD2 1 
ATOM   20   N  N   . GLY A 1 4  ? 2.373   -1.128  11.219  1.00 21.23 ?  96  GLY A N   1 
ATOM   21   C  CA  . GLY A 1 4  ? 3.415   -0.155  11.456  1.00 24.96 ?  96  GLY A CA  1 
ATOM   22   C  C   . GLY A 1 4  ? 3.191   1.203   10.835  1.00 23.23 ?  96  GLY A C   1 
ATOM   23   O  O   . GLY A 1 4  ? 4.124   2.014   10.816  1.00 26.84 ?  96  GLY A O   1 
ATOM   24   N  N   . SER A 1 5  ? 1.993   1.487   10.324  1.00 20.02 ?  97  SER A N   1 
ATOM   25   C  CA  . SER A 1 5  ? 1.680   2.804   9.781   1.00 17.72 ?  97  SER A CA  1 
ATOM   26   C  C   . SER A 1 5  ? 0.498   3.421   10.515  1.00 14.45 ?  97  SER A C   1 
ATOM   27   O  O   . SER A 1 5  ? -0.561  2.797   10.652  1.00 16.46 ?  97  SER A O   1 
ATOM   28   C  CB  . SER A 1 5  ? 1.402   2.753   8.278   1.00 16.88 ?  97  SER A CB  1 
ATOM   29   O  OG  . SER A 1 5  ? 2.591   2.454   7.565   1.00 19.51 ?  97  SER A OG  1 
ATOM   30   N  N   . LEU A 1 6  ? 0.678   4.661   10.961  1.00 10.18 ?  98  LEU A N   1 
ATOM   31   C  CA  . LEU A 1 6  ? -0.403  5.378   11.613  1.00 8.81  ?  98  LEU A CA  1 
ATOM   32   C  C   . LEU A 1 6  ? -1.492  5.773   10.623  1.00 8.96  ?  98  LEU A C   1 
ATOM   33   O  O   . LEU A 1 6  ? -2.682  5.682   10.939  1.00 10.20 ?  98  LEU A O   1 
ATOM   34   C  CB  . LEU A 1 6  ? 0.166   6.603   12.322  1.00 11.46 ?  98  LEU A CB  1 
ATOM   35   C  CG  . LEU A 1 6  ? -0.802  7.490   13.082  1.00 8.95  ?  98  LEU A CG  1 
ATOM   36   C  CD1 . LEU A 1 6  ? -1.599  6.691   14.103  1.00 12.99 ?  98  LEU A CD1 1 
ATOM   37   C  CD2 . LEU A 1 6  ? -0.014  8.599   13.771  1.00 8.14  ?  98  LEU A CD2 1 
ATOM   38   N  N   . CYS A 1 7  ? -1.118  6.213   9.422   1.00 7.45  ?  99  CYS A N   1 
ATOM   39   C  CA  . CYS A 1 7  ? -2.136  6.692   8.489   1.00 7.85  ?  99  CYS A CA  1 
ATOM   40   C  C   . CYS A 1 7  ? -2.876  5.543   7.802   1.00 16.68 ?  99  CYS A C   1 
ATOM   41   O  O   . CYS A 1 7  ? -4.104  5.443   7.885   1.00 15.82 ?  99  CYS A O   1 
ATOM   42   C  CB  . CYS A 1 7  ? -1.546  7.695   7.492   1.00 6.63  ?  99  CYS A CB  1 
ATOM   43   S  SG  . CYS A 1 7  ? -2.681  8.093   6.153   1.00 6.05  ?  99  CYS A SG  1 
ATOM   44   N  N   . GLY A 1 8  ? -2.146  4.660   7.139   1.00 10.95 ?  100 GLY A N   1 
ATOM   45   C  CA  . GLY A 1 8  ? -2.711  3.492   6.487   1.00 9.38  ?  100 GLY A CA  1 
ATOM   46   C  C   . GLY A 1 8  ? -2.897  3.627   4.991   1.00 8.70  ?  100 GLY A C   1 
ATOM   47   O  O   . GLY A 1 8  ? -3.107  2.613   4.316   1.00 9.48  ?  100 GLY A O   1 
ATOM   48   N  N   . ARG A 1 9  ? -2.800  4.838   4.451   1.00 7.65  ?  101 ARG A N   1 
ATOM   49   C  CA  . ARG A 1 9  ? -3.055  5.055   3.035   1.00 6.29  ?  101 ARG A CA  1 
ATOM   50   C  C   . ARG A 1 9  ? -1.970  4.432   2.166   1.00 5.84  ?  101 ARG A C   1 
ATOM   51   O  O   . ARG A 1 9  ? -0.775  4.608   2.416   1.00 7.74  ?  101 ARG A O   1 
ATOM   52   C  CB  . ARG A 1 9  ? -3.165  6.550   2.727   1.00 5.86  ?  101 ARG A CB  1 
ATOM   53   C  CG  . ARG A 1 9  ? -4.434  7.215   3.244   1.00 7.80  ?  101 ARG A CG  1 
ATOM   54   C  CD  . ARG A 1 9  ? -5.727  6.650   2.607   1.00 7.11  ?  101 ARG A CD  1 
ATOM   55   N  NE  . ARG A 1 9  ? -5.544  6.151   1.245   1.00 7.79  ?  101 ARG A NE  1 
ATOM   56   C  CZ  . ARG A 1 9  ? -5.330  6.923   0.185   1.00 8.94  ?  101 ARG A CZ  1 
ATOM   57   N  NH1 . ARG A 1 9  ? -5.332  8.245   0.282   1.00 8.89  ?  101 ARG A NH1 1 
ATOM   58   N  NH2 . ARG A 1 9  ? -5.089  6.352   -0.996  1.00 9.06  ?  101 ARG A NH2 1 
ATOM   59   N  N   . VAL A 1 10 ? -2.416  3.738   1.122   1.00 5.32  ?  102 VAL A N   1 
ATOM   60   C  CA  . VAL A 1 10 ? -1.581  3.254   0.032   1.00 5.77  ?  102 VAL A CA  1 
ATOM   61   C  C   . VAL A 1 10 ? -2.023  4.027   -1.202  1.00 4.92  ?  102 VAL A C   1 
ATOM   62   O  O   . VAL A 1 10 ? -3.222  4.123   -1.484  1.00 5.79  ?  102 VAL A O   1 
ATOM   63   C  CB  . VAL A 1 10 ? -1.785  1.744   -0.178  1.00 6.15  ?  102 VAL A CB  1 
ATOM   64   C  CG1 . VAL A 1 10 ? -1.062  1.268   -1.428  1.00 6.78  ?  102 VAL A CG1 1 
ATOM   65   C  CG2 . VAL A 1 10 ? -1.314  0.973   1.041   1.00 6.63  ?  102 VAL A CG2 1 
ATOM   66   N  N   . PHE A 1 11 ? -1.071  4.576   -1.946  1.00 4.92  ?  103 PHE A N   1 
ATOM   67   C  CA  . PHE A 1 11 ? -1.444  5.518   -2.994  1.00 5.54  ?  103 PHE A CA  1 
ATOM   68   C  C   . PHE A 1 11 ? -2.064  4.851   -4.214  1.00 5.53  ?  103 PHE A C   1 
ATOM   69   O  O   . PHE A 1 11 ? -1.588  3.821   -4.704  1.00 6.54  ?  103 PHE A O   1 
ATOM   70   C  CB  . PHE A 1 11 ? -0.263  6.389   -3.406  1.00 5.91  ?  103 PHE A CB  1 
ATOM   71   C  CG  . PHE A 1 11 ? 0.271   7.222   -2.276  1.00 5.15  ?  103 PHE A CG  1 
ATOM   72   C  CD1 . PHE A 1 11 ? -0.484  8.254   -1.746  1.00 7.29  ?  103 PHE A CD1 1 
ATOM   73   C  CD2 . PHE A 1 11 ? 1.500   6.942   -1.706  1.00 6.16  ?  103 PHE A CD2 1 
ATOM   74   C  CE1 . PHE A 1 11 ? 0.002   8.997   -0.677  1.00 8.33  ?  103 PHE A CE1 1 
ATOM   75   C  CE2 . PHE A 1 11 ? 1.977   7.680   -0.648  1.00 6.37  ?  103 PHE A CE2 1 
ATOM   76   C  CZ  . PHE A 1 11 ? 1.230   8.704   -0.135  1.00 7.74  ?  103 PHE A CZ  1 
ATOM   77   N  N   . LYS A 1 12 ? -3.126  5.475   -4.707  1.00 6.62  ?  104 LYS A N   1 
ATOM   78   C  CA  . LYS A 1 12 ? -3.770  5.094   -5.948  1.00 7.81  ?  104 LYS A CA  1 
ATOM   79   C  C   . LYS A 1 12 ? -2.980  5.621   -7.145  1.00 7.03  ?  104 LYS A C   1 
ATOM   80   O  O   . LYS A 1 12 ? -2.171  6.548   -7.042  1.00 7.77  ?  104 LYS A O   1 
ATOM   81   C  CB  . LYS A 1 12 ? -5.193  5.652   -5.991  1.00 9.08  ?  104 LYS A CB  1 
ATOM   82   C  CG  . LYS A 1 12 ? -6.163  4.956   -5.031  1.00 10.81 ?  104 LYS A CG  1 
ATOM   83   C  CD  . LYS A 1 12 ? -7.375  5.814   -4.713  1.00 16.40 ?  104 LYS A CD  1 
ATOM   84   C  CE  . LYS A 1 12 ? -8.310  5.097   -3.752  1.00 20.03 ?  104 LYS A CE  1 
ATOM   85   N  NZ  . LYS A 1 12 ? -8.024  5.443   -2.336  1.00 19.48 ?  104 LYS A NZ  1 
ATOM   86   N  N   . VAL A 1 13 ? -3.241  5.016   -8.305  1.00 9.24  ?  105 VAL A N   1 
ATOM   87   C  CA  . VAL A 1 13 ? -2.632  5.489   -9.542  1.00 9.58  ?  105 VAL A CA  1 
ATOM   88   C  C   . VAL A 1 13 ? -3.067  6.928   -9.785  1.00 9.09  ?  105 VAL A C   1 
ATOM   89   O  O   . VAL A 1 13 ? -4.265  7.221   -9.839  1.00 9.40  ?  105 VAL A O   1 
ATOM   90   C  CB  . VAL A 1 13 ? -3.039  4.576   -10.706 1.00 9.24  ?  105 VAL A CB  1 
ATOM   91   C  CG1 . VAL A 1 13 ? -2.514  5.116   -12.034 1.00 12.46 ?  105 VAL A CG1 1 
ATOM   92   C  CG2 . VAL A 1 13 ? -2.541  3.151   -10.472 1.00 10.95 ?  105 VAL A CG2 1 
ATOM   93   N  N   . GLY A 1 14 ? -2.106  7.829   -9.945  1.00 8.90  ?  106 GLY A N   1 
ATOM   94   C  CA  . GLY A 1 14 ? -2.450  9.219   -10.167 1.00 10.20 ?  106 GLY A CA  1 
ATOM   95   C  C   . GLY A 1 14 ? -2.708  10.036  -8.920  1.00 9.29  ?  106 GLY A C   1 
ATOM   96   O  O   . GLY A 1 14 ? -3.084  11.209  -9.031  1.00 9.40  ?  106 GLY A O   1 
ATOM   97   N  N   . GLU A 1 15 ? -2.489  9.475   -7.741  1.00 6.81  ?  107 GLU A N   1 
ATOM   98   C  CA  . GLU A 1 15 ? -2.768  10.196  -6.501  1.00 6.47  ?  107 GLU A CA  1 
ATOM   99   C  C   . GLU A 1 15 ? -1.553  11.012  -6.060  1.00 5.67  ?  107 GLU A C   1 
ATOM   100  O  O   . GLU A 1 15 ? -0.434  10.487  -6.048  1.00 6.81  ?  107 GLU A O   1 
ATOM   101  C  CB  . GLU A 1 15 ? -3.158  9.220   -5.402  1.00 6.33  ?  107 GLU A CB  1 
ATOM   102  C  CG  . GLU A 1 15 ? -3.533  9.921   -4.127  1.00 7.30  ?  107 GLU A CG  1 
ATOM   103  C  CD  . GLU A 1 15 ? -4.073  9.003   -3.060  1.00 9.01  ?  107 GLU A CD  1 
ATOM   104  O  OE1 . GLU A 1 15 ? -4.097  7.760   -3.245  1.00 8.30  ?  107 GLU A OE1 1 
ATOM   105  O  OE2 . GLU A 1 15 ? -4.436  9.536   -1.989  1.00 15.09 -1 107 GLU A OE2 1 
ATOM   106  N  N   . PRO A 1 16 ? -1.741  12.272  -5.660  1.00 5.34  ?  108 PRO A N   1 
ATOM   107  C  CA  . PRO A 1 16 ? -0.592  13.093  -5.230  1.00 5.42  ?  108 PRO A CA  1 
ATOM   108  C  C   . PRO A 1 16 ? 0.035   12.591  -3.938  1.00 4.64  ?  108 PRO A C   1 
ATOM   109  O  O   . PRO A 1 16 ? -0.657  12.153  -3.015  1.00 6.29  ?  108 PRO A O   1 
ATOM   110  C  CB  . PRO A 1 16 ? -1.212  14.478  -5.010  1.00 6.06  ?  108 PRO A CB  1 
ATOM   111  C  CG  . PRO A 1 16 ? -2.658  14.211  -4.753  1.00 11.09 ?  108 PRO A CG  1 
ATOM   112  C  CD  . PRO A 1 16 ? -2.996  13.041  -5.648  1.00 8.51  ?  108 PRO A CD  1 
ATOM   113  N  N   . THR A 1 17 ? 1.359   12.699  -3.877  1.00 4.88  ?  109 THR A N   1 
ATOM   114  C  CA  . THR A 1 17 ? 2.137   12.505  -2.662  1.00 4.04  ?  109 THR A CA  1 
ATOM   115  C  C   . THR A 1 17 ? 2.908   13.789  -2.396  1.00 3.66  ?  109 THR A C   1 
ATOM   116  O  O   . THR A 1 17 ? 3.246   14.531  -3.332  1.00 4.55  ?  109 THR A O   1 
ATOM   117  C  CB  . THR A 1 17 ? 3.144   11.341  -2.792  1.00 5.58  ?  109 THR A CB  1 
ATOM   118  O  OG1 . THR A 1 17 ? 4.315   11.759  -3.516  1.00 5.13  ?  109 THR A OG1 1 
ATOM   119  C  CG2 . THR A 1 17 ? 2.510   10.115  -3.457  1.00 6.87  ?  109 THR A CG2 1 
ATOM   120  N  N   . TYR A 1 18 ? 3.211   14.049  -1.123  1.00 3.67  ?  110 TYR A N   1 
ATOM   121  C  CA  . TYR A 1 18 ? 3.863   15.300  -0.739  1.00 3.96  ?  110 TYR A CA  1 
ATOM   122  C  C   . TYR A 1 18 ? 5.077   14.995  0.111   1.00 3.96  ?  110 TYR A C   1 
ATOM   123  O  O   . TYR A 1 18 ? 4.946   14.417  1.197   1.00 4.12  ?  110 TYR A O   1 
ATOM   124  C  CB  . TYR A 1 18 ? 2.905   16.204  0.052   1.00 3.87  ?  110 TYR A CB  1 
ATOM   125  C  CG  . TYR A 1 18 ? 1.729   16.624  -0.775  1.00 4.21  ?  110 TYR A CG  1 
ATOM   126  C  CD1 . TYR A 1 18 ? 0.616   15.809  -0.884  1.00 4.82  ?  110 TYR A CD1 1 
ATOM   127  C  CD2 . TYR A 1 18 ? 1.754   17.814  -1.485  1.00 5.28  ?  110 TYR A CD2 1 
ATOM   128  C  CE1 . TYR A 1 18 ? -0.457  16.165  -1.682  1.00 5.92  ?  110 TYR A CE1 1 
ATOM   129  C  CE2 . TYR A 1 18 ? 0.687   18.185  -2.282  1.00 4.64  ?  110 TYR A CE2 1 
ATOM   130  C  CZ  . TYR A 1 18 ? -0.409  17.346  -2.384  1.00 5.49  ?  110 TYR A CZ  1 
ATOM   131  O  OH  . TYR A 1 18 ? -1.497  17.694  -3.162  1.00 7.52  ?  110 TYR A OH  1 
ATOM   132  N  N   . SER A 1 19 ? 6.247   15.418  -0.348  1.00 3.84  ?  111 SER A N   1 
ATOM   133  C  CA  . SER A 1 19 ? 7.454   15.324  0.460   1.00 3.78  ?  111 SER A CA  1 
ATOM   134  C  C   . SER A 1 19 ? 7.895   16.731  0.820   1.00 6.02  ?  111 SER A C   1 
ATOM   135  O  O   . SER A 1 19 ? 7.935   17.612  -0.044  1.00 11.19 ?  111 SER A O   1 
ATOM   136  C  CB  . SER A 1 19 ? 8.581   14.610  -0.286  1.00 5.01  ?  111 SER A CB  1 
ATOM   137  O  OG  . SER A 1 19 ? 9.697   14.411  0.575   1.00 5.55  ?  111 SER A OG  1 
ATOM   138  N  N   . CYS A 1 20 ? 8.226   16.951  2.085   1.00 4.82  ?  112 CYS A N   1 
ATOM   139  C  CA  . CYS A 1 20 ? 8.696   18.262  2.513   1.00 5.49  ?  112 CYS A CA  1 
ATOM   140  C  C   . CYS A 1 20 ? 10.194  18.362  2.253   1.00 4.91  ?  112 CYS A C   1 
ATOM   141  O  O   . CYS A 1 20 ? 10.979  17.611  2.835   1.00 5.62  ?  112 CYS A O   1 
ATOM   142  C  CB  . CYS A 1 20 ? 8.405   18.499  3.992   1.00 5.50  ?  112 CYS A CB  1 
ATOM   143  S  SG  . CYS A 1 20 ? 8.909   20.163  4.425   1.00 5.36  ?  112 CYS A SG  1 
ATOM   144  N  N   . ARG A 1 21 ? 10.597  19.291  1.388   1.00 5.78  ?  113 ARG A N   1 
ATOM   145  C  CA  . ARG A 1 21 ? 12.022  19.445  1.103   1.00 7.25  ?  113 ARG A CA  1 
ATOM   146  C  C   . ARG A 1 21 ? 12.780  19.943  2.324   1.00 6.34  ?  113 ARG A C   1 
ATOM   147  O  O   . ARG A 1 21 ? 13.961  19.621  2.495   1.00 9.66  ?  113 ARG A O   1 
ATOM   148  C  CB  . ARG A 1 21 ? 12.241  20.402  -0.070  1.00 6.53  ?  113 ARG A CB  1 
ATOM   149  C  CG  . ARG A 1 21 ? 11.585  19.985  -1.380  1.00 6.57  ?  113 ARG A CG  1 
ATOM   150  C  CD  . ARG A 1 21 ? 11.482  21.179  -2.336  1.00 7.25  ?  113 ARG A CD  1 
ATOM   151  N  NE  . ARG A 1 21 ? 10.737  20.877  -3.551  1.00 6.70  ?  113 ARG A NE  1 
ATOM   152  C  CZ  . ARG A 1 21 ? 11.275  20.403  -4.665  1.00 5.50  ?  113 ARG A CZ  1 
ATOM   153  N  NH1 . ARG A 1 21 ? 12.581  20.214  -4.778  1.00 7.66  ?  113 ARG A NH1 1 
ATOM   154  N  NH2 . ARG A 1 21 ? 10.485  20.141  -5.703  1.00 6.21  ?  113 ARG A NH2 1 
ATOM   155  N  N   . ASP A 1 22 ? 12.119  20.717  3.176   1.00 5.52  ?  114 ASP A N   1 
ATOM   156  C  CA  . ASP A 1 22 ? 12.759  21.253  4.373   1.00 6.42  ?  114 ASP A CA  1 
ATOM   157  C  C   . ASP A 1 22 ? 12.916  20.220  5.480   1.00 6.65  ?  114 ASP A C   1 
ATOM   158  O  O   . ASP A 1 22 ? 13.839  20.349  6.294   1.00 8.73  ?  114 ASP A O   1 
ATOM   159  C  CB  . ASP A 1 22 ? 11.965  22.443  4.902   1.00 7.44  ?  114 ASP A CB  1 
ATOM   160  C  CG  . ASP A 1 22 ? 12.059  23.640  3.992   1.00 8.76  ?  114 ASP A CG  1 
ATOM   161  O  OD1 . ASP A 1 22 ? 13.129  23.841  3.385   1.00 14.32 ?  114 ASP A OD1 1 
ATOM   162  O  OD2 . ASP A 1 22 ? 11.069  24.373  3.863   1.00 10.41 -1 114 ASP A OD2 1 
ATOM   163  N  N   . CYS A 1 23 ? 12.056  19.194  5.542   1.00 5.56  ?  115 CYS A N   1 
ATOM   164  C  CA  . CYS A 1 23 ? 12.020  18.310  6.703   1.00 5.38  ?  115 CYS A CA  1 
ATOM   165  C  C   . CYS A 1 23 ? 12.266  16.836  6.414   1.00 5.55  ?  115 CYS A C   1 
ATOM   166  O  O   . CYS A 1 23 ? 12.687  16.117  7.328   1.00 6.95  ?  115 CYS A O   1 
ATOM   167  C  CB  . CYS A 1 23 ? 10.688  18.439  7.461   1.00 5.16  ?  115 CYS A CB  1 
ATOM   168  S  SG  . CYS A 1 23 ? 10.283  20.084  8.041   1.00 6.56  ?  115 CYS A SG  1 
ATOM   169  N  N   . ALA A 1 24 ? 11.978  16.356  5.207   1.00 5.71  ?  116 ALA A N   1 
ATOM   170  C  CA  . ALA A 1 24 ? 12.077  14.923  4.926   1.00 5.95  ?  116 ALA A CA  1 
ATOM   171  C  C   . ALA A 1 24 ? 13.524  14.438  4.920   1.00 6.44  ?  116 ALA A C   1 
ATOM   172  O  O   . ALA A 1 24 ? 14.441  15.146  4.489   1.00 6.84  ?  116 ALA A O   1 
ATOM   173  C  CB  . ALA A 1 24 ? 11.465  14.604  3.565   1.00 6.95  ?  116 ALA A CB  1 
ATOM   174  N  N   . VAL A 1 25 ? 13.721  13.193  5.365   1.00 6.17  ?  117 VAL A N   1 
ATOM   175  C  CA  . VAL A 1 25 ? 15.020  12.540  5.193   1.00 6.65  ?  117 VAL A CA  1 
ATOM   176  C  C   . VAL A 1 25 ? 15.426  12.563  3.732   1.00 6.03  ?  117 VAL A C   1 
ATOM   177  O  O   . VAL A 1 25 ? 16.582  12.847  3.389   1.00 7.16  ?  117 VAL A O   1 
ATOM   178  C  CB  . VAL A 1 25 ? 14.975  11.094  5.724   1.00 5.84  ?  117 VAL A CB  1 
ATOM   179  C  CG1 . VAL A 1 25 ? 16.270  10.353  5.387   1.00 8.10  ?  117 VAL A CG1 1 
ATOM   180  C  CG2 . VAL A 1 25 ? 14.757  11.085  7.215   1.00 7.13  ?  117 VAL A CG2 1 
ATOM   181  N  N   . ASP A 1 26 ? 14.485  12.250  2.852   1.00 5.20  ?  118 ASP A N   1 
ATOM   182  C  CA  . ASP A 1 26 ? 14.767  12.132  1.433   1.00 5.75  ?  118 ASP A CA  1 
ATOM   183  C  C   . ASP A 1 26 ? 13.442  12.139  0.675   1.00 4.50  ?  118 ASP A C   1 
ATOM   184  O  O   . ASP A 1 26 ? 12.364  12.125  1.306   1.00 5.38  ?  118 ASP A O   1 
ATOM   185  C  CB  . ASP A 1 26 ? 15.586  10.861  1.155   1.00 6.16  ?  118 ASP A CB  1 
ATOM   186  C  CG  . ASP A 1 26 ? 14.888  9.604   1.608   1.00 7.68  ?  118 ASP A CG  1 
ATOM   187  O  OD1 . ASP A 1 26 ? 13.689  9.433   1.307   1.00 6.88  ?  118 ASP A OD1 1 
ATOM   188  O  OD2 . ASP A 1 26 ? 15.560  8.757   2.251   1.00 8.09  -1 118 ASP A OD2 1 
ATOM   189  N  N   . PRO A 1 27 ? 13.469  12.165  -0.661  1.00 4.55  ?  119 PRO A N   1 
ATOM   190  C  CA  . PRO A 1 27 ? 12.210  12.235  -1.423  1.00 5.08  ?  119 PRO A CA  1 
ATOM   191  C  C   . PRO A 1 27 ? 11.294  11.028  -1.286  1.00 4.35  ?  119 PRO A C   1 
ATOM   192  O  O   . PRO A 1 27 ? 10.154  11.106  -1.767  1.00 5.53  ?  119 PRO A O   1 
ATOM   193  C  CB  . PRO A 1 27 ? 12.684  12.442  -2.871  1.00 6.74  ?  119 PRO A CB  1 
ATOM   194  C  CG  . PRO A 1 27 ? 14.004  13.128  -2.720  1.00 6.85  ?  119 PRO A CG  1 
ATOM   195  C  CD  . PRO A 1 27 ? 14.627  12.516  -1.510  1.00 6.38  ?  119 PRO A CD  1 
ATOM   196  N  N   . THR A 1 28 ? 11.746  9.925   -0.692  1.00 4.54  ?  120 THR A N   1 
ATOM   197  C  CA  . THR A 1 28 ? 10.844  8.799   -0.483  1.00 4.44  ?  120 THR A CA  1 
ATOM   198  C  C   . THR A 1 28 ? 9.886   9.039   0.672   1.00 4.25  ?  120 THR A C   1 
ATOM   199  O  O   . THR A 1 28 ? 8.902   8.308   0.795   1.00 4.18  ?  120 THR A O   1 
ATOM   200  C  CB  . THR A 1 28 ? 11.584  7.461   -0.274  1.00 4.59  ?  120 THR A CB  1 
ATOM   201  O  OG1 . THR A 1 28 ? 12.114  7.387   1.054   1.00 5.87  ?  120 THR A OG1 1 
ATOM   202  C  CG2 . THR A 1 28 ? 12.707  7.274   -1.282  1.00 6.14  ?  120 THR A CG2 1 
ATOM   203  N  N   . CYS A 1 29 ? 10.183  9.999   1.546   1.00 4.01  ?  121 CYS A N   1 
ATOM   204  C  CA  . CYS A 1 29 ? 9.315   10.304  2.676   1.00 3.77  ?  121 CYS A CA  1 
ATOM   205  C  C   . CYS A 1 29 ? 8.168   11.187  2.202   1.00 3.83  ?  121 CYS A C   1 
ATOM   206  O  O   . CYS A 1 29 ? 8.405   12.305  1.720   1.00 4.18  ?  121 CYS A O   1 
ATOM   207  C  CB  . CYS A 1 29 ? 10.136  11.038  3.727   1.00 3.38  ?  121 CYS A CB  1 
ATOM   208  S  SG  . CYS A 1 29 ? 11.493  10.077  4.403   1.00 5.46  ?  121 CYS A SG  1 
ATOM   209  N  N   . VAL A 1 30 ? 6.928   10.701  2.351   1.00 3.54  ?  122 VAL A N   1 
ATOM   210  C  CA  . VAL A 1 30 ? 5.789   11.368  1.729   1.00 3.95  ?  122 VAL A CA  1 
ATOM   211  C  C   . VAL A 1 30 ? 4.581   11.325  2.648   1.00 3.35  ?  122 VAL A C   1 
ATOM   212  O  O   . VAL A 1 30 ? 4.450   10.453  3.514   1.00 4.38  ?  122 VAL A O   1 
ATOM   213  C  CB  . VAL A 1 30 ? 5.402   10.760  0.354   1.00 3.16  ?  122 VAL A CB  1 
ATOM   214  C  CG1 . VAL A 1 30 ? 6.487   11.007  -0.683  1.00 5.19  ?  122 VAL A CG1 1 
ATOM   215  C  CG2 . VAL A 1 30 ? 5.034   9.271   0.480   1.00 5.18  ?  122 VAL A CG2 1 
ATOM   216  N  N   . LEU A 1 31 ? 3.683   12.280  2.427   1.00 4.04  ?  123 LEU A N   1 
ATOM   217  C  CA  . LEU A 1 31 ? 2.378   12.326  3.063   1.00 4.04  ?  123 LEU A CA  1 
ATOM   218  C  C   . LEU A 1 31 ? 1.298   12.288  1.994   1.00 3.63  ?  123 LEU A C   1 
ATOM   219  O  O   . LEU A 1 31 ? 1.464   12.840  0.899   1.00 4.73  ?  123 LEU A O   1 
ATOM   220  C  CB  . LEU A 1 31 ? 2.220   13.640  3.832   1.00 4.61  ?  123 LEU A CB  1 
ATOM   221  C  CG  . LEU A 1 31 ? 3.218   13.844  4.979   1.00 5.12  ?  123 LEU A CG  1 
ATOM   222  C  CD1 . LEU A 1 31 ? 3.035   15.229  5.591   1.00 7.11  ?  123 LEU A CD1 1 
ATOM   223  C  CD2 . LEU A 1 31 ? 3.047   12.802  6.051   1.00 5.93  ?  123 LEU A CD2 1 
ATOM   224  N  N   . CYS A 1 32 ? 0.176   11.653  2.328   1.00 3.63  ?  124 CYS A N   1 
ATOM   225  C  CA  . CYS A 1 32 ? -1.019  11.810  1.511   1.00 5.48  ?  124 CYS A CA  1 
ATOM   226  C  C   . CYS A 1 32 ? -1.546  13.237  1.631   1.00 4.69  ?  124 CYS A C   1 
ATOM   227  O  O   . CYS A 1 32 ? -1.138  14.012  2.504   1.00 4.50  ?  124 CYS A O   1 
ATOM   228  C  CB  . CYS A 1 32 ? -2.110  10.812  1.926   1.00 5.52  ?  124 CYS A CB  1 
ATOM   229  S  SG  . CYS A 1 32 ? -2.877  11.106  3.583   1.00 5.12  ?  124 CYS A SG  1 
ATOM   230  N  N   . MET A 1 33 ? -2.441  13.597  0.710   1.00 4.70  ?  125 MET A N   1 
ATOM   231  C  CA  . MET A 1 33 ? -2.856  14.992  0.619   1.00 4.80  ?  125 MET A CA  1 
ATOM   232  C  C   . MET A 1 33 ? -3.544  15.459  1.906   1.00 5.22  ?  125 MET A C   1 
ATOM   233  O  O   . MET A 1 33 ? -3.281  16.562  2.400   1.00 5.87  ?  125 MET A O   1 
ATOM   234  C  CB  . MET A 1 33 ? -3.739  15.199  -0.612  1.00 7.14  ?  125 MET A CB  1 
ATOM   235  C  CG  . MET A 1 33 ? -4.196  16.635  -0.767  1.00 6.49  ?  125 MET A CG  1 
ATOM   236  S  SD  . MET A 1 33 ? -5.494  16.940  -1.960  1.00 11.24 ?  125 MET A SD  1 
ATOM   237  C  CE  . MET A 1 33 ? -6.887  16.623  -0.889  1.00 16.72 ?  125 MET A CE  1 
ATOM   238  N  N   . GLU A 1 34 ? -4.412  14.628  2.476   1.00 5.32  ?  126 GLU A N   1 
ATOM   239  C  CA  . GLU A 1 34 ? -5.129  15.037  3.673   1.00 7.03  ?  126 GLU A CA  1 
ATOM   240  C  C   . GLU A 1 34 ? -4.168  15.239  4.841   1.00 6.44  ?  126 GLU A C   1 
ATOM   241  O  O   . GLU A 1 34 ? -4.284  16.216  5.591   1.00 6.88  ?  126 GLU A O   1 
ATOM   242  C  CB  . GLU A 1 34 ? -6.203  13.997  3.973   1.00 10.98 ?  126 GLU A CB  1 
ATOM   243  C  CG  . GLU A 1 34 ? -7.381  14.081  2.991   1.00 16.41 ?  126 GLU A CG  1 
ATOM   244  C  CD  . GLU A 1 34 ? -7.156  13.408  1.604   1.00 20.73 ?  126 GLU A CD  1 
ATOM   245  O  OE1 . GLU A 1 34 ? -6.109  12.745  1.319   1.00 16.00 ?  126 GLU A OE1 1 
ATOM   246  O  OE2 . GLU A 1 34 ? -8.075  13.559  0.765   1.00 28.93 -1 126 GLU A OE2 1 
ATOM   247  N  N   . CYS A 1 35 ? -3.187  14.342  4.987   1.00 5.04  ?  127 CYS A N   1 
ATOM   248  C  CA  . CYS A 1 35 ? -2.172  14.517  6.019   1.00 5.12  ?  127 CYS A CA  1 
ATOM   249  C  C   . CYS A 1 35 ? -1.340  15.774  5.766   1.00 5.33  ?  127 CYS A C   1 
ATOM   250  O  O   . CYS A 1 35 ? -1.133  16.581  6.679   1.00 7.27  ?  127 CYS A O   1 
ATOM   251  C  CB  . CYS A 1 35 ? -1.301  13.263  6.126   1.00 5.38  ?  127 CYS A CB  1 
ATOM   252  S  SG  . CYS A 1 35 ? -2.163  11.859  6.865   1.00 4.41  ?  127 CYS A SG  1 
ATOM   253  N  N   . PHE A 1 36 ? -0.905  15.987  4.516   1.00 5.06  ?  128 PHE A N   1 
ATOM   254  C  CA  . PHE A 1 36 ? -0.065  17.134  4.183   1.00 5.10  ?  128 PHE A CA  1 
ATOM   255  C  C   . PHE A 1 36 ? -0.787  18.442  4.478   1.00 4.29  ?  128 PHE A C   1 
ATOM   256  O  O   . PHE A 1 36 ? -0.229  19.359  5.101   1.00 5.03  ?  128 PHE A O   1 
ATOM   257  C  CB  . PHE A 1 36 ? 0.316   17.064  2.696   1.00 6.12  ?  128 PHE A CB  1 
ATOM   258  C  CG  . PHE A 1 36 ? 1.046   18.279  2.196   1.00 6.02  ?  128 PHE A CG  1 
ATOM   259  C  CD1 . PHE A 1 36 ? 2.358   18.511  2.563   1.00 7.08  ?  128 PHE A CD1 1 
ATOM   260  C  CD2 . PHE A 1 36 ? 0.409   19.205  1.382   1.00 6.82  ?  128 PHE A CD2 1 
ATOM   261  C  CE1 . PHE A 1 36 ? 3.022   19.650  2.112   1.00 8.06  ?  128 PHE A CE1 1 
ATOM   262  C  CE2 . PHE A 1 36 ? 1.077   20.327  0.929   1.00 9.02  ?  128 PHE A CE2 1 
ATOM   263  C  CZ  . PHE A 1 36 ? 2.371   20.545  1.295   1.00 10.52 ?  128 PHE A CZ  1 
ATOM   264  N  N   . LEU A 1 37 ? -2.032  18.556  4.019   1.00 5.05  ?  129 LEU A N   1 
ATOM   265  C  CA  . LEU A 1 37 ? -2.746  19.821  4.154   1.00 4.79  ?  129 LEU A CA  1 
ATOM   266  C  C   . LEU A 1 37 ? -3.070  20.164  5.605   1.00 5.49  ?  129 LEU A C   1 
ATOM   267  O  O   . LEU A 1 37 ? -3.273  21.346  5.922   1.00 6.65  ?  129 LEU A O   1 
ATOM   268  C  CB  . LEU A 1 37 ? -4.021  19.773  3.319   1.00 6.17  ?  129 LEU A CB  1 
ATOM   269  C  CG  . LEU A 1 37 ? -3.803  19.811  1.803   1.00 6.97  ?  129 LEU A CG  1 
ATOM   270  C  CD1 . LEU A 1 37 ? -5.151  19.712  1.095   1.00 8.50  ?  129 LEU A CD1 1 
ATOM   271  C  CD2 . LEU A 1 37 ? -3.025  21.037  1.344   1.00 9.49  ?  129 LEU A CD2 1 
ATOM   272  N  N   . GLY A 1 38 ? -3.149  19.160  6.479   1.00 4.66  ?  130 GLY A N   1 
ATOM   273  C  CA  . GLY A 1 38 ? -3.325  19.366  7.904   1.00 5.41  ?  130 GLY A CA  1 
ATOM   274  C  C   . GLY A 1 38 ? -2.033  19.312  8.697   1.00 5.26  ?  130 GLY A C   1 
ATOM   275  O  O   . GLY A 1 38 ? -2.049  19.084  9.909   1.00 6.40  ?  130 GLY A O   1 
ATOM   276  N  N   . SER A 1 39 ? -0.906  19.552  8.034   1.00 5.50  ?  131 SER A N   1 
ATOM   277  C  CA  . SER A 1 39 ? 0.409   19.465  8.662   1.00 5.89  ?  131 SER A CA  1 
ATOM   278  C  C   . SER A 1 39 ? 1.128   20.806  8.589   1.00 6.23  ?  131 SER A C   1 
ATOM   279  O  O   . SER A 1 39 ? 0.774   21.679  7.793   1.00 6.19  ?  131 SER A O   1 
ATOM   280  C  CB  . SER A 1 39 ? 1.255   18.387  7.979   1.00 5.07  ?  131 SER A CB  1 
ATOM   281  O  OG  . SER A 1 39 ? 1.897   18.911  6.825   1.00 6.01  ?  131 SER A OG  1 
ATOM   282  N  N   . ILE A 1 40 ? 2.183   20.944  9.402   1.00 6.00  ?  132 ILE A N   1 
ATOM   283  C  CA  . ILE A 1 40 ? 3.003   22.155  9.348   1.00 7.14  ?  132 ILE A CA  1 
ATOM   284  C  C   . ILE A 1 40 ? 3.763   22.273  8.037   1.00 7.43  ?  132 ILE A C   1 
ATOM   285  O  O   . ILE A 1 40 ? 4.245   23.359  7.695   1.00 7.87  ?  132 ILE A O   1 
ATOM   286  C  CB  . ILE A 1 40 ? 3.995   22.264  10.526  1.00 7.30  ?  132 ILE A CB  1 
ATOM   287  C  CG1 . ILE A 1 40 ? 5.022   21.130  10.484  1.00 7.33  ?  132 ILE A CG1 1 
ATOM   288  C  CG2 . ILE A 1 40 ? 3.255   22.292  11.856  1.00 8.67  ?  132 ILE A CG2 1 
ATOM   289  C  CD1 . ILE A 1 40 ? 6.176   21.321  11.470  1.00 11.21 ?  132 ILE A CD1 1 
ATOM   290  N  N   . HIS A 1 41 ? 3.902   21.178  7.292   1.00 5.85  ?  133 HIS A N   1 
ATOM   291  C  CA  . HIS A 1 41 ? 4.720   21.188  6.084   1.00 6.07  ?  133 HIS A CA  1 
ATOM   292  C  C   . HIS A 1 41 ? 4.042   21.880  4.918   1.00 5.31  ?  133 HIS A C   1 
ATOM   293  O  O   . HIS A 1 41 ? 4.705   22.171  3.917   1.00 6.33  ?  133 HIS A O   1 
ATOM   294  C  CB  . HIS A 1 41 ? 5.136   19.763  5.728   1.00 5.76  ?  133 HIS A CB  1 
ATOM   295  C  CG  . HIS A 1 41 ? 5.732   19.040  6.892   1.00 4.72  ?  133 HIS A CG  1 
ATOM   296  N  ND1 . HIS A 1 41 ? 6.977   19.345  7.392   1.00 5.97  ?  133 HIS A ND1 1 
ATOM   297  C  CD2 . HIS A 1 41 ? 5.209   18.107  7.718   1.00 5.17  ?  133 HIS A CD2 1 
ATOM   298  C  CE1 . HIS A 1 41 ? 7.216   18.597  8.452   1.00 5.06  ?  133 HIS A CE1 1 
ATOM   299  N  NE2 . HIS A 1 41 ? 6.159   17.833  8.670   1.00 5.48  ?  133 HIS A NE2 1 
ATOM   300  N  N   . ARG A 1 42 ? 2.750   22.175  5.037   1.00 6.26  ?  134 ARG A N   1 
ATOM   301  C  CA  . ARG A 1 42 ? 2.059   22.860  3.956   1.00 8.73  ?  134 ARG A CA  1 
ATOM   302  C  C   . ARG A 1 42 ? 2.641   24.240  3.679   1.00 8.55  ?  134 ARG A C   1 
ATOM   303  O  O   . ARG A 1 42 ? 2.474   24.755  2.569   1.00 11.17 ?  134 ARG A O   1 
ATOM   304  C  CB  . ARG A 1 42 ? 0.556   22.903  4.241   1.00 10.44 ?  134 ARG A CB  1 
ATOM   305  C  CG  . ARG A 1 42 ? 0.148   23.900  5.287   1.00 11.92 ?  134 ARG A CG  1 
ATOM   306  C  CD  . ARG A 1 42 ? -1.365  24.072  5.312   1.00 13.33 ?  134 ARG A CD  1 
ATOM   307  N  NE  . ARG A 1 42 ? -1.859  24.694  4.089   1.00 13.37 ?  134 ARG A NE  1 
ATOM   308  C  CZ  . ARG A 1 42 ? -3.018  24.402  3.511   1.00 13.93 ?  134 ARG A CZ  1 
ATOM   309  N  NH1 . ARG A 1 42 ? -3.822  23.471  4.002   1.00 8.00  ?  134 ARG A NH1 1 
ATOM   310  N  NH2 . ARG A 1 42 ? -3.392  25.082  2.429   1.00 13.74 ?  134 ARG A NH2 1 
ATOM   311  N  N   . ASP A 1 43 ? 3.329   24.834  4.653   1.00 8.40  ?  135 ASP A N   1 
ATOM   312  C  CA  . ASP A 1 43 ? 3.973   26.136  4.512   1.00 9.18  ?  135 ASP A CA  1 
ATOM   313  C  C   . ASP A 1 43 ? 5.445   26.031  4.155   1.00 10.82 ?  135 ASP A C   1 
ATOM   314  O  O   . ASP A 1 43 ? 6.107   27.065  3.993   1.00 12.54 ?  135 ASP A O   1 
ATOM   315  C  CB  . ASP A 1 43 ? 3.866   26.912  5.827   1.00 14.00 ?  135 ASP A CB  1 
ATOM   316  C  CG  . ASP A 1 43 ? 2.443   27.106  6.266   1.00 16.41 ?  135 ASP A CG  1 
ATOM   317  O  OD1 . ASP A 1 43 ? 2.155   26.801  7.441   1.00 17.89 ?  135 ASP A OD1 1 
ATOM   318  O  OD2 . ASP A 1 43 ? 1.618   27.560  5.443   1.00 17.37 ?  135 ASP A OD2 1 
ATOM   319  N  N   . HIS A 1 44 ? 5.976   24.821  4.063   1.00 6.98  ?  136 HIS A N   1 
ATOM   320  C  CA  . HIS A 1 44 ? 7.390   24.625  3.803   1.00 7.24  ?  136 HIS A CA  1 
ATOM   321  C  C   . HIS A 1 44 ? 7.599   24.448  2.304   1.00 6.15  ?  136 HIS A C   1 
ATOM   322  O  O   . HIS A 1 44 ? 6.648   24.374  1.524   1.00 8.04  ?  136 HIS A O   1 
ATOM   323  C  CB  . HIS A 1 44 ? 7.883   23.401  4.577   1.00 5.93  ?  136 HIS A CB  1 
ATOM   324  C  CG  . HIS A 1 44 ? 7.788   23.552  6.062   1.00 6.01  ?  136 HIS A CG  1 
ATOM   325  N  ND1 . HIS A 1 44 ? 7.979   22.494  6.929   1.00 6.65  ?  136 HIS A ND1 1 
ATOM   326  C  CD2 . HIS A 1 44 ? 7.488   24.627  6.832   1.00 6.80  ?  136 HIS A CD2 1 
ATOM   327  C  CE1 . HIS A 1 44 ? 7.818   22.920  8.172   1.00 6.17  ?  136 HIS A CE1 1 
ATOM   328  N  NE2 . HIS A 1 44 ? 7.522   24.208  8.139   1.00 8.00  ?  136 HIS A NE2 1 
ATOM   329  N  N   . ARG A 1 45 ? 8.857   24.425  1.888   1.00 6.62  ?  137 ARG A N   1 
ATOM   330  C  CA  . ARG A 1 45 ? 9.136   24.066  0.507   1.00 6.46  ?  137 ARG A CA  1 
ATOM   331  C  C   . ARG A 1 45 ? 8.897   22.575  0.342   1.00 5.53  ?  137 ARG A C   1 
ATOM   332  O  O   . ARG A 1 45 ? 9.396   21.767  1.129   1.00 6.89  ?  137 ARG A O   1 
ATOM   333  C  CB  . ARG A 1 45 ? 10.568  24.445  0.151   1.00 7.87  ?  137 ARG A CB  1 
ATOM   334  C  CG  . ARG A 1 45 ? 10.734  25.960  0.089   1.00 10.49 ?  137 ARG A CG  1 
ATOM   335  C  CD  . ARG A 1 45 ? 12.179  26.377  -0.007  1.00 13.28 ?  137 ARG A CD  1 
ATOM   336  N  NE  . ARG A 1 45 ? 12.878  26.102  1.240   1.00 13.05 ?  137 ARG A NE  1 
ATOM   337  C  CZ  . ARG A 1 45 ? 14.080  26.570  1.542   1.00 17.49 ?  137 ARG A CZ  1 
ATOM   338  N  NH1 . ARG A 1 45 ? 14.737  27.367  0.715   1.00 18.85 ?  137 ARG A NH1 1 
ATOM   339  N  NH2 . ARG A 1 45 ? 14.635  26.231  2.702   1.00 16.96 ?  137 ARG A NH2 1 
ATOM   340  N  N   . TYR A 1 46 ? 8.109   22.206  -0.665  1.00 5.74  ?  138 TYR A N   1 
ATOM   341  C  CA  . TYR A 1 46 ? 7.655   20.828  -0.760  1.00 6.14  ?  138 TYR A CA  1 
ATOM   342  C  C   . TYR A 1 46 ? 7.691   20.355  -2.208  1.00 4.67  ?  138 TYR A C   1 
ATOM   343  O  O   . TYR A 1 46 ? 7.908   21.129  -3.146  1.00 6.53  ?  138 TYR A O   1 
ATOM   344  C  CB  . TYR A 1 46 ? 6.274   20.625  -0.125  1.00 5.69  ?  138 TYR A CB  1 
ATOM   345  C  CG  . TYR A 1 46 ? 5.119   21.240  -0.880  1.00 6.12  ?  138 TYR A CG  1 
ATOM   346  C  CD1 . TYR A 1 46 ? 4.467   20.532  -1.894  1.00 5.81  ?  138 TYR A CD1 1 
ATOM   347  C  CD2 . TYR A 1 46 ? 4.624   22.488  -0.535  1.00 9.34  ?  138 TYR A CD2 1 
ATOM   348  C  CE1 . TYR A 1 46 ? 3.394   21.068  -2.578  1.00 7.09  ?  138 TYR A CE1 1 
ATOM   349  C  CE2 . TYR A 1 46 ? 3.538   23.033  -1.210  1.00 10.30 ?  138 TYR A CE2 1 
ATOM   350  C  CZ  . TYR A 1 46 ? 2.924   22.308  -2.229  1.00 7.06  ?  138 TYR A CZ  1 
ATOM   351  O  OH  . TYR A 1 46 ? 1.838   22.825  -2.913  1.00 9.58  ?  138 TYR A OH  1 
ATOM   352  N  N   . ARG A 1 47 ? 7.478   19.047  -2.378  1.00 5.51  ?  139 ARG A N   1 
ATOM   353  C  CA  . ARG A 1 47 ? 7.420   18.409  -3.686  1.00 5.02  ?  139 ARG A CA  1 
ATOM   354  C  C   . ARG A 1 47 ? 6.150   17.580  -3.770  1.00 5.38  ?  139 ARG A C   1 
ATOM   355  O  O   . ARG A 1 47 ? 5.979   16.612  -3.014  1.00 4.85  ?  139 ARG A O   1 
ATOM   356  C  CB  . ARG A 1 47 ? 8.620   17.495  -3.917  1.00 6.34  ?  139 ARG A CB  1 
ATOM   357  C  CG  . ARG A 1 47 ? 8.606   16.839  -5.292  1.00 6.32  ?  139 ARG A CG  1 
ATOM   358  C  CD  . ARG A 1 47 ? 9.652   15.739  -5.408  1.00 6.32  ?  139 ARG A CD  1 
ATOM   359  N  NE  . ARG A 1 47 ? 11.001  16.256  -5.220  1.00 7.12  ?  139 ARG A NE  1 
ATOM   360  C  CZ  . ARG A 1 47 ? 11.672  16.232  -4.078  1.00 6.38  ?  139 ARG A CZ  1 
ATOM   361  N  NH1 . ARG A 1 47 ? 11.195  15.608  -3.005  1.00 6.76  ?  139 ARG A NH1 1 
ATOM   362  N  NH2 . ARG A 1 47 ? 12.846  16.862  -4.003  1.00 9.27  ?  139 ARG A NH2 1 
ATOM   363  N  N   . MET A 1 48 ? 5.263   17.966  -4.677  1.00 4.67  ?  140 MET A N   1 
ATOM   364  C  CA  . MET A 1 48 ? 4.115   17.152  -5.051  1.00 4.33  ?  140 MET A CA  1 
ATOM   365  C  C   . MET A 1 48 ? 4.557   16.256  -6.195  1.00 5.42  ?  140 MET A C   1 
ATOM   366  O  O   . MET A 1 48 ? 4.863   16.745  -7.285  1.00 5.93  ?  140 MET A O   1 
ATOM   367  C  CB  . MET A 1 48 ? 2.948   18.060  -5.417  1.00 5.49  ?  140 MET A CB  1 
ATOM   368  C  CG  . MET A 1 48 ? 1.585   17.387  -5.668  1.00 6.27  ?  140 MET A CG  1 
ATOM   369  S  SD  . MET A 1 48 ? 1.494   16.184  -7.016  1.00 8.47  ?  140 MET A SD  1 
ATOM   370  C  CE  . MET A 1 48 ? 1.766   17.261  -8.427  1.00 13.44 ?  140 MET A CE  1 
ATOM   371  N  N   . THR A 1 49 ? 4.620   14.950  -5.932  1.00 5.38  ?  141 THR A N   1 
ATOM   372  C  CA  . THR A 1 49 ? 4.903   13.932  -6.941  1.00 6.17  ?  141 THR A CA  1 
ATOM   373  C  C   . THR A 1 49 ? 3.698   13.008  -6.975  1.00 5.24  ?  141 THR A C   1 
ATOM   374  O  O   . THR A 1 49 ? 3.299   12.454  -5.945  1.00 5.51  ?  141 THR A O   1 
ATOM   375  C  CB  . THR A 1 49 ? 6.157   13.120  -6.594  1.00 6.01  ?  141 THR A CB  1 
ATOM   376  O  OG1 . THR A 1 49 ? 7.297   13.982  -6.643  1.00 7.99  ?  141 THR A OG1 1 
ATOM   377  C  CG2 . THR A 1 49 ? 6.364   11.974  -7.599  1.00 8.37  ?  141 THR A CG2 1 
ATOM   378  N  N   . THR A 1 50 ? 3.117   12.843  -8.147  1.00 6.48  ?  142 THR A N   1 
ATOM   379  C  CA  . THR A 1 50 ? 1.986   11.942  -8.288  1.00 7.49  ?  142 THR A CA  1 
ATOM   380  C  C   . THR A 1 50 ? 2.464   10.494  -8.254  1.00 6.86  ?  142 THR A C   1 
ATOM   381  O  O   . THR A 1 50 ? 3.408   10.128  -8.959  1.00 8.29  ?  142 THR A O   1 
ATOM   382  C  CB  . THR A 1 50 ? 1.309   12.255  -9.619  1.00 9.04  ?  142 THR A CB  1 
ATOM   383  O  OG1 . THR A 1 50 ? 0.881   13.627  -9.613  1.00 11.06 ?  142 THR A OG1 1 
ATOM   384  C  CG2 . THR A 1 50 ? 0.144   11.356  -9.866  1.00 12.03 ?  142 THR A CG2 1 
ATOM   385  N  N   . SER A 1 51 ? 1.838   9.670   -7.418  1.00 6.43  ?  143 SER A N   1 
ATOM   386  C  CA  . SER A 1 51 ? 2.182   8.251   -7.399  1.00 6.13  ?  143 SER A CA  1 
ATOM   387  C  C   . SER A 1 51 ? 1.762   7.569   -8.689  1.00 4.81  ?  143 SER A C   1 
ATOM   388  O  O   . SER A 1 51 ? 0.670   7.805   -9.198  1.00 6.20  ?  143 SER A O   1 
ATOM   389  C  CB  . SER A 1 51 ? 1.468   7.548   -6.257  1.00 5.92  ?  143 SER A CB  1 
ATOM   390  O  OG  . SER A 1 51 ? 1.702   6.147   -6.376  1.00 6.51  ?  143 SER A OG  1 
ATOM   391  N  N   . GLY A 1 52 ? 2.627   6.697   -9.204  1.00 4.88  ?  144 GLY A N   1 
ATOM   392  C  CA  . GLY A 1 52 ? 2.220   5.871   -10.324 1.00 7.49  ?  144 GLY A CA  1 
ATOM   393  C  C   . GLY A 1 52 ? 1.398   4.663   -9.947  1.00 6.76  ?  144 GLY A C   1 
ATOM   394  O  O   . GLY A 1 52 ? 1.032   3.854   -10.818 1.00 7.54  ?  144 GLY A O   1 
ATOM   395  N  N   . GLY A 1 53 ? 1.089   4.534   -8.657  1.00 6.60  ?  145 GLY A N   1 
ATOM   396  C  CA  . GLY A 1 53 ? 0.439   3.373   -8.085  1.00 6.07  ?  145 GLY A CA  1 
ATOM   397  C  C   . GLY A 1 53 ? 1.326   2.794   -7.009  1.00 6.87  ?  145 GLY A C   1 
ATOM   398  O  O   . GLY A 1 53 ? 2.470   2.440   -7.292  1.00 7.93  ?  145 GLY A O   1 
ATOM   399  N  N   . GLY A 1 54 ? 0.828   2.699   -5.782  1.00 6.07  ?  146 GLY A N   1 
ATOM   400  C  CA  . GLY A 1 54 ? 1.613   2.139   -4.703  1.00 6.26  ?  146 GLY A CA  1 
ATOM   401  C  C   . GLY A 1 54 ? 2.398   3.183   -3.928  1.00 4.77  ?  146 GLY A C   1 
ATOM   402  O  O   . GLY A 1 54 ? 2.294   4.401   -4.143  1.00 5.36  ?  146 GLY A O   1 
ATOM   403  N  N   . GLY A 1 55 ? 3.196   2.684   -2.987  1.00 4.98  ?  147 GLY A N   1 
ATOM   404  C  CA  . GLY A 1 55 ? 3.752   3.520   -1.942  1.00 5.59  ?  147 GLY A CA  1 
ATOM   405  C  C   . GLY A 1 55 ? 2.723   3.805   -0.860  1.00 4.70  ?  147 GLY A C   1 
ATOM   406  O  O   . GLY A 1 55 ? 1.542   3.460   -0.969  1.00 5.60  ?  147 GLY A O   1 
ATOM   407  N  N   . PHE A 1 56 ? 3.186   4.427   0.226   1.00 5.10  ?  148 PHE A N   1 
ATOM   408  C  CA  . PHE A 1 56 ? 2.306   4.614   1.377   1.00 5.49  ?  148 PHE A CA  1 
ATOM   409  C  C   . PHE A 1 56 ? 2.683   5.874   2.147   1.00 5.53  ?  148 PHE A C   1 
ATOM   410  O  O   . PHE A 1 56 ? 3.817   6.355   2.088   1.00 4.38  ?  148 PHE A O   1 
ATOM   411  C  CB  . PHE A 1 56 ? 2.298   3.397   2.316   1.00 5.32  ?  148 PHE A CB  1 
ATOM   412  C  CG  . PHE A 1 56 ? 3.648   3.044   2.886   1.00 7.36  ?  148 PHE A CG  1 
ATOM   413  C  CD1 . PHE A 1 56 ? 4.586   2.354   2.129   1.00 8.10  ?  148 PHE A CD1 1 
ATOM   414  C  CD2 . PHE A 1 56 ? 3.962   3.370   4.193   1.00 8.25  ?  148 PHE A CD2 1 
ATOM   415  C  CE1 . PHE A 1 56 ? 5.826   2.019   2.662   1.00 8.60  ?  148 PHE A CE1 1 
ATOM   416  C  CE2 . PHE A 1 56 ? 5.200   3.019   4.735   1.00 10.33 ?  148 PHE A CE2 1 
ATOM   417  C  CZ  . PHE A 1 56 ? 6.127   2.341   3.957   1.00 9.61  ?  148 PHE A CZ  1 
ATOM   418  N  N   . CYS A 1 57 ? 1.692   6.408   2.863   1.00 4.62  ?  149 CYS A N   1 
ATOM   419  C  CA  . CYS A 1 57 ? 1.855   7.640   3.627   1.00 4.62  ?  149 CYS A CA  1 
ATOM   420  C  C   . CYS A 1 57 ? 2.691   7.400   4.881   1.00 4.24  ?  149 CYS A C   1 
ATOM   421  O  O   . CYS A 1 57 ? 2.476   6.429   5.612   1.00 4.82  ?  149 CYS A O   1 
ATOM   422  C  CB  . CYS A 1 57 ? 0.474   8.182   4.010   1.00 5.30  ?  149 CYS A CB  1 
ATOM   423  S  SG  . CYS A 1 57 ? 0.542   9.691   5.010   1.00 3.99  ?  149 CYS A SG  1 
ATOM   424  N  N   . ASP A 1 58 ? 3.644   8.309   5.131   1.00 3.64  ?  150 ASP A N   1 
ATOM   425  C  CA  . ASP A 1 58 ? 4.564   8.244   6.259   1.00 3.88  ?  150 ASP A CA  1 
ATOM   426  C  C   . ASP A 1 58 ? 4.157   9.159   7.411   1.00 4.49  ?  150 ASP A C   1 
ATOM   427  O  O   . ASP A 1 58 ? 4.998   9.498   8.253   1.00 4.00  ?  150 ASP A O   1 
ATOM   428  C  CB  . ASP A 1 58 ? 5.973   8.607   5.789   1.00 4.39  ?  150 ASP A CB  1 
ATOM   429  C  CG  . ASP A 1 58 ? 6.511   7.652   4.746   1.00 4.83  ?  150 ASP A CG  1 
ATOM   430  O  OD1 . ASP A 1 58 ? 6.566   6.438   5.039   1.00 5.72  ?  150 ASP A OD1 1 
ATOM   431  O  OD2 . ASP A 1 58 ? 6.871   8.123   3.642   1.00 4.53  -1 150 ASP A OD2 1 
ATOM   432  N  N   . CYS A 1 59 ? 2.887   9.565   7.480   1.00 4.70  ?  151 CYS A N   1 
ATOM   433  C  CA  . CYS A 1 59 ? 2.459   10.375  8.615   1.00 4.47  ?  151 CYS A CA  1 
ATOM   434  C  C   . CYS A 1 59 ? 2.716   9.624   9.913   1.00 4.33  ?  151 CYS A C   1 
ATOM   435  O  O   . CYS A 1 59 ? 2.472   8.416   10.014  1.00 5.61  ?  151 CYS A O   1 
ATOM   436  C  CB  . CYS A 1 59 ? 0.977   10.738  8.514   1.00 4.30  ?  151 CYS A CB  1 
ATOM   437  S  SG  . CYS A 1 59 ? 0.478   11.973  9.708   1.00 7.23  ?  151 CYS A SG  1 
ATOM   438  N  N   . GLY A 1 60 ? 3.233   10.340  10.914  1.00 5.06  ?  152 GLY A N   1 
ATOM   439  C  CA  . GLY A 1 60 ? 3.492   9.732   12.200  1.00 5.89  ?  152 GLY A CA  1 
ATOM   440  C  C   . GLY A 1 60 ? 4.772   8.941   12.288  1.00 6.09  ?  152 GLY A C   1 
ATOM   441  O  O   . GLY A 1 60 ? 5.072   8.403   13.359  1.00 7.51  ?  152 GLY A O   1 
ATOM   442  N  N   . ASP A 1 61 ? 5.544   8.840   11.210  1.00 5.35  ?  153 ASP A N   1 
ATOM   443  C  CA  . ASP A 1 61 ? 6.857   8.207   11.306  1.00 5.96  ?  153 ASP A CA  1 
ATOM   444  C  C   . ASP A 1 61 ? 7.822   9.274   11.797  1.00 4.86  ?  153 ASP A C   1 
ATOM   445  O  O   . ASP A 1 61 ? 8.247   10.143  11.032  1.00 4.76  ?  153 ASP A O   1 
ATOM   446  C  CB  . ASP A 1 61 ? 7.298   7.661   9.955   1.00 6.41  ?  153 ASP A CB  1 
ATOM   447  C  CG  . ASP A 1 61 ? 8.641   6.965   10.027  1.00 6.43  ?  153 ASP A CG  1 
ATOM   448  O  OD1 . ASP A 1 61 ? 9.334   7.033   11.066  1.00 7.03  ?  153 ASP A OD1 1 
ATOM   449  O  OD2 . ASP A 1 61 ? 9.009   6.332   9.022   1.00 8.63  -1 153 ASP A OD2 1 
ATOM   450  N  N   . THR A 1 62 ? 8.165   9.221   13.090  1.00 4.63  ?  154 THR A N   1 
ATOM   451  C  CA  . THR A 1 62 ? 8.988   10.270  13.679  1.00 5.62  ?  154 THR A CA  1 
ATOM   452  C  C   . THR A 1 62 ? 10.410  10.278  13.138  1.00 5.30  ?  154 THR A C   1 
ATOM   453  O  O   . THR A 1 62 ? 11.140  11.254  13.367  1.00 7.17  ?  154 THR A O   1 
ATOM   454  C  CB  . THR A 1 62 ? 9.029   10.156  15.203  1.00 6.46  ?  154 THR A CB  1 
ATOM   455  O  OG1 . THR A 1 62 ? 9.608   8.896   15.550  1.00 7.46  ?  154 THR A OG1 1 
ATOM   456  C  CG2 . THR A 1 62 ? 7.616   10.265  15.807  1.00 7.42  ?  154 THR A CG2 1 
ATOM   457  N  N   . GLU A 1 63 ? 10.841  9.217   12.459  1.00 4.96  ?  155 GLU A N   1 
ATOM   458  C  CA  . GLU A 1 63 ? 12.167  9.186   11.855  1.00 5.03  ?  155 GLU A CA  1 
ATOM   459  C  C   . GLU A 1 63 ? 12.194  9.775   10.452  1.00 6.21  ?  155 GLU A C   1 
ATOM   460  O  O   . GLU A 1 63 ? 13.284  10.009  9.914   1.00 6.99  ?  155 GLU A O   1 
ATOM   461  C  CB  . GLU A 1 63 ? 12.667  7.746   11.770  1.00 7.11  ?  155 GLU A CB  1 
ATOM   462  C  CG  . GLU A 1 63 ? 12.576  6.993   13.078  1.00 7.41  ?  155 GLU A CG  1 
ATOM   463  C  CD  . GLU A 1 63 ? 13.196  5.622   12.982  1.00 9.36  ?  155 GLU A CD  1 
ATOM   464  O  OE1 . GLU A 1 63 ? 13.176  5.038   11.870  1.00 14.10 ?  155 GLU A OE1 1 
ATOM   465  O  OE2 . GLU A 1 63 ? 13.720  5.148   14.012  1.00 10.27 -1 155 GLU A OE2 1 
ATOM   466  N  N   . ALA A 1 64 ? 11.037  10.005  9.832   1.00 5.27  ?  156 ALA A N   1 
ATOM   467  C  CA  . ALA A 1 64 ? 10.996  10.468  8.452   1.00 6.18  ?  156 ALA A CA  1 
ATOM   468  C  C   . ALA A 1 64 ? 11.061  11.984  8.321   1.00 5.96  ?  156 ALA A C   1 
ATOM   469  O  O   . ALA A 1 64 ? 11.355  12.485  7.227   1.00 6.26  ?  156 ALA A O   1 
ATOM   470  C  CB  . ALA A 1 64 ? 9.718   9.964   7.775   1.00 6.29  ?  156 ALA A CB  1 
ATOM   471  N  N   . TRP A 1 65 ? 10.781  12.720  9.398   1.00 5.31  ?  157 TRP A N   1 
ATOM   472  C  CA  . TRP A 1 65 ? 10.547  14.159  9.353   1.00 5.73  ?  157 TRP A CA  1 
ATOM   473  C  C   . TRP A 1 65 ? 11.407  14.805  10.427  1.00 5.42  ?  157 TRP A C   1 
ATOM   474  O  O   . TRP A 1 65 ? 11.372  14.378  11.588  1.00 7.76  ?  157 TRP A O   1 
ATOM   475  C  CB  . TRP A 1 65 ? 9.056   14.438  9.642   1.00 6.19  ?  157 TRP A CB  1 
ATOM   476  C  CG  . TRP A 1 65 ? 8.145   13.628  8.742   1.00 4.77  ?  157 TRP A CG  1 
ATOM   477  C  CD1 . TRP A 1 65 ? 7.388   12.554  9.099   1.00 5.38  ?  157 TRP A CD1 1 
ATOM   478  C  CD2 . TRP A 1 65 ? 7.952   13.808  7.338   1.00 4.98  ?  157 TRP A CD2 1 
ATOM   479  N  NE1 . TRP A 1 65 ? 6.722   12.053  8.006   1.00 5.80  ?  157 TRP A NE1 1 
ATOM   480  C  CE2 . TRP A 1 65 ? 7.052   12.807  6.908   1.00 4.72  ?  157 TRP A CE2 1 
ATOM   481  C  CE3 . TRP A 1 65 ? 8.447   14.721  6.398   1.00 5.49  ?  157 TRP A CE3 1 
ATOM   482  C  CZ2 . TRP A 1 65 ? 6.645   12.694  5.576   1.00 4.91  ?  157 TRP A CZ2 1 
ATOM   483  C  CZ3 . TRP A 1 65 ? 8.032   14.618  5.090   1.00 5.81  ?  157 TRP A CZ3 1 
ATOM   484  C  CH2 . TRP A 1 65 ? 7.142   13.611  4.687   1.00 5.10  ?  157 TRP A CH2 1 
ATOM   485  N  N   . LYS A 1 66 ? 12.192  15.816  10.056  1.00 5.49  ?  158 LYS A N   1 
ATOM   486  C  CA  . LYS A 1 66 ? 13.065  16.417  11.061  1.00 6.78  ?  158 LYS A CA  1 
ATOM   487  C  C   . LYS A 1 66 ? 12.255  17.112  12.152  1.00 6.39  ?  158 LYS A C   1 
ATOM   488  O  O   . LYS A 1 66 ? 12.722  17.228  13.300  1.00 7.50  ?  158 LYS A O   1 
ATOM   489  C  CB  . LYS A 1 66 ? 14.077  17.363  10.411  1.00 8.85  ?  158 LYS A CB  1 
ATOM   490  C  CG  . LYS A 1 66 ? 13.611  18.803  10.246  1.00 7.02  ?  158 LYS A CG  1 
ATOM   491  C  CD  . LYS A 1 66 ? 14.615  19.614  9.436   1.00 7.80  ?  158 LYS A CD  1 
ATOM   492  C  CE  . LYS A 1 66 ? 14.256  21.091  9.441   1.00 11.65 ?  158 LYS A CE  1 
ATOM   493  N  NZ  . LYS A 1 66 ? 14.842  21.828  8.283   1.00 17.76 ?  158 LYS A NZ  1 
ATOM   494  N  N   . GLU A 1 67 ? 11.040  17.549  11.816  1.00 6.86  ?  159 GLU A N   1 
ATOM   495  C  CA  . GLU A 1 67 ? 10.086  18.130  12.748  1.00 7.12  ?  159 GLU A CA  1 
ATOM   496  C  C   . GLU A 1 67 ? 8.694   17.870  12.190  1.00 5.69  ?  159 GLU A C   1 
ATOM   497  O  O   . GLU A 1 67 ? 8.539   17.507  11.017  1.00 6.95  ?  159 GLU A O   1 
ATOM   498  C  CB  . GLU A 1 67 ? 10.312  19.634  12.905  1.00 8.53  ?  159 GLU A CB  1 
ATOM   499  C  CG  . GLU A 1 67 ? 10.011  20.396  11.645  1.00 10.48 ?  159 GLU A CG  1 
ATOM   500  C  CD  . GLU A 1 67 ? 10.335  21.857  11.781  1.00 17.72 ?  159 GLU A CD  1 
ATOM   501  O  OE1 . GLU A 1 67 ? 11.482  22.234  11.452  1.00 21.68 ?  159 GLU A OE1 1 
ATOM   502  O  OE2 . GLU A 1 67 ? 9.445   22.622  12.213  1.00 22.00 -1 159 GLU A OE2 1 
ATOM   503  N  N   . GLY A 1 68 ? 7.683   18.033  13.046  1.00 6.81  ?  160 GLY A N   1 
ATOM   504  C  CA  . GLY A 1 68 ? 6.296   17.891  12.648  1.00 8.90  ?  160 GLY A CA  1 
ATOM   505  C  C   . GLY A 1 68 ? 5.897   16.526  12.106  1.00 6.54  ?  160 GLY A C   1 
ATOM   506  O  O   . GLY A 1 68 ? 5.420   16.402  10.970  1.00 7.15  ?  160 GLY A O   1 
ATOM   507  N  N   . PRO A 1 69 ? 6.045   15.473  12.916  1.00 6.84  ?  161 PRO A N   1 
ATOM   508  C  CA  . PRO A 1 69 ? 5.736   14.119  12.417  1.00 7.67  ?  161 PRO A CA  1 
ATOM   509  C  C   . PRO A 1 69 ? 4.253   13.800  12.293  1.00 5.97  ?  161 PRO A C   1 
ATOM   510  O  O   . PRO A 1 69 ? 3.916   12.892  11.529  1.00 7.43  ?  161 PRO A O   1 
ATOM   511  C  CB  . PRO A 1 69 ? 6.405   13.198  13.447  1.00 9.72  ?  161 PRO A CB  1 
ATOM   512  C  CG  . PRO A 1 69 ? 6.420   14.019  14.694  1.00 11.24 ?  161 PRO A CG  1 
ATOM   513  C  CD  . PRO A 1 69 ? 6.719   15.420  14.228  1.00 8.60  ?  161 PRO A CD  1 
ATOM   514  N  N   . TYR A 1 70 ? 3.366   14.477  13.023  1.00 5.92  ?  162 TYR A N   1 
ATOM   515  C  CA  . TYR A 1 70 ? 1.942   14.138  13.055  1.00 6.28  ?  162 TYR A CA  1 
ATOM   516  C  C   . TYR A 1 70 ? 1.117   15.282  12.483  1.00 6.36  ?  162 TYR A C   1 
ATOM   517  O  O   . TYR A 1 70 ? 1.251   16.430  12.922  1.00 8.02  ?  162 TYR A O   1 
ATOM   518  C  CB  . TYR A 1 70 ? 1.460   13.884  14.488  1.00 7.97  ?  162 TYR A CB  1 
ATOM   519  C  CG  . TYR A 1 70 ? 2.225   12.824  15.226  1.00 6.01  ?  162 TYR A CG  1 
ATOM   520  C  CD1 . TYR A 1 70 ? 2.124   11.495  14.867  1.00 4.85  ?  162 TYR A CD1 1 
ATOM   521  C  CD2 . TYR A 1 70 ? 3.062   13.159  16.278  1.00 7.11  ?  162 TYR A CD2 1 
ATOM   522  C  CE1 . TYR A 1 70 ? 2.848   10.517  15.544  1.00 5.92  ?  162 TYR A CE1 1 
ATOM   523  C  CE2 . TYR A 1 70 ? 3.784   12.195  16.959  1.00 5.54  ?  162 TYR A CE2 1 
ATOM   524  C  CZ  . TYR A 1 70 ? 3.683   10.877  16.588  1.00 5.77  ?  162 TYR A CZ  1 
ATOM   525  O  OH  . TYR A 1 70 ? 4.423   9.943   17.285  1.00 5.59  ?  162 TYR A OH  1 
ATOM   526  N  N   . CYS A 1 71 ? 0.243   14.968  11.531  1.00 5.80  ?  163 CYS A N   1 
ATOM   527  C  CA  . CYS A 1 71 ? -0.736  15.945  11.075  1.00 5.66  ?  163 CYS A CA  1 
ATOM   528  C  C   . CYS A 1 71 ? -1.863  16.062  12.098  1.00 5.66  ?  163 CYS A C   1 
ATOM   529  O  O   . CYS A 1 71 ? -1.925  15.321  13.079  1.00 5.58  ?  163 CYS A O   1 
ATOM   530  C  CB  . CYS A 1 71 ? -1.324  15.542  9.723   1.00 6.02  ?  163 CYS A CB  1 
ATOM   531  S  SG  . CYS A 1 71 ? -2.588  14.247  9.818   1.00 5.27  ?  163 CYS A SG  1 
ATOM   532  N  N   . GLN A 1 72 ? -2.781  16.998  11.862  1.00 5.76  ?  164 GLN A N   1 
ATOM   533  C  CA  . GLN A 1 72 ? -3.805  17.240  12.870  1.00 6.88  ?  164 GLN A CA  1 
ATOM   534  C  C   . GLN A 1 72 ? -4.768  16.060  12.993  1.00 6.88  ?  164 GLN A C   1 
ATOM   535  O  O   . GLN A 1 72 ? -5.217  15.737  14.099  1.00 7.68  ?  164 GLN A O   1 
ATOM   536  C  CB  . GLN A 1 72 ? -4.498  18.582  12.614  1.00 10.73 ?  164 GLN A CB  1 
ATOM   537  C  CG  . GLN A 1 72 ? -5.368  19.073  13.779  1.00 13.77 ?  164 GLN A CG  1 
ATOM   538  C  CD  . GLN A 1 72 ? -4.930  20.460  14.283  1.00 20.94 ?  164 GLN A CD  1 
ATOM   539  O  OE1 . GLN A 1 72 ? -4.931  21.441  13.534  1.00 24.68 ?  164 GLN A OE1 1 
ATOM   540  N  NE2 . GLN A 1 72 ? -4.549  20.537  15.563  1.00 19.23 ?  164 GLN A NE2 1 
ATOM   541  N  N   . LYS A 1 73 ? -5.063  15.368  11.895  1.00 7.38  ?  165 LYS A N   1 
ATOM   542  C  CA  . LYS A 1 73 ? -5.933  14.205  12.005  1.00 8.27  ?  165 LYS A CA  1 
ATOM   543  C  C   . LYS A 1 73 ? -5.280  13.099  12.832  1.00 8.98  ?  165 LYS A C   1 
ATOM   544  O  O   . LYS A 1 73 ? -5.968  12.366  13.558  1.00 11.51 ?  165 LYS A O   1 
ATOM   545  C  CB  . LYS A 1 73 ? -6.290  13.729  10.599  1.00 11.19 ?  165 LYS A CB  1 
ATOM   546  C  CG  . LYS A 1 73 ? -6.982  12.391  10.522  1.00 14.23 ?  165 LYS A CG  1 
ATOM   547  C  CD  . LYS A 1 73 ? -7.221  12.029  9.067   1.00 17.70 ?  165 LYS A CD  1 
ATOM   548  C  CE  . LYS A 1 73 ? -8.292  10.969  8.918   1.00 22.50 ?  165 LYS A CE  1 
ATOM   549  N  NZ  . LYS A 1 73 ? -7.717  9.603   9.023   1.00 23.93 ?  165 LYS A NZ  1 
ATOM   550  N  N   . HIS A 1 74 ? -3.959  12.978  12.755  1.00 6.15  ?  166 HIS A N   1 
ATOM   551  C  CA  . HIS A 1 74 ? -3.206  11.946  13.449  1.00 6.12  ?  166 HIS A CA  1 
ATOM   552  C  C   . HIS A 1 74 ? -2.493  12.477  14.687  1.00 6.24  ?  166 HIS A C   1 
ATOM   553  O  O   . HIS A 1 74 ? -1.537  11.853  15.164  1.00 7.20  ?  166 HIS A O   1 
ATOM   554  C  CB  . HIS A 1 74 ? -2.270  11.245  12.462  1.00 6.40  ?  166 HIS A CB  1 
ATOM   555  C  CG  . HIS A 1 74 ? -3.012  10.493  11.405  1.00 6.88  ?  166 HIS A CG  1 
ATOM   556  N  ND1 . HIS A 1 74 ? -2.944  10.799  10.064  1.00 7.41  ?  166 HIS A ND1 1 
ATOM   557  C  CD2 . HIS A 1 74 ? -3.896  9.473   11.511  1.00 8.01  ?  166 HIS A CD2 1 
ATOM   558  C  CE1 . HIS A 1 74 ? -3.736  9.986   9.386   1.00 6.77  ?  166 HIS A CE1 1 
ATOM   559  N  NE2 . HIS A 1 74 ? -4.324  9.169   10.242  1.00 8.78  ?  166 HIS A NE2 1 
ATOM   560  N  N   . GLU A 1 75 ? -2.970  13.592  15.244  1.00 7.04  ?  167 GLU A N   1 
ATOM   561  C  CA  . GLU A 1 75 ? -2.286  14.203  16.386  1.00 7.59  ?  167 GLU A CA  1 
ATOM   562  C  C   . GLU A 1 75 ? -2.340  13.313  17.627  1.00 7.62  ?  167 GLU A C   1 
ATOM   563  O  O   . GLU A 1 75 ? -1.526  13.533  18.528  1.00 11.66 ?  167 GLU A O   1 
ATOM   564  C  CB  . GLU A 1 75 ? -2.834  15.589  16.721  1.00 11.62 ?  167 GLU A CB  1 
ATOM   565  C  CG  . GLU A 1 75 ? -4.214  15.554  17.313  1.00 13.55 ?  167 GLU A CG  1 
ATOM   566  C  CD  . GLU A 1 75 ? -4.794  16.940  17.521  1.00 15.16 ?  167 GLU A CD  1 
ATOM   567  O  OE1 . GLU A 1 75 ? -4.183  17.931  17.062  1.00 17.81 ?  167 GLU A OE1 1 
ATOM   568  O  OE2 . GLU A 1 75 ? -5.869  17.025  18.145  1.00 18.65 -1 167 GLU A OE2 1 
ATOM   569  O  OXT . GLU A 1 75 ? -3.170  12.404  17.754  1.00 7.24  -1 167 GLU A OXT 1 
ATOM   570  N  N   . ARG B 2 1  ? 6.366   5.316   2.590   1.00 4.74  ?  1   ARG C N   1 
ATOM   571  C  CA  . ARG B 2 1  ? 7.414   5.718   1.652   1.00 4.87  ?  1   ARG C CA  1 
ATOM   572  C  C   . ARG B 2 1  ? 6.908   5.532   0.225   1.00 4.72  ?  1   ARG C C   1 
ATOM   573  O  O   . ARG B 2 1  ? 6.030   4.697   -0.036  1.00 5.88  ?  1   ARG C O   1 
ATOM   574  C  CB  . ARG B 2 1  ? 8.692   4.890   1.856   1.00 6.35  ?  1   ARG C CB  1 
ATOM   575  C  CG  . ARG B 2 1  ? 9.299   4.991   3.238   1.00 6.27  ?  1   ARG C CG  1 
ATOM   576  C  CD  . ARG B 2 1  ? 9.796   6.407   3.511   1.00 5.33  ?  1   ARG C CD  1 
ATOM   577  N  NE  . ARG B 2 1  ? 10.782  6.488   4.583   1.00 7.53  ?  1   ARG C NE  1 
ATOM   578  C  CZ  . ARG B 2 1  ? 10.473  6.554   5.869   1.00 7.98  ?  1   ARG C CZ  1 
ATOM   579  N  NH1 . ARG B 2 1  ? 9.226   6.408   6.284   1.00 8.09  ?  1   ARG C NH1 1 
ATOM   580  N  NH2 . ARG B 2 1  ? 11.437  6.762   6.762   1.00 10.76 ?  1   ARG C NH2 1 
ATOM   581  N  N   . TYR B 2 2  ? 7.456   6.314   -0.702  1.00 5.02  ?  2   TYR C N   1 
ATOM   582  C  CA  . TYR B 2 2  ? 7.135   6.189   -2.118  1.00 5.77  ?  2   TYR C CA  1 
ATOM   583  C  C   . TYR B 2 2  ? 8.446   6.158   -2.883  1.00 5.97  ?  2   TYR C C   1 
ATOM   584  O  O   . TYR B 2 2  ? 9.296   7.035   -2.684  1.00 6.33  ?  2   TYR C O   1 
ATOM   585  C  CB  . TYR B 2 2  ? 6.257   7.352   -2.620  1.00 7.40  ?  2   TYR C CB  1 
ATOM   586  C  CG  . TYR B 2 2  ? 6.016   7.264   -4.113  1.00 7.48  ?  2   TYR C CG  1 
ATOM   587  C  CD1 . TYR B 2 2  ? 5.257   6.234   -4.645  1.00 8.70  ?  2   TYR C CD1 1 
ATOM   588  C  CD2 . TYR B 2 2  ? 6.607   8.162   -4.992  1.00 9.80  ?  2   TYR C CD2 1 
ATOM   589  C  CE1 . TYR B 2 2  ? 5.063   6.116   -6.017  1.00 9.48  ?  2   TYR C CE1 1 
ATOM   590  C  CE2 . TYR B 2 2  ? 6.414   8.056   -6.368  1.00 10.54 ?  2   TYR C CE2 1 
ATOM   591  C  CZ  . TYR B 2 2  ? 5.644   7.028   -6.868  1.00 10.47 ?  2   TYR C CZ  1 
ATOM   592  O  OH  . TYR B 2 2  ? 5.435   6.899   -8.225  1.00 11.30 ?  2   TYR C OH  1 
ATOM   593  N  N   . PHE B 2 3  ? 8.610   5.152   -3.741  1.00 5.87  ?  3   PHE C N   1 
ATOM   594  C  CA  . PHE B 2 3  ? 9.836   4.948   -4.503  1.00 8.05  ?  3   PHE C CA  1 
ATOM   595  C  C   . PHE B 2 3  ? 9.557   5.214   -5.978  1.00 10.97 ?  3   PHE C C   1 
ATOM   596  O  O   . PHE B 2 3  ? 9.999   6.214   -6.523  1.00 15.76 ?  3   PHE C O   1 
ATOM   597  C  CB  . PHE B 2 3  ? 10.349  3.526   -4.277  1.00 9.37  ?  3   PHE C CB  1 
ATOM   598  C  CG  . PHE B 2 3  ? 10.690  3.242   -2.837  1.00 7.53  ?  3   PHE C CG  1 
ATOM   599  C  CD1 . PHE B 2 3  ? 11.879  3.705   -2.292  1.00 10.03 ?  3   PHE C CD1 1 
ATOM   600  C  CD2 . PHE B 2 3  ? 9.800   2.575   -2.013  1.00 10.56 ?  3   PHE C CD2 1 
ATOM   601  C  CE1 . PHE B 2 3  ? 12.191  3.471   -0.969  1.00 9.61  ?  3   PHE C CE1 1 
ATOM   602  C  CE2 . PHE B 2 3  ? 10.108  2.346   -0.679  1.00 12.41 ?  3   PHE C CE2 1 
ATOM   603  C  CZ  . PHE B 2 3  ? 11.315  2.796   -0.167  1.00 11.13 ?  3   PHE C CZ  1 
HETATM 604  N  N   . NH2 B 2 4  ? 8.792   4.330   -6.609  1.00 13.76 ?  4   NH2 C N   1 
ATOM   605  N  N   . GLY C 1 1  ? -10.877 -14.318 -18.529 1.00 20.02 ?  93  GLY B N   1 
ATOM   606  C  CA  . GLY C 1 1  ? -10.879 -14.031 -17.106 1.00 17.29 ?  93  GLY B CA  1 
ATOM   607  C  C   . GLY C 1 1  ? -11.478 -12.668 -16.839 1.00 13.18 ?  93  GLY B C   1 
ATOM   608  O  O   . GLY C 1 1  ? -11.706 -11.912 -17.784 1.00 15.41 ?  93  GLY B O   1 
ATOM   609  N  N   . PRO C 1 2  ? -11.732 -12.359 -15.569 1.00 12.41 ?  94  PRO B N   1 
ATOM   610  C  CA  . PRO C 1 2  ? -12.326 -11.058 -15.231 1.00 12.03 ?  94  PRO B CA  1 
ATOM   611  C  C   . PRO C 1 2  ? -11.551 -9.906  -15.850 1.00 13.54 ?  94  PRO B C   1 
ATOM   612  O  O   . PRO C 1 2  ? -10.322 -9.820  -15.738 1.00 12.21 ?  94  PRO B O   1 
ATOM   613  C  CB  . PRO C 1 2  ? -12.236 -11.030 -13.702 1.00 14.03 ?  94  PRO B CB  1 
ATOM   614  C  CG  . PRO C 1 2  ? -12.363 -12.466 -13.323 1.00 15.15 ?  94  PRO B CG  1 
ATOM   615  C  CD  . PRO C 1 2  ? -11.561 -13.200 -14.371 1.00 14.66 ?  94  PRO B CD  1 
ATOM   616  N  N   . LEU C 1 3  ? -12.279 -9.019  -16.526 1.00 13.68 ?  95  LEU B N   1 
ATOM   617  C  CA  . LEU C 1 3  ? -11.665 -7.831  -17.106 1.00 16.49 ?  95  LEU B CA  1 
ATOM   618  C  C   . LEU C 1 3  ? -10.984 -7.007  -16.022 1.00 15.97 ?  95  LEU B C   1 
ATOM   619  O  O   . LEU C 1 3  ? -11.509 -6.844  -14.917 1.00 21.81 ?  95  LEU B O   1 
ATOM   620  C  CB  . LEU C 1 3  ? -12.733 -6.975  -17.788 1.00 18.37 ?  95  LEU B CB  1 
ATOM   621  C  CG  . LEU C 1 3  ? -13.075 -7.344  -19.231 1.00 19.67 ?  95  LEU B CG  1 
ATOM   622  C  CD1 . LEU C 1 3  ? -14.169 -6.432  -19.770 1.00 16.12 ?  95  LEU B CD1 1 
ATOM   623  C  CD2 . LEU C 1 3  ? -11.834 -7.301  -20.118 1.00 20.65 ?  95  LEU B CD2 1 
ATOM   624  N  N   . GLY C 1 4  ? -9.795  -6.505  -16.337 1.00 22.86 ?  96  GLY B N   1 
ATOM   625  C  CA  . GLY C 1 4  ? -9.061  -5.661  -15.423 1.00 24.77 ?  96  GLY B CA  1 
ATOM   626  C  C   . GLY C 1 4  ? -8.152  -6.384  -14.451 1.00 23.94 ?  96  GLY B C   1 
ATOM   627  O  O   . GLY C 1 4  ? -7.511  -5.721  -13.627 1.00 29.94 ?  96  GLY B O   1 
ATOM   628  N  N   . SER C 1 5  ? -8.066  -7.710  -14.517 1.00 20.77 ?  97  SER B N   1 
ATOM   629  C  CA  . SER C 1 5  ? -7.237  -8.475  -13.593 1.00 17.32 ?  97  SER B CA  1 
ATOM   630  C  C   . SER C 1 5  ? -6.096  -9.159  -14.335 1.00 15.25 ?  97  SER B C   1 
ATOM   631  O  O   . SER C 1 5  ? -6.315  -9.863  -15.325 1.00 15.95 ?  97  SER B O   1 
ATOM   632  C  CB  . SER C 1 5  ? -8.067  -9.503  -12.825 1.00 17.09 ?  97  SER B CB  1 
ATOM   633  O  OG  . SER C 1 5  ? -8.842  -8.864  -11.824 1.00 22.28 ?  97  SER B OG  1 
ATOM   634  N  N   . LEU C 1 6  ? -4.879  -8.966  -13.831 1.00 11.19 ?  98  LEU B N   1 
ATOM   635  C  CA  . LEU C 1 6  ? -3.720  -9.611  -14.429 1.00 10.09 ?  98  LEU B CA  1 
ATOM   636  C  C   . LEU C 1 6  ? -3.711  -11.112 -14.163 1.00 8.19  ?  98  LEU B C   1 
ATOM   637  O  O   . LEU C 1 6  ? -3.367  -11.903 -15.049 1.00 9.37  ?  98  LEU B O   1 
ATOM   638  C  CB  . LEU C 1 6  ? -2.453  -8.959  -13.884 1.00 11.58 ?  98  LEU B CB  1 
ATOM   639  C  CG  . LEU C 1 6  ? -1.112  -9.453  -14.399 1.00 10.04 ?  98  LEU B CG  1 
ATOM   640  C  CD1 . LEU C 1 6  ? -1.060  -9.364  -15.921 1.00 14.55 ?  98  LEU B CD1 1 
ATOM   641  C  CD2 . LEU C 1 6  ? -0.009  -8.607  -13.781 1.00 8.85  ?  98  LEU B CD2 1 
ATOM   642  N  N   . CYS C 1 7  ? -4.059  -11.534 -12.946 1.00 7.38  ?  99  CYS B N   1 
ATOM   643  C  CA  . CYS C 1 7  ? -3.961  -12.960 -12.643 1.00 7.97  ?  99  CYS B CA  1 
ATOM   644  C  C   . CYS C 1 7  ? -5.108  -13.760 -13.257 1.00 15.26 ?  99  CYS B C   1 
ATOM   645  O  O   . CYS C 1 7  ? -4.885  -14.698 -14.027 1.00 16.09 ?  99  CYS B O   1 
ATOM   646  C  CB  . CYS C 1 7  ? -3.815  -13.199 -11.137 1.00 6.38  ?  99  CYS B CB  1 
ATOM   647  S  SG  . CYS C 1 7  ? -4.004  -14.944 -10.706 1.00 5.63  ?  99  CYS B SG  1 
ATOM   648  N  N   . GLY C 1 8  ? -6.340  -13.396 -12.933 1.00 10.57 ?  100 GLY B N   1 
ATOM   649  C  CA  . GLY C 1 8  ? -7.523  -14.031 -13.488 1.00 9.90  ?  100 GLY B CA  1 
ATOM   650  C  C   . GLY C 1 8  ? -8.200  -15.030 -12.572 1.00 7.57  ?  100 GLY B C   1 
ATOM   651  O  O   . GLY C 1 8  ? -9.347  -15.416 -12.840 1.00 9.87  ?  100 GLY B O   1 
ATOM   652  N  N   . ARG C 1 9  ? -7.531  -15.459 -11.505 1.00 7.17  ?  101 ARG B N   1 
ATOM   653  C  CA  . ARG C 1 9  ? -8.077  -16.489 -10.629 1.00 6.08  ?  101 ARG B CA  1 
ATOM   654  C  C   . ARG C 1 9  ? -9.278  -15.978 -9.847  1.00 5.90  ?  101 ARG B C   1 
ATOM   655  O  O   . ARG C 1 9  ? -9.261  -14.873 -9.289  1.00 7.28  ?  101 ARG B O   1 
ATOM   656  C  CB  . ARG C 1 9  ? -7.007  -16.992 -9.657  1.00 5.86  ?  101 ARG B CB  1 
ATOM   657  C  CG  . ARG C 1 9  ? -5.932  -17.868 -10.307 1.00 7.46  ?  101 ARG B CG  1 
ATOM   658  C  CD  . ARG C 1 9  ? -6.477  -19.172 -10.935 1.00 6.81  ?  101 ARG B CD  1 
ATOM   659  N  NE  . ARG C 1 9  ? -7.641  -19.709 -10.238 1.00 7.50  ?  101 ARG B NE  1 
ATOM   660  C  CZ  . ARG C 1 9  ? -7.615  -20.231 -9.018  1.00 8.09  ?  101 ARG B CZ  1 
ATOM   661  N  NH1 . ARG C 1 9  ? -6.477  -20.397 -8.357  1.00 8.62  ?  101 ARG B NH1 1 
ATOM   662  N  NH2 . ARG C 1 9  ? -8.762  -20.573 -8.434  1.00 8.81  ?  101 ARG B NH2 1 
ATOM   663  N  N   . VAL C 1 10 ? -10.316 -16.809 -9.809  1.00 5.85  ?  102 VAL B N   1 
ATOM   664  C  CA  . VAL C 1 10 ? -11.471 -16.671 -8.930  1.00 5.35  ?  102 VAL B CA  1 
ATOM   665  C  C   . VAL C 1 10 ? -11.424 -17.855 -7.976  1.00 5.35  ?  102 VAL B C   1 
ATOM   666  O  O   . VAL C 1 10 ? -11.237 -18.996 -8.410  1.00 5.21  ?  102 VAL B O   1 
ATOM   667  C  CB  . VAL C 1 10 ? -12.768 -16.687 -9.755  1.00 6.00  ?  102 VAL B CB  1 
ATOM   668  C  CG1 . VAL C 1 10 ? -13.992 -16.727 -8.855  1.00 6.03  ?  102 VAL B CG1 1 
ATOM   669  C  CG2 . VAL C 1 10 ? -12.815 -15.479 -10.699 1.00 7.18  ?  102 VAL B CG2 1 
ATOM   670  N  N   . PHE C 1 11 ? -11.564 -17.591 -6.681  1.00 5.04  ?  103 PHE B N   1 
ATOM   671  C  CA  . PHE C 1 11 ? -11.279 -18.625 -5.694  1.00 5.68  ?  103 PHE B CA  1 
ATOM   672  C  C   . PHE C 1 11 ? -12.354 -19.695 -5.633  1.00 7.42  ?  103 PHE B C   1 
ATOM   673  O  O   . PHE C 1 11 ? -13.555 -19.411 -5.678  1.00 7.06  ?  103 PHE B O   1 
ATOM   674  C  CB  . PHE C 1 11 ? -11.044 -18.021 -4.314  1.00 6.00  ?  103 PHE B CB  1 
ATOM   675  C  CG  . PHE C 1 11 ? -9.877  -17.089 -4.275  1.00 5.69  ?  103 PHE B CG  1 
ATOM   676  C  CD1 . PHE C 1 11 ? -8.590  -17.570 -4.463  1.00 7.36  ?  103 PHE B CD1 1 
ATOM   677  C  CD2 . PHE C 1 11 ? -10.061 -15.731 -4.097  1.00 5.39  ?  103 PHE B CD2 1 
ATOM   678  C  CE1 . PHE C 1 11 ? -7.506  -16.711 -4.452  1.00 8.53  ?  103 PHE B CE1 1 
ATOM   679  C  CE2 . PHE C 1 11 ? -8.986  -14.872 -4.092  1.00 7.13  ?  103 PHE B CE2 1 
ATOM   680  C  CZ  . PHE C 1 11 ? -7.706  -15.363 -4.263  1.00 7.56  ?  103 PHE B CZ  1 
ATOM   681  N  N   . LYS C 1 12 ? -11.892 -20.936 -5.552  1.00 6.56  ?  104 LYS B N   1 
ATOM   682  C  CA  . LYS C 1 12 ? -12.746 -22.087 -5.316  1.00 7.68  ?  104 LYS B CA  1 
ATOM   683  C  C   . LYS C 1 12 ? -13.149 -22.177 -3.848  1.00 7.85  ?  104 LYS B C   1 
ATOM   684  O  O   . LYS C 1 12 ? -12.513 -21.602 -2.958  1.00 7.92  ?  104 LYS B O   1 
ATOM   685  C  CB  . LYS C 1 12 ? -12.039 -23.378 -5.741  1.00 8.27  ?  104 LYS B CB  1 
ATOM   686  C  CG  . LYS C 1 12 ? -11.649 -23.396 -7.216  1.00 11.12 ?  104 LYS B CG  1 
ATOM   687  C  CD  . LYS C 1 12 ? -10.925 -24.674 -7.615  1.00 17.08 ?  104 LYS B CD  1 
ATOM   688  C  CE  . LYS C 1 12 ? -10.740 -24.736 -9.120  1.00 20.24 ?  104 LYS B CE  1 
ATOM   689  N  NZ  . LYS C 1 12 ? -9.666  -23.809 -9.576  1.00 20.95 ?  104 LYS B NZ  1 
ATOM   690  N  N   . VAL C 1 13 ? -14.214 -22.940 -3.601  1.00 9.85  ?  105 VAL B N   1 
ATOM   691  C  CA  . VAL C 1 13 ? -14.632 -23.211 -2.235  1.00 8.66  ?  105 VAL B CA  1 
ATOM   692  C  C   . VAL C 1 13 ? -13.501 -23.942 -1.530  1.00 7.03  ?  105 VAL B C   1 
ATOM   693  O  O   . VAL C 1 13 ? -13.034 -24.982 -2.001  1.00 9.17  ?  105 VAL B O   1 
ATOM   694  C  CB  . VAL C 1 13 ? -15.920 -24.043 -2.236  1.00 8.92  ?  105 VAL B CB  1 
ATOM   695  C  CG1 . VAL C 1 13 ? -16.289 -24.459 -0.816  1.00 13.31 ?  105 VAL B CG1 1 
ATOM   696  C  CG2 . VAL C 1 13 ? -17.062 -23.271 -2.890  1.00 11.20 ?  105 VAL B CG2 1 
ATOM   697  N  N   . GLY C 1 14 ? -13.048 -23.407 -0.400  1.00 8.76  ?  106 GLY B N   1 
ATOM   698  C  CA  . GLY C 1 14 ? -11.969 -24.049 0.326   1.00 9.94  ?  106 GLY B CA  1 
ATOM   699  C  C   . GLY C 1 14 ? -10.569 -23.695 -0.134  1.00 8.76  ?  106 GLY B C   1 
ATOM   700  O  O   . GLY C 1 14 ? -9.604  -24.273 0.380   1.00 9.36  ?  106 GLY B O   1 
ATOM   701  N  N   . GLU C 1 15 ? -10.420 -22.738 -1.047  1.00 7.15  ?  107 GLU B N   1 
ATOM   702  C  CA  . GLU C 1 15 ? -9.105  -22.409 -1.593  1.00 6.94  ?  107 GLU B CA  1 
ATOM   703  C  C   . GLU C 1 15 ? -8.445  -21.295 -0.780  1.00 5.32  ?  107 GLU B C   1 
ATOM   704  O  O   . GLU C 1 15 ? -9.094  -20.282 -0.488  1.00 6.09  ?  107 GLU B O   1 
ATOM   705  C  CB  . GLU C 1 15 ? -9.228  -21.972 -3.044  1.00 6.61  ?  107 GLU B CB  1 
ATOM   706  C  CG  . GLU C 1 15 ? -7.883  -21.737 -3.685  1.00 7.17  ?  107 GLU B CG  1 
ATOM   707  C  CD  . GLU C 1 15 ? -7.955  -21.336 -5.141  1.00 8.72  ?  107 GLU B CD  1 
ATOM   708  O  OE1 . GLU C 1 15 ? -9.060  -21.310 -5.746  1.00 8.04  ?  107 GLU B OE1 1 
ATOM   709  O  OE2 . GLU C 1 15 ? -6.873  -21.032 -5.692  1.00 14.73 -1 107 GLU B OE2 1 
ATOM   710  N  N   . PRO C 1 16 ? -7.168  -21.432 -0.412  1.00 5.72  ?  108 PRO B N   1 
ATOM   711  C  CA  . PRO C 1 16 ? -6.507  -20.381 0.384   1.00 5.25  ?  108 PRO B CA  1 
ATOM   712  C  C   . PRO C 1 16 ? -6.344  -19.069 -0.366  1.00 5.93  ?  108 PRO B C   1 
ATOM   713  O  O   . PRO C 1 16 ? -6.078  -19.046 -1.570  1.00 6.82  ?  108 PRO B O   1 
ATOM   714  C  CB  . PRO C 1 16 ? -5.139  -20.991 0.700   1.00 7.01  ?  108 PRO B CB  1 
ATOM   715  C  CG  . PRO C 1 16 ? -4.926  -21.974 -0.384  1.00 10.78 ?  108 PRO B CG  1 
ATOM   716  C  CD  . PRO C 1 16 ? -6.279  -22.578 -0.646  1.00 7.14  ?  108 PRO B CD  1 
ATOM   717  N  N   . THR C 1 17 ? -6.522  -17.975 0.373   1.00 5.27  ?  109 THR B N   1 
ATOM   718  C  CA  . THR C 1 17 ? -6.178  -16.634 -0.079  1.00 5.00  ?  109 THR B CA  1 
ATOM   719  C  C   . THR C 1 17 ? -5.145  -16.072 0.888   1.00 4.39  ?  109 THR B C   1 
ATOM   720  O  O   . THR C 1 17 ? -5.102  -16.451 2.072   1.00 4.50  ?  109 THR B O   1 
ATOM   721  C  CB  . THR C 1 17 ? -7.395  -15.679 -0.104  1.00 5.30  ?  109 THR B CB  1 
ATOM   722  O  OG1 . THR C 1 17 ? -7.695  -15.224 1.228   1.00 5.90  ?  109 THR B OG1 1 
ATOM   723  C  CG2 . THR C 1 17 ? -8.613  -16.366 -0.705  1.00 6.35  ?  109 THR B CG2 1 
ATOM   724  N  N   . TYR C 1 18 ? -4.308  -15.163 0.393   1.00 4.35  ?  110 TYR B N   1 
ATOM   725  C  CA  . TYR C 1 18 ? -3.208  -14.615 1.183   1.00 4.54  ?  110 TYR B CA  1 
ATOM   726  C  C   . TYR C 1 18 ? -3.243  -13.102 1.135   1.00 4.26  ?  110 TYR B C   1 
ATOM   727  O  O   . TYR C 1 18 ? -3.099  -12.506 0.062   1.00 4.62  ?  110 TYR B O   1 
ATOM   728  C  CB  . TYR C 1 18 ? -1.851  -15.104 0.665   1.00 4.65  ?  110 TYR B CB  1 
ATOM   729  C  CG  . TYR C 1 18 ? -1.710  -16.587 0.790   1.00 4.16  ?  110 TYR B CG  1 
ATOM   730  C  CD1 . TYR C 1 18 ? -2.212  -17.424 -0.188  1.00 5.18  ?  110 TYR B CD1 1 
ATOM   731  C  CD2 . TYR C 1 18 ? -1.126  -17.150 1.916   1.00 5.03  ?  110 TYR B CD2 1 
ATOM   732  C  CE1 . TYR C 1 18 ? -2.130  -18.795 -0.063  1.00 5.42  ?  110 TYR B CE1 1 
ATOM   733  C  CE2 . TYR C 1 18 ? -1.026  -18.528 2.052   1.00 5.36  ?  110 TYR B CE2 1 
ATOM   734  C  CZ  . TYR C 1 18 ? -1.540  -19.337 1.060   1.00 5.29  ?  110 TYR B CZ  1 
ATOM   735  O  OH  . TYR C 1 18 ? -1.461  -20.706 1.150   1.00 8.01  ?  110 TYR B OH  1 
ATOM   736  N  N   . SER C 1 19 ? -3.386  -12.475 2.292   1.00 4.08  ?  111 SER B N   1 
ATOM   737  C  CA  . SER C 1 19 ? -3.272  -11.026 2.385   1.00 4.91  ?  111 SER B CA  1 
ATOM   738  C  C   . SER C 1 19 ? -2.027  -10.695 3.189   1.00 5.82  ?  111 SER B C   1 
ATOM   739  O  O   . SER C 1 19 ? -1.808  -11.261 4.268   1.00 12.34 ?  111 SER B O   1 
ATOM   740  C  CB  . SER C 1 19 ? -4.492  -10.424 3.072   1.00 4.57  ?  111 SER B CB  1 
ATOM   741  O  OG  . SER C 1 19 ? -4.411  -9.006  3.049   1.00 5.70  ?  111 SER B OG  1 
ATOM   742  N  N   . CYS C 1 20 ? -1.217  -9.778  2.685   1.00 5.60  ?  112 CYS B N   1 
ATOM   743  C  CA  . CYS C 1 20 ? -0.025  -9.363  3.410   1.00 5.49  ?  112 CYS B CA  1 
ATOM   744  C  C   . CYS C 1 20 ? -0.404  -8.298  4.434   1.00 5.75  ?  112 CYS B C   1 
ATOM   745  O  O   . CYS C 1 20 ? -0.870  -7.213  4.074   1.00 6.25  ?  112 CYS B O   1 
ATOM   746  C  CB  . CYS C 1 20 ? 1.036   -8.830  2.453   1.00 5.98  ?  112 CYS B CB  1 
ATOM   747  S  SG  . CYS C 1 20 ? 2.503   -8.431  3.386   1.00 5.52  ?  112 CYS B SG  1 
ATOM   748  N  N   . ARG C 1 21 ? -0.202  -8.602  5.715   1.00 5.44  ?  113 ARG B N   1 
ATOM   749  C  CA  . ARG C 1 21 ? -0.519  -7.621  6.749   1.00 6.28  ?  113 ARG B CA  1 
ATOM   750  C  C   . ARG C 1 21 ? 0.400   -6.409  6.667   1.00 7.48  ?  113 ARG B C   1 
ATOM   751  O  O   . ARG C 1 21 ? -0.016  -5.300  7.015   1.00 9.43  ?  113 ARG B O   1 
ATOM   752  C  CB  . ARG C 1 21 ? -0.414  -8.260  8.137   1.00 6.81  ?  113 ARG B CB  1 
ATOM   753  C  CG  . ARG C 1 21 ? -1.320  -9.463  8.368   1.00 6.59  ?  113 ARG B CG  1 
ATOM   754  C  CD  . ARG C 1 21 ? -0.859  -10.260 9.594   1.00 7.26  ?  113 ARG B CD  1 
ATOM   755  N  NE  . ARG C 1 21 ? -1.610  -11.497 9.785   1.00 6.63  ?  113 ARG B NE  1 
ATOM   756  C  CZ  . ARG C 1 21 ? -2.701  -11.613 10.528  1.00 4.55  ?  113 ARG B CZ  1 
ATOM   757  N  NH1 . ARG C 1 21 ? -3.206  -10.572 11.183  1.00 6.54  ?  113 ARG B NH1 1 
ATOM   758  N  NH2 . ARG C 1 21 ? -3.313  -12.795 10.608  1.00 6.33  ?  113 ARG B NH2 1 
ATOM   759  N  N   . ASP C 1 22 ? 1.637   -6.600  6.208   1.00 6.10  ?  114 ASP B N   1 
ATOM   760  C  CA  . ASP C 1 22 ? 2.585   -5.496  6.102   1.00 6.63  ?  114 ASP B CA  1 
ATOM   761  C  C   . ASP C 1 22 ? 2.304   -4.586  4.912   1.00 6.88  ?  114 ASP B C   1 
ATOM   762  O  O   . ASP C 1 22 ? 2.668   -3.402  4.959   1.00 8.91  ?  114 ASP B O   1 
ATOM   763  C  CB  . ASP C 1 22 ? 4.007   -6.041  6.000   1.00 7.98  ?  114 ASP B CB  1 
ATOM   764  C  CG  . ASP C 1 22 ? 4.464   -6.687  7.275   1.00 7.59  ?  114 ASP B CG  1 
ATOM   765  O  OD1 . ASP C 1 22 ? 4.086   -6.189  8.350   1.00 13.43 ?  114 ASP B OD1 1 
ATOM   766  O  OD2 . ASP C 1 22 ? 5.197   -7.684  7.210   1.00 10.93 -1 114 ASP B OD2 1 
ATOM   767  N  N   . CYS C 1 23 ? 1.647   -5.080  3.855   1.00 5.36  ?  115 CYS B N   1 
ATOM   768  C  CA  . CYS C 1 23 ? 1.574   -4.334  2.602   1.00 5.53  ?  115 CYS B CA  1 
ATOM   769  C  C   . CYS C 1 23 ? 0.166   -4.059  2.088   1.00 5.70  ?  115 CYS B C   1 
ATOM   770  O  O   . CYS C 1 23 ? -0.010  -3.112  1.320   1.00 6.41  ?  115 CYS B O   1 
ATOM   771  C  CB  . CYS C 1 23 ? 2.357   -5.057  1.491   1.00 5.69  ?  115 CYS B CB  1 
ATOM   772  S  SG  . CYS C 1 23 ? 4.121   -5.301  1.813   1.00 6.11  ?  115 CYS B SG  1 
ATOM   773  N  N   . ALA C 1 24 ? -0.823  -4.869  2.442   1.00 5.64  ?  116 ALA B N   1 
ATOM   774  C  CA  . ALA C 1 24 ? -2.150  -4.710  1.857   1.00 5.23  ?  116 ALA B CA  1 
ATOM   775  C  C   . ALA C 1 24 ? -2.848  -3.453  2.367   1.00 4.91  ?  116 ALA B C   1 
ATOM   776  O  O   . ALA C 1 24 ? -2.685  -3.054  3.526   1.00 6.80  ?  116 ALA B O   1 
ATOM   777  C  CB  . ALA C 1 24 ? -3.025  -5.911  2.205   1.00 6.02  ?  116 ALA B CB  1 
ATOM   778  N  N   . VAL C 1 25 ? -3.666  -2.852  1.498   1.00 5.11  ?  117 VAL B N   1 
ATOM   779  C  CA  . VAL C 1 25 ? -4.552  -1.787  1.955   1.00 4.77  ?  117 VAL B CA  1 
ATOM   780  C  C   . VAL C 1 25 ? -5.404  -2.278  3.108   1.00 5.68  ?  117 VAL B C   1 
ATOM   781  O  O   . VAL C 1 25 ? -5.592  -1.572  4.106   1.00 7.21  ?  117 VAL B O   1 
ATOM   782  C  CB  . VAL C 1 25 ? -5.440  -1.295  0.803   1.00 5.06  ?  117 VAL B CB  1 
ATOM   783  C  CG1 . VAL C 1 25 ? -6.455  -0.304  1.334   1.00 7.42  ?  117 VAL B CG1 1 
ATOM   784  C  CG2 . VAL C 1 25 ? -4.601  -0.636  -0.254  1.00 6.94  ?  117 VAL B CG2 1 
ATOM   785  N  N   . ASP C 1 26 ? -5.953  -3.483  2.980   1.00 5.22  ?  118 ASP B N   1 
ATOM   786  C  CA  . ASP C 1 26 ? -6.882  -4.020  3.959   1.00 6.06  ?  118 ASP B CA  1 
ATOM   787  C  C   . ASP C 1 26 ? -6.991  -5.518  3.723   1.00 4.78  ?  118 ASP B C   1 
ATOM   788  O  O   . ASP C 1 26 ? -6.431  -6.048  2.743   1.00 5.36  ?  118 ASP B O   1 
ATOM   789  C  CB  . ASP C 1 26 ? -8.254  -3.320  3.863   1.00 6.48  ?  118 ASP B CB  1 
ATOM   790  C  CG  . ASP C 1 26 ? -8.868  -3.419  2.495   1.00 7.62  ?  118 ASP B CG  1 
ATOM   791  O  OD1 . ASP C 1 26 ? -8.908  -4.536  1.943   1.00 7.13  ?  118 ASP B OD1 1 
ATOM   792  O  OD2 . ASP C 1 26 ? -9.341  -2.375  1.980   1.00 8.65  -1 118 ASP B OD2 1 
ATOM   793  N  N   . PRO C 1 27 ? -7.690  -6.239  4.604   1.00 4.50  ?  119 PRO B N   1 
ATOM   794  C  CA  . PRO C 1 27 ? -7.790  -7.696  4.442   1.00 4.79  ?  119 PRO B CA  1 
ATOM   795  C  C   . PRO C 1 27 ? -8.516  -8.166  3.190   1.00 4.19  ?  119 PRO B C   1 
ATOM   796  O  O   . PRO C 1 27 ? -8.463  -9.372  2.905   1.00 5.85  ?  119 PRO B O   1 
ATOM   797  C  CB  . PRO C 1 27 ? -8.524  -8.140  5.713   1.00 6.23  ?  119 PRO B CB  1 
ATOM   798  C  CG  . PRO C 1 27 ? -8.137  -7.100  6.728   1.00 6.25  ?  119 PRO B CG  1 
ATOM   799  C  CD  . PRO C 1 27 ? -8.133  -5.820  5.950   1.00 7.71  ?  119 PRO B CD  1 
ATOM   800  N  N   . THR C 1 28 ? -9.194  -7.291  2.441   1.00 4.28  ?  120 THR B N   1 
ATOM   801  C  CA  . THR C 1 28 ? -9.817  -7.740  1.198   1.00 4.79  ?  120 THR B CA  1 
ATOM   802  C  C   . THR C 1 28 ? -8.800  -7.917  0.083   1.00 4.09  ?  120 THR B C   1 
ATOM   803  O  O   . THR C 1 28 ? -9.138  -8.523  -0.940  1.00 4.35  ?  120 THR B O   1 
ATOM   804  C  CB  . THR C 1 28 ? -10.943 -6.801  0.712   1.00 4.25  ?  120 THR B CB  1 
ATOM   805  O  OG1 . THR C 1 28 ? -10.390 -5.622  0.117   1.00 5.69  ?  120 THR B OG1 1 
ATOM   806  C  CG2 . THR C 1 28 ? -11.885 -6.416  1.846   1.00 6.34  ?  120 THR B CG2 1 
ATOM   807  N  N   . CYS C 1 29 ? -7.602  -7.349  0.227   1.00 3.55  ?  121 CYS B N   1 
ATOM   808  C  CA  . CYS C 1 29 ? -6.554  -7.468  -0.783  1.00 4.19  ?  121 CYS B CA  1 
ATOM   809  C  C   . CYS C 1 29 ? -5.842  -8.799  -0.611  1.00 4.28  ?  121 CYS B C   1 
ATOM   810  O  O   . CYS C 1 29 ? -5.260  -9.059  0.444   1.00 4.03  ?  121 CYS B O   1 
ATOM   811  C  CB  . CYS C 1 29 ? -5.549  -6.331  -0.627  1.00 4.48  ?  121 CYS B CB  1 
ATOM   812  S  SG  . CYS C 1 29 ? -6.259  -4.696  -0.822  1.00 5.56  ?  121 CYS B SG  1 
ATOM   813  N  N   . VAL C 1 30 ? -5.901  -9.653  -1.638  1.00 4.02  ?  122 VAL B N   1 
ATOM   814  C  CA  . VAL C 1 30 ? -5.460  -11.037 -1.513  1.00 4.82  ?  122 VAL B CA  1 
ATOM   815  C  C   . VAL C 1 30 ? -4.748  -11.494 -2.774  1.00 4.35  ?  122 VAL B C   1 
ATOM   816  O  O   . VAL C 1 30 ? -4.971  -10.979 -3.877  1.00 4.22  ?  122 VAL B O   1 
ATOM   817  C  CB  . VAL C 1 30 ? -6.619  -12.010 -1.201  1.00 4.26  ?  122 VAL B CB  1 
ATOM   818  C  CG1 . VAL C 1 30 ? -7.207  -11.758 0.176   1.00 5.25  ?  122 VAL B CG1 1 
ATOM   819  C  CG2 . VAL C 1 30 ? -7.683  -11.977 -2.300  1.00 5.05  ?  122 VAL B CG2 1 
ATOM   820  N  N   . LEU C 1 31 ? -3.905  -12.504 -2.590  1.00 4.37  ?  123 LEU B N   1 
ATOM   821  C  CA  . LEU C 1 31 ? -3.246  -13.221 -3.667  1.00 3.94  ?  123 LEU B CA  1 
ATOM   822  C  C   . LEU C 1 31 ? -3.629  -14.694 -3.598  1.00 4.05  ?  123 LEU B C   1 
ATOM   823  O  O   . LEU C 1 31 ? -3.813  -15.250 -2.512  1.00 4.99  ?  123 LEU B O   1 
ATOM   824  C  CB  . LEU C 1 31 ? -1.726  -13.119 -3.516  1.00 5.30  ?  123 LEU B CB  1 
ATOM   825  C  CG  . LEU C 1 31 ? -1.156  -11.703 -3.566  1.00 5.00  ?  123 LEU B CG  1 
ATOM   826  C  CD1 . LEU C 1 31 ? 0.337   -11.727 -3.234  1.00 8.78  ?  123 LEU B CD1 1 
ATOM   827  C  CD2 . LEU C 1 31 ? -1.403  -11.105 -4.925  1.00 5.75  ?  123 LEU B CD2 1 
ATOM   828  N  N   . CYS C 1 32 ? -3.752  -15.324 -4.768  1.00 4.35  ?  124 CYS B N   1 
ATOM   829  C  CA  . CYS C 1 32 ? -3.816  -16.778 -4.837  1.00 4.51  ?  124 CYS B CA  1 
ATOM   830  C  C   . CYS C 1 32 ? -2.481  -17.372 -4.373  1.00 4.43  ?  124 CYS B C   1 
ATOM   831  O  O   . CYS C 1 32 ? -1.469  -16.677 -4.262  1.00 4.24  ?  124 CYS B O   1 
ATOM   832  C  CB  . CYS C 1 32 ? -4.192  -17.241 -6.256  1.00 4.34  ?  124 CYS B CB  1 
ATOM   833  S  SG  . CYS C 1 32 ? -2.869  -17.012 -7.516  1.00 4.76  ?  124 CYS B SG  1 
ATOM   834  N  N   . MET C 1 33 ? -2.488  -18.680 -4.105  1.00 4.63  ?  125 MET B N   1 
ATOM   835  C  CA  . MET C 1 33 ? -1.320  -19.302 -3.490  1.00 4.64  ?  125 MET B CA  1 
ATOM   836  C  C   . MET C 1 33 ? -0.099  -19.212 -4.404  1.00 4.68  ?  125 MET B C   1 
ATOM   837  O  O   . MET C 1 33 ? 1.006   -18.896 -3.950  1.00 5.57  ?  125 MET B O   1 
ATOM   838  C  CB  . MET C 1 33 ? -1.626  -20.756 -3.144  1.00 5.91  ?  125 MET B CB  1 
ATOM   839  C  CG  . MET C 1 33 ? -0.491  -21.433 -2.398  1.00 6.07  ?  125 MET B CG  1 
ATOM   840  S  SD  . MET C 1 33 ? -0.591  -23.213 -2.231  1.00 10.70 ?  125 MET B SD  1 
ATOM   841  C  CE  . MET C 1 33 ? -2.212  -23.484 -1.581  1.00 16.12 ?  125 MET B CE  1 
ATOM   842  N  N   . GLU C 1 34 ? -0.275  -19.486 -5.698  1.00 5.54  ?  126 GLU B N   1 
ATOM   843  C  CA  . GLU C 1 34 ? 0.858   -19.427 -6.617  1.00 6.84  ?  126 GLU B CA  1 
ATOM   844  C  C   . GLU C 1 34 ? 1.452   -18.024 -6.694  1.00 6.09  ?  126 GLU B C   1 
ATOM   845  O  O   . GLU C 1 34 ? 2.677   -17.853 -6.656  1.00 6.90  ?  126 GLU B O   1 
ATOM   846  C  CB  . GLU C 1 34 ? 0.415   -19.926 -7.988  1.00 9.13  ?  126 GLU B CB  1 
ATOM   847  C  CG  . GLU C 1 34 ? 1.436   -19.818 -9.084  1.00 16.45 ?  126 GLU B CG  1 
ATOM   848  C  CD  . GLU C 1 34 ? 0.932   -20.438 -10.367 1.00 19.84 ?  126 GLU B CD  1 
ATOM   849  O  OE1 . GLU C 1 34 ? 0.481   -19.679 -11.252 1.00 24.18 ?  126 GLU B OE1 1 
ATOM   850  O  OE2 . GLU C 1 34 ? 1.015   -21.677 -10.506 1.00 23.85 -1 126 GLU B OE2 1 
ATOM   851  N  N   . CYS C 1 35 ? 0.597   -16.997 -6.756  1.00 5.19  ?  127 CYS B N   1 
ATOM   852  C  CA  . CYS C 1 35 ? 1.104   -15.628 -6.750  1.00 4.88  ?  127 CYS B CA  1 
ATOM   853  C  C   . CYS C 1 35 ? 1.812   -15.314 -5.439  1.00 5.20  ?  127 CYS B C   1 
ATOM   854  O  O   . CYS C 1 35 ? 2.923   -14.769 -5.440  1.00 6.65  ?  127 CYS B O   1 
ATOM   855  C  CB  . CYS C 1 35 ? -0.014  -14.626 -7.057  1.00 5.32  ?  127 CYS B CB  1 
ATOM   856  S  SG  . CYS C 1 35 ? -0.669  -14.764 -8.752  1.00 4.32  ?  127 CYS B SG  1 
ATOM   857  N  N   . PHE C 1 36 ? 1.195   -15.681 -4.311  1.00 5.46  ?  128 PHE B N   1 
ATOM   858  C  CA  . PHE C 1 36 ? 1.775   -15.386 -3.003  1.00 5.80  ?  128 PHE B CA  1 
ATOM   859  C  C   . PHE C 1 36 ? 3.152   -16.022 -2.853  1.00 4.82  ?  128 PHE B C   1 
ATOM   860  O  O   . PHE C 1 36 ? 4.117   -15.363 -2.445  1.00 4.86  ?  128 PHE B O   1 
ATOM   861  C  CB  . PHE C 1 36 ? 0.838   -15.897 -1.905  1.00 5.25  ?  128 PHE B CB  1 
ATOM   862  C  CG  . PHE C 1 36 ? 1.410   -15.776 -0.514  1.00 5.95  ?  128 PHE B CG  1 
ATOM   863  C  CD1 . PHE C 1 36 ? 1.524   -14.540 0.096   1.00 8.05  ?  128 PHE B CD1 1 
ATOM   864  C  CD2 . PHE C 1 36 ? 1.862   -16.897 0.171   1.00 6.93  ?  128 PHE B CD2 1 
ATOM   865  C  CE1 . PHE C 1 36 ? 2.067   -14.434 1.377   1.00 8.39  ?  128 PHE B CE1 1 
ATOM   866  C  CE2 . PHE C 1 36 ? 2.396   -16.794 1.446   1.00 9.55  ?  128 PHE B CE2 1 
ATOM   867  C  CZ  . PHE C 1 36 ? 2.496   -15.569 2.042   1.00 10.95 ?  128 PHE B CZ  1 
ATOM   868  N  N   . LEU C 1 37 ? 3.264   -17.309 -3.182  1.00 5.87  ?  129 LEU B N   1 
ATOM   869  C  CA  . LEU C 1 37 ? 4.514   -18.027 -2.952  1.00 5.56  ?  129 LEU B CA  1 
ATOM   870  C  C   . LEU C 1 37 ? 5.634   -17.541 -3.857  1.00 5.72  ?  129 LEU B C   1 
ATOM   871  O  O   . LEU C 1 37 ? 6.806   -17.713 -3.505  1.00 7.15  ?  129 LEU B O   1 
ATOM   872  C  CB  . LEU C 1 37 ? 4.288   -19.528 -3.136  1.00 6.93  ?  129 LEU B CB  1 
ATOM   873  C  CG  . LEU C 1 37 ? 3.435   -20.174 -2.044  1.00 6.72  ?  129 LEU B CG  1 
ATOM   874  C  CD1 . LEU C 1 37 ? 3.262   -21.646 -2.369  1.00 8.37  ?  129 LEU B CD1 1 
ATOM   875  C  CD2 . LEU C 1 37 ? 4.019   -19.989 -0.650  1.00 9.84  ?  129 LEU B CD2 1 
ATOM   876  N  N   . GLY C 1 38 ? 5.299   -16.948 -5.001  1.00 4.92  ?  130 GLY B N   1 
ATOM   877  C  CA  . GLY C 1 38 ? 6.279   -16.330 -5.872  1.00 5.68  ?  130 GLY B CA  1 
ATOM   878  C  C   . GLY C 1 38 ? 6.390   -14.828 -5.707  1.00 5.61  ?  130 GLY B C   1 
ATOM   879  O  O   . GLY C 1 38 ? 6.858   -14.140 -6.617  1.00 6.49  ?  130 GLY B O   1 
ATOM   880  N  N   . SER C 1 39 ? 5.997   -14.307 -4.548  1.00 5.54  ?  131 SER B N   1 
ATOM   881  C  CA  . SER C 1 39 ? 6.003   -12.874 -4.285  1.00 6.97  ?  131 SER B CA  1 
ATOM   882  C  C   . SER C 1 39 ? 6.908   -12.557 -3.103  1.00 6.31  ?  131 SER B C   1 
ATOM   883  O  O   . SER C 1 39 ? 7.255   -13.432 -2.305  1.00 6.25  ?  131 SER B O   1 
ATOM   884  C  CB  . SER C 1 39 ? 4.588   -12.363 -3.969  1.00 6.75  ?  131 SER B CB  1 
ATOM   885  O  OG  . SER C 1 39 ? 4.238   -12.610 -2.614  1.00 7.08  ?  131 SER B OG  1 
ATOM   886  N  N   . ILE C 1 40 ? 7.245   -11.269 -2.964  1.00 5.05  ?  132 ILE B N   1 
ATOM   887  C  CA  . ILE C 1 40 ? 8.026   -10.832 -1.810  1.00 6.91  ?  132 ILE B CA  1 
ATOM   888  C  C   . ILE C 1 40 ? 7.250   -10.951 -0.514  1.00 7.16  ?  132 ILE B C   1 
ATOM   889  O  O   . ILE C 1 40 ? 7.846   -10.915 0.566   1.00 7.80  ?  132 ILE B O   1 
ATOM   890  C  CB  . ILE C 1 40 ? 8.544   -9.382  -1.948  1.00 7.61  ?  132 ILE B CB  1 
ATOM   891  C  CG1 . ILE C 1 40 ? 7.390   -8.369  -1.961  1.00 7.52  ?  132 ILE B CG1 1 
ATOM   892  C  CG2 . ILE C 1 40 ? 9.457   -9.228  -3.159  1.00 8.32  ?  132 ILE B CG2 1 
ATOM   893  C  CD1 . ILE C 1 40 ? 7.861   -6.914  -1.844  1.00 9.69  ?  132 ILE B CD1 1 
ATOM   894  N  N   . HIS C 1 41 ? 5.930   -11.069 -0.582  1.00 5.97  ?  133 HIS B N   1 
ATOM   895  C  CA  . HIS C 1 41 ? 5.118   -11.089 0.629   1.00 6.02  ?  133 HIS B CA  1 
ATOM   896  C  C   . HIS C 1 41 ? 5.200   -12.401 1.381   1.00 5.25  ?  133 HIS B C   1 
ATOM   897  O  O   . HIS C 1 41 ? 4.744   -12.465 2.527   1.00 6.56  ?  133 HIS B O   1 
ATOM   898  C  CB  . HIS C 1 41 ? 3.671   -10.722 0.289   1.00 5.60  ?  133 HIS B CB  1 
ATOM   899  C  CG  . HIS C 1 41 ? 3.585   -9.470  -0.511  1.00 5.65  ?  133 HIS B CG  1 
ATOM   900  N  ND1 . HIS C 1 41 ? 3.847   -8.229  0.032   1.00 4.98  ?  133 HIS B ND1 1 
ATOM   901  C  CD2 . HIS C 1 41 ? 3.393   -9.280  -1.835  1.00 6.71  ?  133 HIS B CD2 1 
ATOM   902  C  CE1 . HIS C 1 41 ? 3.769   -7.321  -0.927  1.00 6.09  ?  133 HIS B CE1 1 
ATOM   903  N  NE2 . HIS C 1 41 ? 3.496   -7.932  -2.069  1.00 6.41  ?  133 HIS B NE2 1 
ATOM   904  N  N   . ARG C 1 42 ? 5.783   -13.440 0.782   1.00 6.20  ?  134 ARG B N   1 
ATOM   905  C  CA  . ARG C 1 42 ? 5.876   -14.709 1.491   1.00 8.14  ?  134 ARG B CA  1 
ATOM   906  C  C   . ARG C 1 42 ? 6.742   -14.612 2.740   1.00 8.17  ?  134 ARG B C   1 
ATOM   907  O  O   . ARG C 1 42 ? 6.606   -15.452 3.638   1.00 11.44 ?  134 ARG B O   1 
ATOM   908  C  CB  . ARG C 1 42 ? 6.375   -15.824 0.573   1.00 10.88 ?  134 ARG B CB  1 
ATOM   909  C  CG  . ARG C 1 42 ? 7.800   -15.666 0.133   1.00 10.59 ?  134 ARG B CG  1 
ATOM   910  C  CD  . ARG C 1 42 ? 8.273   -16.895 -0.622  1.00 12.01 ?  134 ARG B CD  1 
ATOM   911  N  NE  . ARG C 1 42 ? 8.261   -18.075 0.235   1.00 12.64 ?  134 ARG B NE  1 
ATOM   912  C  CZ  . ARG C 1 42 ? 7.950   -19.298 -0.174  1.00 14.13 ?  134 ARG B CZ  1 
ATOM   913  N  NH1 . ARG C 1 42 ? 7.606   -19.539 -1.427  1.00 8.91  ?  134 ARG B NH1 1 
ATOM   914  N  NH2 . ARG C 1 42 ? 8.010   -20.306 0.693   1.00 14.88 ?  134 ARG B NH2 1 
ATOM   915  N  N   . ASP C 1 43 ? 7.603   -13.599 2.822   1.00 8.53  ?  135 ASP B N   1 
ATOM   916  C  CA  . ASP C 1 43 ? 8.467   -13.348 3.970   1.00 9.77  ?  135 ASP B CA  1 
ATOM   917  C  C   . ASP C 1 43 ? 7.872   -12.354 4.948   1.00 9.33  ?  135 ASP B C   1 
ATOM   918  O  O   . ASP C 1 43 ? 8.465   -12.110 6.007   1.00 12.12 ?  135 ASP B O   1 
ATOM   919  C  CB  . ASP C 1 43 ? 9.815   -12.799 3.494   1.00 13.71 ?  135 ASP B CB  1 
ATOM   920  C  CG  . ASP C 1 43 ? 10.535  -13.755 2.583   1.00 18.09 ?  135 ASP B CG  1 
ATOM   921  O  OD1 . ASP C 1 43 ? 11.036  -13.308 1.532   1.00 19.04 ?  135 ASP B OD1 1 
ATOM   922  O  OD2 . ASP C 1 43 ? 10.601  -14.956 2.926   1.00 18.73 ?  135 ASP B OD2 1 
ATOM   923  N  N   . HIS C 1 44 ? 6.739   -11.764 4.615   1.00 7.01  ?  136 HIS B N   1 
ATOM   924  C  CA  . HIS C 1 44 ? 6.133   -10.740 5.440   1.00 5.39  ?  136 HIS B CA  1 
ATOM   925  C  C   . HIS C 1 44 ? 5.132   -11.383 6.392   1.00 5.96  ?  136 HIS B C   1 
ATOM   926  O  O   . HIS C 1 44 ? 4.861   -12.582 6.335   1.00 7.82  ?  136 HIS B O   1 
ATOM   927  C  CB  . HIS C 1 44 ? 5.453   -9.705  4.548   1.00 6.10  ?  136 HIS B CB  1 
ATOM   928  C  CG  . HIS C 1 44 ? 6.401   -8.980  3.646   1.00 6.48  ?  136 HIS B CG  1 
ATOM   929  N  ND1 . HIS C 1 44 ? 5.970   -8.173  2.613   1.00 5.16  ?  136 HIS B ND1 1 
ATOM   930  C  CD2 . HIS C 1 44 ? 7.756   -8.957  3.604   1.00 7.10  ?  136 HIS B CD2 1 
ATOM   931  C  CE1 . HIS C 1 44 ? 7.021   -7.669  1.987   1.00 6.25  ?  136 HIS B CE1 1 
ATOM   932  N  NE2 . HIS C 1 44 ? 8.116   -8.130  2.568   1.00 7.31  ?  136 HIS B NE2 1 
ATOM   933  N  N   . ARG C 1 45 ? 4.595   -10.582 7.300   1.00 5.96  ?  137 ARG B N   1 
ATOM   934  C  CA  . ARG C 1 45 ? 3.523   -11.074 8.148   1.00 6.59  ?  137 ARG B CA  1 
ATOM   935  C  C   . ARG C 1 45 ? 2.260   -11.106 7.307   1.00 6.13  ?  137 ARG B C   1 
ATOM   936  O  O   . ARG C 1 45 ? 1.930   -10.120 6.648   1.00 7.01  ?  137 ARG B O   1 
ATOM   937  C  CB  . ARG C 1 45 ? 3.362   -10.162 9.362   1.00 8.82  ?  137 ARG B CB  1 
ATOM   938  C  CG  . ARG C 1 45 ? 4.513   -10.333 10.352  1.00 9.84  ?  137 ARG B CG  1 
ATOM   939  C  CD  . ARG C 1 45 ? 4.503   -9.264  11.415  1.00 12.53 ?  137 ARG B CD  1 
ATOM   940  N  NE  . ARG C 1 45 ? 4.814   -7.962  10.841  1.00 15.40 ?  137 ARG B NE  1 
ATOM   941  C  CZ  . ARG C 1 45 ? 5.083   -6.876  11.549  1.00 19.02 ?  137 ARG B CZ  1 
ATOM   942  N  NH1 . ARG C 1 45 ? 5.099   -6.903  12.873  1.00 19.95 ?  137 ARG B NH1 1 
ATOM   943  N  NH2 . ARG C 1 45 ? 5.349   -5.737  10.916  1.00 19.40 ?  137 ARG B NH2 1 
ATOM   944  N  N   . TYR C 1 46 ? 1.565   -12.242 7.300   1.00 5.90  ?  138 TYR B N   1 
ATOM   945  C  CA  . TYR C 1 46 ? 0.486   -12.441 6.346   1.00 6.39  ?  138 TYR B CA  1 
ATOM   946  C  C   . TYR C 1 46 ? -0.694  -13.145 7.006   1.00 4.61  ?  138 TYR B C   1 
ATOM   947  O  O   . TYR C 1 46 ? -0.619  -13.627 8.147   1.00 6.48  ?  138 TYR B O   1 
ATOM   948  C  CB  . TYR C 1 46 ? 0.979   -13.170 5.091   1.00 6.19  ?  138 TYR B CB  1 
ATOM   949  C  CG  . TYR C 1 46 ? 1.296   -14.640 5.262   1.00 6.95  ?  138 TYR B CG  1 
ATOM   950  C  CD1 . TYR C 1 46 ? 0.306   -15.607 5.123   1.00 6.33  ?  138 TYR B CD1 1 
ATOM   951  C  CD2 . TYR C 1 46 ? 2.588   -15.062 5.540   1.00 10.25 ?  138 TYR B CD2 1 
ATOM   952  C  CE1 . TYR C 1 46 ? 0.597   -16.956 5.254   1.00 7.92  ?  138 TYR B CE1 1 
ATOM   953  C  CE2 . TYR C 1 46 ? 2.891   -16.407 5.667   1.00 9.04  ?  138 TYR B CE2 1 
ATOM   954  C  CZ  . TYR C 1 46 ? 1.885   -17.350 5.531   1.00 7.99  ?  138 TYR B CZ  1 
ATOM   955  O  OH  . TYR C 1 46 ? 2.170   -18.702 5.650   1.00 9.00  ?  138 TYR B OH  1 
ATOM   956  N  N   . ARG C 1 47 ? -1.797  -13.199 6.259   1.00 4.90  ?  139 ARG B N   1 
ATOM   957  C  CA  . ARG C 1 47 ? -3.010  -13.868 6.707   1.00 5.33  ?  139 ARG B CA  1 
ATOM   958  C  C   . ARG C 1 47 ? -3.457  -14.818 5.614   1.00 5.44  ?  139 ARG B C   1 
ATOM   959  O  O   . ARG C 1 47 ? -3.816  -14.380 4.514   1.00 5.01  ?  139 ARG B O   1 
ATOM   960  C  CB  . ARG C 1 47 ? -4.134  -12.875 6.988   1.00 6.05  ?  139 ARG B CB  1 
ATOM   961  C  CG  . ARG C 1 47 ? -5.402  -13.544 7.475   1.00 6.55  ?  139 ARG B CG  1 
ATOM   962  C  CD  . ARG C 1 47 ? -6.577  -12.574 7.526   1.00 7.05  ?  139 ARG B CD  1 
ATOM   963  N  NE  . ARG C 1 47 ? -6.332  -11.448 8.419   1.00 7.34  ?  139 ARG B NE  1 
ATOM   964  C  CZ  . ARG C 1 47 ? -5.864  -10.264 8.044   1.00 6.92  ?  139 ARG B CZ  1 
ATOM   965  N  NH1 . ARG C 1 47 ? -5.689  -9.956  6.766   1.00 6.76  ?  139 ARG B NH1 1 
ATOM   966  N  NH2 . ARG C 1 47 ? -5.543  -9.371  8.979   1.00 8.68  ?  139 ARG B NH2 1 
ATOM   967  N  N   . MET C 1 48 ? -3.457  -16.107 5.924   1.00 4.52  ?  140 MET B N   1 
ATOM   968  C  CA  . MET C 1 48 ? -4.072  -17.108 5.062   1.00 5.01  ?  140 MET B CA  1 
ATOM   969  C  C   . MET C 1 48 ? -5.514  -17.250 5.522   1.00 4.83  ?  140 MET B C   1 
ATOM   970  O  O   . MET C 1 48 ? -5.770  -17.700 6.645   1.00 6.10  ?  140 MET B O   1 
ATOM   971  C  CB  . MET C 1 48 ? -3.288  -18.414 5.152   1.00 6.48  ?  140 MET B CB  1 
ATOM   972  C  CG  . MET C 1 48 ? -3.714  -19.556 4.216   1.00 6.08  ?  140 MET B CG  1 
ATOM   973  S  SD  . MET C 1 48 ? -5.388  -20.186 4.358   1.00 8.43  ?  140 MET B SD  1 
ATOM   974  C  CE  . MET C 1 48 ? -5.338  -21.082 5.903   1.00 15.03 ?  140 MET B CE  1 
ATOM   975  N  N   . THR C 1 49 ? -6.449  -16.830 4.669   1.00 5.49  ?  141 THR B N   1 
ATOM   976  C  CA  . THR C 1 49 ? -7.883  -17.006 4.893   1.00 7.01  ?  141 THR B CA  1 
ATOM   977  C  C   . THR C 1 49 ? -8.411  -17.854 3.754   1.00 5.67  ?  141 THR B C   1 
ATOM   978  O  O   . THR C 1 49 ? -8.246  -17.499 2.584   1.00 6.13  ?  141 THR B O   1 
ATOM   979  C  CB  . THR C 1 49 ? -8.626  -15.666 4.915   1.00 6.05  ?  141 THR B CB  1 
ATOM   980  O  OG1 . THR C 1 49 ? -8.179  -14.897 6.034   1.00 8.56  ?  141 THR B OG1 1 
ATOM   981  C  CG2 . THR C 1 49 ? -10.145 -15.897 5.023   1.00 8.88  ?  141 THR B CG2 1 
ATOM   982  N  N   . THR C 1 50 ? -9.059  -18.954 4.088   1.00 6.51  ?  142 THR B N   1 
ATOM   983  C  CA  . THR C 1 50 ? -9.635  -19.807 3.064   1.00 7.31  ?  142 THR B CA  1 
ATOM   984  C  C   . THR C 1 50 ? -10.896 -19.159 2.503   1.00 6.85  ?  142 THR B C   1 
ATOM   985  O  O   . THR C 1 50 ? -11.773 -18.728 3.258   1.00 8.21  ?  142 THR B O   1 
ATOM   986  C  CB  . THR C 1 50 ? -9.979  -21.146 3.703   1.00 9.45  ?  142 THR B CB  1 
ATOM   987  O  OG1 . THR C 1 50 ? -8.791  -21.722 4.272   1.00 11.76 ?  142 THR B OG1 1 
ATOM   988  C  CG2 . THR C 1 50 ? -10.561 -22.075 2.689   1.00 10.26 ?  142 THR B CG2 1 
ATOM   989  N  N   . SER C 1 51 ? -10.993 -19.078 1.177   1.00 6.32  ?  143 SER B N   1 
ATOM   990  C  CA  . SER C 1 51 ? -12.204 -18.547 0.561   1.00 6.61  ?  143 SER B CA  1 
ATOM   991  C  C   . SER C 1 51 ? -13.372 -19.492 0.761   1.00 5.01  ?  143 SER B C   1 
ATOM   992  O  O   . SER C 1 51 ? -13.231 -20.702 0.608   1.00 6.28  ?  143 SER B O   1 
ATOM   993  C  CB  . SER C 1 51 ? -12.005 -18.374 -0.935  1.00 6.18  ?  143 SER B CB  1 
ATOM   994  O  OG  . SER C 1 51 ? -13.251 -18.027 -1.534  1.00 6.74  ?  143 SER B OG  1 
ATOM   995  N  N   . GLY C 1 52 ? -14.530 -18.927 1.089   1.00 5.82  ?  144 GLY B N   1 
ATOM   996  C  CA  . GLY C 1 52 ? -15.734 -19.727 1.107   1.00 7.27  ?  144 GLY B CA  1 
ATOM   997  C  C   . GLY C 1 52 ? -16.342 -19.996 -0.251  1.00 6.84  ?  144 GLY B C   1 
ATOM   998  O  O   . GLY C 1 52 ? -17.393 -20.652 -0.343  1.00 7.74  ?  144 GLY B O   1 
ATOM   999  N  N   . GLY C 1 53 ? -15.680 -19.524 -1.311  1.00 5.94  ?  145 GLY B N   1 
ATOM   1000 C  CA  . GLY C 1 53 ? -16.196 -19.550 -2.666  1.00 7.13  ?  145 GLY B CA  1 
ATOM   1001 C  C   . GLY C 1 53 ? -16.283 -18.131 -3.186  1.00 6.71  ?  145 GLY B C   1 
ATOM   1002 O  O   . GLY C 1 53 ? -16.975 -17.304 -2.590  1.00 7.52  ?  145 GLY B O   1 
ATOM   1003 N  N   . GLY C 1 54 ? -15.582 -17.826 -4.272  1.00 6.32  ?  146 GLY B N   1 
ATOM   1004 C  CA  . GLY C 1 54 ? -15.614 -16.496 -4.850  1.00 6.36  ?  146 GLY B CA  1 
ATOM   1005 C  C   . GLY C 1 54 ? -14.497 -15.602 -4.341  1.00 5.09  ?  146 GLY B C   1 
ATOM   1006 O  O   . GLY C 1 54 ? -13.603 -16.009 -3.584  1.00 5.45  ?  146 GLY B O   1 
ATOM   1007 N  N   . GLY C 1 55 ? -14.559 -14.345 -4.774  1.00 5.68  ?  147 GLY B N   1 
ATOM   1008 C  CA  . GLY C 1 55 ? -13.421 -13.461 -4.662  1.00 6.05  ?  147 GLY B CA  1 
ATOM   1009 C  C   . GLY C 1 55 ? -12.399 -13.753 -5.748  1.00 4.88  ?  147 GLY B C   1 
ATOM   1010 O  O   . GLY C 1 55 ? -12.491 -14.733 -6.491  1.00 5.45  ?  147 GLY B O   1 
ATOM   1011 N  N   . PHE C 1 56 ? -11.403 -12.874 -5.847  1.00 5.11  ?  148 PHE B N   1 
ATOM   1012 C  CA  . PHE C 1 56 ? -10.445 -12.968 -6.949  1.00 4.59  ?  148 PHE B CA  1 
ATOM   1013 C  C   . PHE C 1 56 ? -9.076  -12.441 -6.534  1.00 5.11  ?  148 PHE B C   1 
ATOM   1014 O  O   . PHE C 1 56 ? -8.954  -11.628 -5.618  1.00 5.08  ?  148 PHE B O   1 
ATOM   1015 C  CB  . PHE C 1 56 ? -10.947 -12.256 -8.213  1.00 5.40  ?  148 PHE B CB  1 
ATOM   1016 C  CG  . PHE C 1 56 ? -11.195 -10.780 -8.036  1.00 7.00  ?  148 PHE B CG  1 
ATOM   1017 C  CD1 . PHE C 1 56 ? -12.342 -10.320 -7.412  1.00 8.06  ?  148 PHE B CD1 1 
ATOM   1018 C  CD2 . PHE C 1 56 ? -10.297 -9.854  -8.523  1.00 7.95  ?  148 PHE B CD2 1 
ATOM   1019 C  CE1 . PHE C 1 56 ? -12.583 -8.962  -7.255  1.00 9.00  ?  148 PHE B CE1 1 
ATOM   1020 C  CE2 . PHE C 1 56 ? -10.538 -8.489  -8.379  1.00 9.87  ?  148 PHE B CE2 1 
ATOM   1021 C  CZ  . PHE C 1 56 ? -11.688 -8.055  -7.739  1.00 8.76  ?  148 PHE B CZ  1 
ATOM   1022 N  N   . CYS C 1 57 ? -8.047  -12.944 -7.213  1.00 4.54  ?  149 CYS B N   1 
ATOM   1023 C  CA  . CYS C 1 57 ? -6.665  -12.584 -6.908  1.00 4.24  ?  149 CYS B CA  1 
ATOM   1024 C  C   . CYS C 1 57 ? -6.349  -11.160 -7.365  1.00 3.74  ?  149 CYS B C   1 
ATOM   1025 O  O   . CYS C 1 57 ? -6.705  -10.761 -8.479  1.00 5.08  ?  149 CYS B O   1 
ATOM   1026 C  CB  . CYS C 1 57 ? -5.731  -13.586 -7.591  1.00 4.51  ?  149 CYS B CB  1 
ATOM   1027 S  SG  . CYS C 1 57 ? -3.981  -13.210 -7.353  1.00 4.19  ?  149 CYS B SG  1 
ATOM   1028 N  N   . ASP C 1 58 ? -5.676  -10.402 -6.490  1.00 3.73  ?  150 ASP B N   1 
ATOM   1029 C  CA  . ASP C 1 58 ? -5.303  -9.011  -6.740  1.00 4.53  ?  150 ASP B CA  1 
ATOM   1030 C  C   . ASP C 1 58 ? -3.852  -8.842  -7.197  1.00 3.08  ?  150 ASP B C   1 
ATOM   1031 O  O   . ASP C 1 58 ? -3.292  -7.740  -7.093  1.00 4.43  ?  150 ASP B O   1 
ATOM   1032 C  CB  . ASP C 1 58 ? -5.561  -8.155  -5.500  1.00 4.64  ?  150 ASP B CB  1 
ATOM   1033 C  CG  . ASP C 1 58 ? -7.010  -8.150  -5.089  1.00 4.24  ?  150 ASP B CG  1 
ATOM   1034 O  OD1 . ASP C 1 58 ? -7.854  -7.760  -5.922  1.00 5.31  ?  150 ASP B OD1 1 
ATOM   1035 O  OD2 . ASP C 1 58 ? -7.299  -8.561  -3.946  1.00 4.60  -1 150 ASP B OD2 1 
ATOM   1036 N  N   . CYS C 1 59 ? -3.217  -9.907  -7.679  1.00 3.91  ?  151 CYS B N   1 
ATOM   1037 C  CA  . CYS C 1 59 ? -1.859  -9.751  -8.191  1.00 4.22  ?  151 CYS B CA  1 
ATOM   1038 C  C   . CYS C 1 59 ? -1.826  -8.709  -9.303  1.00 3.77  ?  151 CYS B C   1 
ATOM   1039 O  O   . CYS C 1 59 ? -2.710  -8.664  -10.161 1.00 5.53  ?  151 CYS B O   1 
ATOM   1040 C  CB  . CYS C 1 59 ? -1.303  -11.083 -8.698  1.00 4.21  ?  151 CYS B CB  1 
ATOM   1041 S  SG  . CYS C 1 59 ? 0.434   -11.011 -9.080  1.00 7.33  ?  151 CYS B SG  1 
ATOM   1042 N  N   . GLY C 1 60 ? -0.813  -7.840  -9.263  1.00 4.56  ?  152 GLY B N   1 
ATOM   1043 C  CA  . GLY C 1 60 ? -0.673  -6.821  -10.282 1.00 5.78  ?  152 GLY B CA  1 
ATOM   1044 C  C   . GLY C 1 60 ? -1.507  -5.579  -10.071 1.00 5.21  ?  152 GLY B C   1 
ATOM   1045 O  O   . GLY C 1 60 ? -1.417  -4.651  -10.887 1.00 7.63  ?  152 GLY B O   1 
ATOM   1046 N  N   . ASP C 1 61 ? -2.343  -5.534  -9.039  1.00 5.29  ?  153 ASP B N   1 
ATOM   1047 C  CA  . ASP C 1 61 ? -3.078  -4.313  -8.731  1.00 4.37  ?  153 ASP B CA  1 
ATOM   1048 C  C   . ASP C 1 61 ? -2.144  -3.429  -7.918  1.00 4.94  ?  153 ASP B C   1 
ATOM   1049 O  O   . ASP C 1 61 ? -1.923  -3.665  -6.728  1.00 4.77  ?  153 ASP B O   1 
ATOM   1050 C  CB  . ASP C 1 61 ? -4.352  -4.638  -7.966  1.00 5.36  ?  153 ASP B CB  1 
ATOM   1051 C  CG  . ASP C 1 61 ? -5.153  -3.393  -7.615  1.00 7.03  ?  153 ASP B CG  1 
ATOM   1052 O  OD1 . ASP C 1 61 ? -4.674  -2.261  -7.852  1.00 7.19  ?  153 ASP B OD1 1 
ATOM   1053 O  OD2 . ASP C 1 61 ? -6.280  -3.549  -7.107  1.00 9.33  -1 153 ASP B OD2 1 
ATOM   1054 N  N   . THR C 1 62 ? -1.566  -2.412  -8.569  1.00 4.33  ?  154 THR B N   1 
ATOM   1055 C  CA  . THR C 1 62 ? -0.549  -1.597  -7.913  1.00 5.20  ?  154 THR B CA  1 
ATOM   1056 C  C   . THR C 1 62 ? -1.127  -0.735  -6.802  1.00 5.84  ?  154 THR B C   1 
ATOM   1057 O  O   . THR C 1 62 ? -0.357  -0.156  -6.023  1.00 6.80  ?  154 THR B O   1 
ATOM   1058 C  CB  . THR C 1 62 ? 0.178   -0.699  -8.913  1.00 5.90  ?  154 THR B CB  1 
ATOM   1059 O  OG1 . THR C 1 62 ? -0.774  0.171   -9.532  1.00 7.31  ?  154 THR B OG1 1 
ATOM   1060 C  CG2 . THR C 1 62 ? 0.892   -1.545  -9.972  1.00 7.73  ?  154 THR B CG2 1 
ATOM   1061 N  N   . GLU C 1 63 ? -2.455  -0.632  -6.712  1.00 5.30  ?  155 GLU B N   1 
ATOM   1062 C  CA  . GLU C 1 63 ? -3.094  0.133   -5.651  1.00 5.63  ?  155 GLU B CA  1 
ATOM   1063 C  C   . GLU C 1 63 ? -3.383  -0.708  -4.419  1.00 5.77  ?  155 GLU B C   1 
ATOM   1064 O  O   . GLU C 1 63 ? -3.718  -0.151  -3.372  1.00 7.32  ?  155 GLU B O   1 
ATOM   1065 C  CB  . GLU C 1 63 ? -4.409  0.738   -6.145  1.00 7.07  ?  155 GLU B CB  1 
ATOM   1066 C  CG  . GLU C 1 63 ? -4.277  1.534   -7.422  1.00 7.63  ?  155 GLU B CG  1 
ATOM   1067 C  CD  . GLU C 1 63 ? -5.574  2.200   -7.811  1.00 9.92  ?  155 GLU B CD  1 
ATOM   1068 O  OE1 . GLU C 1 63 ? -6.646  1.665   -7.449  1.00 14.52 ?  155 GLU B OE1 1 
ATOM   1069 O  OE2 . GLU C 1 63 ? -5.513  3.277   -8.443  1.00 9.96  -1 155 GLU B OE2 1 
ATOM   1070 N  N   . ALA C 1 64 ? -3.273  -2.027  -4.517  1.00 5.51  ?  156 ALA B N   1 
ATOM   1071 C  CA  . ALA C 1 64 ? -3.646  -2.903  -3.416  1.00 5.41  ?  156 ALA B CA  1 
ATOM   1072 C  C   . ALA C 1 64 ? -2.499  -3.172  -2.456  1.00 5.04  ?  156 ALA B C   1 
ATOM   1073 O  O   . ALA C 1 64 ? -2.737  -3.644  -1.336  1.00 6.52  ?  156 ALA B O   1 
ATOM   1074 C  CB  . ALA C 1 64 ? -4.151  -4.242  -3.972  1.00 6.82  ?  156 ALA B CB  1 
ATOM   1075 N  N   . TRP C 1 65 ? -1.264  -2.903  -2.878  1.00 5.75  ?  157 TRP B N   1 
ATOM   1076 C  CA  . TRP C 1 65 ? -0.071  -3.352  -2.176  1.00 4.96  ?  157 TRP B CA  1 
ATOM   1077 C  C   . TRP C 1 65 ? 0.869   -2.167  -2.038  1.00 5.38  ?  157 TRP B C   1 
ATOM   1078 O  O   . TRP C 1 65 ? 1.170   -1.501  -3.034  1.00 8.17  ?  157 TRP B O   1 
ATOM   1079 C  CB  . TRP C 1 65 ? 0.627   -4.473  -2.978  1.00 5.97  ?  157 TRP B CB  1 
ATOM   1080 C  CG  . TRP C 1 65 ? -0.320  -5.575  -3.372  1.00 5.36  ?  157 TRP B CG  1 
ATOM   1081 C  CD1 . TRP C 1 65 ? -0.846  -5.809  -4.613  1.00 5.77  ?  157 TRP B CD1 1 
ATOM   1082 C  CD2 . TRP C 1 65 ? -0.892  -6.545  -2.500  1.00 4.73  ?  157 TRP B CD2 1 
ATOM   1083 N  NE1 . TRP C 1 65 ? -1.702  -6.883  -4.573  1.00 5.54  ?  157 TRP B NE1 1 
ATOM   1084 C  CE2 . TRP C 1 65 ? -1.746  -7.355  -3.282  1.00 4.83  ?  157 TRP B CE2 1 
ATOM   1085 C  CE3 . TRP C 1 65 ? -0.748  -6.828  -1.137  1.00 5.87  ?  157 TRP B CE3 1 
ATOM   1086 C  CZ2 . TRP C 1 65 ? -2.470  -8.412  -2.733  1.00 5.20  ?  157 TRP B CZ2 1 
ATOM   1087 C  CZ3 . TRP C 1 65 ? -1.455  -7.880  -0.603  1.00 5.95  ?  157 TRP B CZ3 1 
ATOM   1088 C  CH2 . TRP C 1 65 ? -2.308  -8.658  -1.395  1.00 5.07  ?  157 TRP B CH2 1 
ATOM   1089 N  N   . LYS C 1 66 ? 1.338   -1.898  -0.819  1.00 5.89  ?  158 LYS B N   1 
ATOM   1090 C  CA  . LYS C 1 66 ? 2.193   -0.723  -0.647  1.00 7.22  ?  158 LYS B CA  1 
ATOM   1091 C  C   . LYS C 1 66 ? 3.513   -0.901  -1.384  1.00 6.39  ?  158 LYS B C   1 
ATOM   1092 O  O   . LYS C 1 66 ? 4.131   0.090   -1.797  1.00 8.48  ?  158 LYS B O   1 
ATOM   1093 C  CB  . LYS C 1 66 ? 2.427   -0.400  0.834   1.00 7.44  ?  158 LYS B CB  1 
ATOM   1094 C  CG  . LYS C 1 66 ? 3.470   -1.257  1.535   1.00 8.05  ?  158 LYS B CG  1 
ATOM   1095 C  CD  . LYS C 1 66 ? 3.569   -0.902  3.015   1.00 7.87  ?  158 LYS B CD  1 
ATOM   1096 C  CE  . LYS C 1 66 ? 4.939   -1.190  3.602   1.00 14.05 ?  158 LYS B CE  1 
ATOM   1097 N  NZ  . LYS C 1 66 ? 5.252   -2.642  3.655   1.00 17.58 ?  158 LYS B NZ  1 
ATOM   1098 N  N   . GLU C 1 67 ? 3.938   -2.151  -1.576  1.00 6.03  ?  159 GLU B N   1 
ATOM   1099 C  CA  . GLU C 1 67 ? 5.117   -2.501  -2.347  1.00 7.60  ?  159 GLU B CA  1 
ATOM   1100 C  C   . GLU C 1 67 ? 4.883   -3.897  -2.906  1.00 5.82  ?  159 GLU B C   1 
ATOM   1101 O  O   . GLU C 1 67 ? 3.983   -4.615  -2.460  1.00 6.43  ?  159 GLU B O   1 
ATOM   1102 C  CB  . GLU C 1 67 ? 6.365   -2.482  -1.463  1.00 9.61  ?  159 GLU B CB  1 
ATOM   1103 C  CG  . GLU C 1 67 ? 6.398   -3.612  -0.465  1.00 10.97 ?  159 GLU B CG  1 
ATOM   1104 C  CD  . GLU C 1 67 ? 7.532   -3.495  0.528   1.00 18.20 ?  159 GLU B CD  1 
ATOM   1105 O  OE1 . GLU C 1 67 ? 7.766   -2.382  1.042   1.00 22.77 ?  159 GLU B OE1 1 
ATOM   1106 O  OE2 . GLU C 1 67 ? 8.210   -4.513  0.773   1.00 19.99 -1 159 GLU B OE2 1 
ATOM   1107 N  N   . GLY C 1 68 ? 5.687   -4.270  -3.902  1.00 6.97  ?  160 GLY B N   1 
ATOM   1108 C  CA  . GLY C 1 68 ? 5.650   -5.596  -4.484  1.00 8.31  ?  160 GLY B CA  1 
ATOM   1109 C  C   . GLY C 1 68 ? 4.328   -6.002  -5.118  1.00 5.92  ?  160 GLY B C   1 
ATOM   1110 O  O   . GLY C 1 68 ? 3.715   -6.998  -4.725  1.00 7.00  ?  160 GLY B O   1 
ATOM   1111 N  N   . PRO C 1 69 ? 3.870   -5.259  -6.132  1.00 6.08  ?  161 PRO B N   1 
ATOM   1112 C  CA  . PRO C 1 69 ? 2.564   -5.575  -6.740  1.00 7.89  ?  161 PRO B CA  1 
ATOM   1113 C  C   . PRO C 1 69 ? 2.552   -6.809  -7.635  1.00 5.89  ?  161 PRO B C   1 
ATOM   1114 O  O   . PRO C 1 69 ? 1.473   -7.370  -7.838  1.00 7.48  ?  161 PRO B O   1 
ATOM   1115 C  CB  . PRO C 1 69 ? 2.234   -4.306  -7.534  1.00 9.35  ?  161 PRO B CB  1 
ATOM   1116 C  CG  . PRO C 1 69 ? 3.581   -3.745  -7.880  1.00 10.79 ?  161 PRO B CG  1 
ATOM   1117 C  CD  . PRO C 1 69 ? 4.419   -3.991  -6.651  1.00 8.63  ?  161 PRO B CD  1 
ATOM   1118 N  N   . TYR C 1 70 ? 3.683   -7.233  -8.197  1.00 5.90  ?  162 TYR B N   1 
ATOM   1119 C  CA  . TYR C 1 70 ? 3.724   -8.324  -9.175  1.00 6.16  ?  162 TYR B CA  1 
ATOM   1120 C  C   . TYR C 1 70 ? 4.513   -9.502  -8.625  1.00 6.20  ?  162 TYR B C   1 
ATOM   1121 O  O   . TYR C 1 70 ? 5.643   -9.331  -8.154  1.00 8.23  ?  162 TYR B O   1 
ATOM   1122 C  CB  . TYR C 1 70 ? 4.391   -7.882  -10.487 1.00 6.82  ?  162 TYR B CB  1 
ATOM   1123 C  CG  . TYR C 1 70 ? 3.770   -6.670  -11.126 1.00 5.37  ?  162 TYR B CG  1 
ATOM   1124 C  CD1 . TYR C 1 70 ? 2.519   -6.735  -11.705 1.00 5.60  ?  162 TYR B CD1 1 
ATOM   1125 C  CD2 . TYR C 1 70 ? 4.436   -5.450  -11.138 1.00 7.25  ?  162 TYR B CD2 1 
ATOM   1126 C  CE1 . TYR C 1 70 ? 1.935   -5.610  -12.282 1.00 5.61  ?  162 TYR B CE1 1 
ATOM   1127 C  CE2 . TYR C 1 70 ? 3.861   -4.326  -11.710 1.00 5.75  ?  162 TYR B CE2 1 
ATOM   1128 C  CZ  . TYR C 1 70 ? 2.622   -4.407  -12.280 1.00 5.66  ?  162 TYR B CZ  1 
ATOM   1129 O  OH  . TYR C 1 70 ? 2.078   -3.268  -12.835 1.00 5.52  ?  162 TYR B OH  1 
ATOM   1130 N  N   . CYS C 1 71 ? 3.923   -10.697 -8.690  1.00 5.65  ?  163 CYS B N   1 
ATOM   1131 C  CA  . CYS C 1 71 ? 4.677   -11.907 -8.388  1.00 6.24  ?  163 CYS B CA  1 
ATOM   1132 C  C   . CYS C 1 71 ? 5.567   -12.285 -9.577  1.00 5.33  ?  163 CYS B C   1 
ATOM   1133 O  O   . CYS C 1 71 ? 5.517   -11.674 -10.648 1.00 5.87  ?  163 CYS B O   1 
ATOM   1134 C  CB  . CYS C 1 71 ? 3.728   -13.050 -8.052  1.00 5.77  ?  163 CYS B CB  1 
ATOM   1135 S  SG  . CYS C 1 71 ? 2.989   -13.827 -9.514  1.00 4.94  ?  163 CYS B SG  1 
ATOM   1136 N  N   . GLN C 1 72 ? 6.384   -13.327 -9.401  1.00 5.65  ?  164 GLN B N   1 
ATOM   1137 C  CA  . GLN C 1 72 ? 7.337   -13.702 -10.444 1.00 7.20  ?  164 GLN B CA  1 
ATOM   1138 C  C   . GLN C 1 72 ? 6.625   -14.134 -11.714 1.00 6.21  ?  164 GLN B C   1 
ATOM   1139 O  O   . GLN C 1 72 ? 7.068   -13.804 -12.818 1.00 7.65  ?  164 GLN B O   1 
ATOM   1140 C  CB  . GLN C 1 72 ? 8.240   -14.843 -9.970  1.00 7.94  ?  164 GLN B CB  1 
ATOM   1141 C  CG  . GLN C 1 72 ? 9.259   -15.368 -11.034 1.00 11.60 ?  164 GLN B CG  1 
ATOM   1142 C  CD  . GLN C 1 72 ? 8.713   -16.376 -12.082 1.00 14.77 ?  164 GLN B CD  1 
ATOM   1143 O  OE1 . GLN C 1 72 ? 7.694   -17.034 -11.875 1.00 14.55 ?  164 GLN B OE1 1 
ATOM   1144 N  NE2 . GLN C 1 72 ? 9.427   -16.505 -13.204 1.00 17.22 ?  164 GLN B NE2 1 
ATOM   1145 N  N   . LYS C 1 73 ? 5.541   -14.895 -11.586 1.00 7.24  ?  165 LYS B N   1 
ATOM   1146 C  CA  . LYS C 1 73 ? 4.821   -15.330 -12.776 1.00 9.11  ?  165 LYS B CA  1 
ATOM   1147 C  C   . LYS C 1 73 ? 4.278   -14.139 -13.556 1.00 8.14  ?  165 LYS B C   1 
ATOM   1148 O  O   . LYS C 1 73 ? 4.230   -14.155 -14.793 1.00 9.91  ?  165 LYS B O   1 
ATOM   1149 C  CB  . LYS C 1 73 ? 3.680   -16.257 -12.374 1.00 12.50 ?  165 LYS B CB  1 
ATOM   1150 C  CG  . LYS C 1 73 ? 2.928   -16.811 -13.554 1.00 16.88 ?  165 LYS B CG  1 
ATOM   1151 C  CD  . LYS C 1 73 ? 1.768   -17.672 -13.120 1.00 19.72 ?  165 LYS B CD  1 
ATOM   1152 C  CE  . LYS C 1 73 ? 1.714   -18.983 -13.896 1.00 23.75 ?  165 LYS B CE  1 
ATOM   1153 N  NZ  . LYS C 1 73 ? 2.524   -18.980 -15.145 1.00 28.54 ?  165 LYS B NZ  1 
ATOM   1154 N  N   . HIS C 1 74 ? 3.852   -13.098 -12.849 1.00 6.15  ?  166 HIS B N   1 
ATOM   1155 C  CA  . HIS C 1 74 ? 3.229   -11.940 -13.462 1.00 6.55  ?  166 HIS B CA  1 
ATOM   1156 C  C   . HIS C 1 74 ? 4.178   -10.754 -13.553 1.00 7.30  ?  166 HIS B C   1 
ATOM   1157 O  O   . HIS C 1 74 ? 3.718   -9.612  -13.654 1.00 7.67  ?  166 HIS B O   1 
ATOM   1158 C  CB  . HIS C 1 74 ? 1.936   -11.612 -12.711 1.00 6.74  ?  166 HIS B CB  1 
ATOM   1159 C  CG  . HIS C 1 74 ? 0.897   -12.679 -12.855 1.00 6.95  ?  166 HIS B CG  1 
ATOM   1160 N  ND1 . HIS C 1 74 ? 0.403   -13.404 -11.792 1.00 6.91  ?  166 HIS B ND1 1 
ATOM   1161 C  CD2 . HIS C 1 74 ? 0.274   -13.156 -13.959 1.00 9.47  ?  166 HIS B CD2 1 
ATOM   1162 C  CE1 . HIS C 1 74 ? -0.492  -14.272 -12.233 1.00 7.78  ?  166 HIS B CE1 1 
ATOM   1163 N  NE2 . HIS C 1 74 ? -0.583  -14.147 -13.546 1.00 9.48  ?  166 HIS B NE2 1 
ATOM   1164 N  N   . GLU C 1 75 ? 5.491   -11.007 -13.550 1.00 7.22  ?  167 GLU B N   1 
ATOM   1165 C  CA  . GLU C 1 75 ? 6.461   -9.917  -13.544 1.00 8.26  ?  167 GLU B CA  1 
ATOM   1166 C  C   . GLU C 1 75 ? 6.421   -9.122  -14.844 1.00 7.50  ?  167 GLU B C   1 
ATOM   1167 O  O   . GLU C 1 75 ? 6.940   -8.004  -14.832 1.00 10.99 ?  167 GLU B O   1 
ATOM   1168 C  CB  . GLU C 1 75 ? 7.883   -10.418 -13.260 1.00 13.09 ?  167 GLU B CB  1 
ATOM   1169 C  CG  . GLU C 1 75 ? 8.516   -11.144 -14.414 1.00 14.15 ?  167 GLU B CG  1 
ATOM   1170 C  CD  . GLU C 1 75 ? 9.854   -11.766 -14.052 1.00 16.38 ?  167 GLU B CD  1 
ATOM   1171 O  OE1 . GLU C 1 75 ? 10.272  -11.677 -12.874 1.00 18.24 ?  167 GLU B OE1 1 
ATOM   1172 O  OE2 . GLU C 1 75 ? 10.477  -12.357 -14.954 1.00 21.00 -1 167 GLU B OE2 1 
ATOM   1173 O  OXT . GLU C 1 75 ? 5.908   -9.567  -15.883 1.00 6.93  -1 167 GLU B OXT 1 
ATOM   1174 N  N   . ARG D 2 1  ? -10.066 -9.134  -5.111  1.00 5.24  ?  1   ARG D N   1 
ATOM   1175 C  CA  . ARG D 2 1  ? -10.443 -8.845  -3.725  1.00 4.74  ?  1   ARG D CA  1 
ATOM   1176 C  C   . ARG D 2 1  ? -11.259 -10.020 -3.207  1.00 4.88  ?  1   ARG D C   1 
ATOM   1177 O  O   . ARG D 2 1  ? -11.910 -10.729 -3.986  1.00 5.92  ?  1   ARG D O   1 
ATOM   1178 C  CB  . ARG D 2 1  ? -11.275 -7.567  -3.630  1.00 6.37  ?  1   ARG D CB  1 
ATOM   1179 C  CG  . ARG D 2 1  ? -10.571 -6.289  -4.084  1.00 5.44  ?  1   ARG D CG  1 
ATOM   1180 C  CD  . ARG D 2 1  ? -9.386  -5.950  -3.194  1.00 5.10  ?  1   ARG D CD  1 
ATOM   1181 N  NE  . ARG D 2 1  ? -8.911  -4.572  -3.327  1.00 7.93  ?  1   ARG D NE  1 
ATOM   1182 C  CZ  . ARG D 2 1  ? -8.113  -4.144  -4.295  1.00 7.65  ?  1   ARG D CZ  1 
ATOM   1183 N  NH1 . ARG D 2 1  ? -7.769  -4.931  -5.303  1.00 8.54  ?  1   ARG D NH1 1 
ATOM   1184 N  NH2 . ARG D 2 1  ? -7.630  -2.905  -4.239  1.00 11.14 ?  1   ARG D NH2 1 
ATOM   1185 N  N   . TYR D 2 2  ? -11.234 -10.233 -1.893  1.00 5.02  ?  2   TYR D N   1 
ATOM   1186 C  CA  . TYR D 2 2  ? -12.047 -11.248 -1.232  1.00 5.77  ?  2   TYR D CA  1 
ATOM   1187 C  C   . TYR D 2 2  ? -12.769 -10.592 -0.068  1.00 6.14  ?  2   TYR D C   1 
ATOM   1188 O  O   . TYR D 2 2  ? -12.133 -9.927  0.754   1.00 6.20  ?  2   TYR D O   1 
ATOM   1189 C  CB  . TYR D 2 2  ? -11.194 -12.431 -0.734  1.00 7.07  ?  2   TYR D CB  1 
ATOM   1190 C  CG  . TYR D 2 2  ? -12.030 -13.438 0.021   1.00 6.46  ?  2   TYR D CG  1 
ATOM   1191 C  CD1 . TYR D 2 2  ? -12.985 -14.208 -0.633  1.00 8.24  ?  2   TYR D CD1 1 
ATOM   1192 C  CD2 . TYR D 2 2  ? -11.924 -13.564 1.399   1.00 9.57  ?  2   TYR D CD2 1 
ATOM   1193 C  CE1 . TYR D 2 2  ? -13.785 -15.114 0.061   1.00 8.63  ?  2   TYR D CE1 1 
ATOM   1194 C  CE2 . TYR D 2 2  ? -12.719 -14.468 2.100   1.00 10.21 ?  2   TYR D CE2 1 
ATOM   1195 C  CZ  . TYR D 2 2  ? -13.649 -15.234 1.424   1.00 10.17 ?  2   TYR D CZ  1 
ATOM   1196 O  OH  . TYR D 2 2  ? -14.445 -16.137 2.094   1.00 10.97 ?  2   TYR D OH  1 
ATOM   1197 N  N   . PHE D 2 3  ? -14.081 -10.800 0.011   1.00 5.44  ?  3   PHE D N   1 
ATOM   1198 C  CA  . PHE D 2 3  ? -14.920 -10.194 1.046   1.00 7.85  ?  3   PHE D CA  1 
ATOM   1199 C  C   . PHE D 2 3  ? -15.456 -11.292 1.959   1.00 11.86 ?  3   PHE D C   1 
ATOM   1200 O  O   . PHE D 2 3  ? -16.260 -12.132 1.542   1.00 15.14 ?  3   PHE D O   1 
ATOM   1201 C  CB  . PHE D 2 3  ? -16.061 -9.405  0.401   1.00 9.32  ?  3   PHE D CB  1 
ATOM   1202 C  CG  . PHE D 2 3  ? -15.583 -8.289  -0.477  1.00 7.72  ?  3   PHE D CG  1 
ATOM   1203 C  CD1 . PHE D 2 3  ? -15.152 -7.094  0.085   1.00 10.34 ?  3   PHE D CD1 1 
ATOM   1204 C  CD2 . PHE D 2 3  ? -15.503 -8.444  -1.849  1.00 11.16 ?  3   PHE D CD2 1 
ATOM   1205 C  CE1 . PHE D 2 3  ? -14.690 -6.069  -0.703  1.00 9.74  ?  3   PHE D CE1 1 
ATOM   1206 C  CE2 . PHE D 2 3  ? -15.038 -7.417  -2.648  1.00 11.97 ?  3   PHE D CE2 1 
ATOM   1207 C  CZ  . PHE D 2 3  ? -14.629 -6.223  -2.064  1.00 11.76 ?  3   PHE D CZ  1 
HETATM 1208 N  N   . NH2 D 2 4  ? -14.977 -11.305 3.193   1.00 13.46 ?  4   NH2 D N   1 
HETATM 1209 ZN ZN  . ZN  E 3 .  ? -1.737  10.052  5.324   1.00 4.79  ?  201 ZN  A ZN  1 
HETATM 1210 ZN ZN  . ZN  F 3 .  ? -1.720  12.208  9.161   1.00 5.11  ?  202 ZN  A ZN  1 
HETATM 1211 ZN ZN  . ZN  G 3 .  ? 8.511   20.541  6.633   1.00 5.41  ?  203 ZN  A ZN  1 
HETATM 1212 ZN ZN  . ZN  H 3 .  ? -3.034  -14.956 -8.565  1.00 4.67  ?  201 ZN  B ZN  1 
HETATM 1213 ZN ZN  . ZN  I 3 .  ? 0.795   -13.158 -9.776  1.00 5.08  ?  202 ZN  B ZN  1 
HETATM 1214 ZN ZN  . ZN  J 3 .  ? 4.096   -7.589  1.991   1.00 5.51  ?  203 ZN  B ZN  1 
HETATM 1215 O  O   . HOH K 4 .  ? -6.105  4.889   7.945   1.00 29.35 ?  301 HOH A O   1 
HETATM 1216 O  O   . HOH K 4 .  ? 4.445   -2.998  7.876   1.00 25.11 ?  302 HOH A O   1 
HETATM 1217 O  O   . HOH K 4 .  ? 8.186   22.007  14.310  1.00 20.09 ?  303 HOH A O   1 
HETATM 1218 O  O   . HOH K 4 .  ? -9.367  8.060   7.879   1.00 17.68 ?  304 HOH A O   1 
HETATM 1219 O  O   . HOH K 4 .  ? 14.883  7.049   4.000   1.00 18.14 ?  305 HOH A O   1 
HETATM 1220 O  O   . HOH K 4 .  ? -0.805  27.348  6.203   1.00 24.29 ?  306 HOH A O   1 
HETATM 1221 O  O   . HOH K 4 .  ? 9.429   5.072   12.758  1.00 17.62 ?  307 HOH A O   1 
HETATM 1222 O  O   . HOH K 4 .  ? -8.557  11.938  13.912  1.00 24.18 ?  308 HOH A O   1 
HETATM 1223 O  O   . HOH K 4 .  ? -1.701  1.247   8.583   1.00 18.36 ?  309 HOH A O   1 
HETATM 1224 O  O   . HOH K 4 .  ? 0.109   15.620  18.714  1.00 20.96 ?  310 HOH A O   1 
HETATM 1225 O  O   . HOH K 4 .  ? -1.596  14.037  -8.722  1.00 16.99 ?  311 HOH A O   1 
HETATM 1226 O  O   . HOH K 4 .  ? 18.976  13.083  4.548   1.00 12.74 ?  312 HOH A O   1 
HETATM 1227 O  O   . HOH K 4 .  ? 4.596   25.991  0.945   1.00 16.66 ?  313 HOH A O   1 
HETATM 1228 O  O   . HOH K 4 .  ? 2.883   16.613  10.133  1.00 15.31 ?  314 HOH A O   1 
HETATM 1229 O  O   . HOH K 4 .  ? 4.540   7.626   15.920  1.00 7.41  ?  315 HOH A O   1 
HETATM 1230 O  O   . HOH K 4 .  ? 9.229   8.242   18.138  1.00 7.93  ?  316 HOH A O   1 
HETATM 1231 O  O   . HOH K 4 .  ? 0.643   24.911  -1.693  1.00 16.83 ?  317 HOH A O   1 
HETATM 1232 O  O   . HOH K 4 .  ? 18.265  8.709   2.262   1.00 12.03 ?  318 HOH A O   1 
HETATM 1233 O  O   . HOH K 4 .  ? 1.442   28.564  9.369   1.00 21.66 ?  319 HOH A O   1 
HETATM 1234 O  O   . HOH K 4 .  ? -5.249  1.043   4.864   1.00 12.52 ?  320 HOH A O   1 
HETATM 1235 O  O   . HOH K 4 .  ? -7.478  15.069  15.441  1.00 24.10 ?  321 HOH A O   1 
HETATM 1236 O  O   . HOH K 4 .  ? 0.166   1.452   -11.739 1.00 7.59  ?  322 HOH A O   1 
HETATM 1237 O  O   . HOH K 4 .  ? 6.533   5.210   7.463   1.00 10.44 ?  323 HOH A O   1 
HETATM 1238 O  O   . HOH K 4 .  ? 15.742  8.941   10.380  1.00 10.81 ?  324 HOH A O   1 
HETATM 1239 O  O   . HOH K 4 .  ? 9.178   13.198  -3.209  1.00 5.63  ?  325 HOH A O   1 
HETATM 1240 O  O   . HOH K 4 .  ? -5.941  9.109   -8.802  1.00 22.90 ?  326 HOH A O   1 
HETATM 1241 O  O   . HOH K 4 .  ? 12.471  18.815  15.514  1.00 15.95 ?  327 HOH A O   1 
HETATM 1242 O  O   . HOH K 4 .  ? 9.936   13.672  13.808  1.00 8.26  ?  328 HOH A O   1 
HETATM 1243 O  O   . HOH K 4 .  ? 7.878   19.077  15.571  1.00 16.90 ?  329 HOH A O   1 
HETATM 1244 O  O   . HOH K 4 .  ? 14.131  28.428  -1.738  1.00 22.00 ?  330 HOH A O   1 
HETATM 1245 O  O   . HOH K 4 .  ? 4.129   25.719  9.089   1.00 13.72 ?  331 HOH A O   1 
HETATM 1246 O  O   . HOH K 4 .  ? 13.008  5.439   2.770   1.00 10.20 ?  332 HOH A O   1 
HETATM 1247 O  O   . HOH K 4 .  ? -2.886  11.824  -1.446  1.00 8.33  ?  333 HOH A O   1 
HETATM 1248 O  O   . HOH K 4 .  ? -5.529  11.766  16.496  1.00 18.70 ?  334 HOH A O   1 
HETATM 1249 O  O   . HOH K 4 .  ? 4.093   0.216   7.013   1.00 18.31 ?  335 HOH A O   1 
HETATM 1250 O  O   . HOH K 4 .  ? 13.605  24.292  8.249   1.00 23.92 ?  336 HOH A O   1 
HETATM 1251 O  O   . HOH K 4 .  ? 9.518   12.556  -5.819  1.00 10.52 ?  337 HOH A O   1 
HETATM 1252 O  O   . HOH K 4 .  ? 5.951   9.310   -9.686  1.00 14.99 ?  338 HOH A O   1 
HETATM 1253 O  O   . HOH K 4 .  ? -4.797  16.106  8.313   1.00 8.92  ?  339 HOH A O   1 
HETATM 1254 O  O   . HOH K 4 .  ? 1.564   6.402   8.337   1.00 8.32  ?  340 HOH A O   1 
HETATM 1255 O  O   . HOH K 4 .  ? 14.145  16.704  2.211   1.00 13.76 ?  341 HOH A O   1 
HETATM 1256 O  O   . HOH K 4 .  ? -5.536  12.088  -1.932  1.00 21.14 ?  342 HOH A O   1 
HETATM 1257 O  O   . HOH K 4 .  ? 11.475  5.092   9.393   1.00 19.55 ?  343 HOH A O   1 
HETATM 1258 O  O   . HOH K 4 .  ? 5.882   16.087  -9.792  1.00 15.14 ?  344 HOH A O   1 
HETATM 1259 O  O   . HOH K 4 .  ? 14.575  20.348  -2.816  1.00 18.00 ?  345 HOH A O   1 
HETATM 1260 O  O   . HOH K 4 .  ? -6.010  7.135   9.312   1.00 16.54 ?  346 HOH A O   1 
HETATM 1261 O  O   . HOH K 4 .  ? -6.226  7.276   -11.855 1.00 25.64 ?  347 HOH A O   1 
HETATM 1262 O  O   . HOH K 4 .  ? -5.899  10.186  2.469   1.00 8.71  ?  348 HOH A O   1 
HETATM 1263 O  O   . HOH K 4 .  ? 14.895  16.891  -2.073  1.00 15.51 ?  349 HOH A O   1 
HETATM 1264 O  O   . HOH K 4 .  ? -4.932  5.747   12.640  1.00 24.78 ?  350 HOH A O   1 
HETATM 1265 O  O   . HOH K 4 .  ? -5.434  25.983  0.700   1.00 21.97 ?  351 HOH A O   1 
HETATM 1266 O  O   . HOH K 4 .  ? 3.351   5.913   11.044  1.00 11.77 ?  352 HOH A O   1 
HETATM 1267 O  O   . HOH K 4 .  ? 6.423   13.640  -3.139  1.00 6.11  ?  353 HOH A O   1 
HETATM 1268 O  O   . HOH K 4 .  ? 12.103  15.695  -0.255  1.00 7.27  ?  354 HOH A O   1 
HETATM 1269 O  O   . HOH K 4 .  ? 0.143   4.654   5.430   1.00 13.53 ?  355 HOH A O   1 
HETATM 1270 O  O   . HOH K 4 .  ? 7.452   24.241  -2.560  1.00 17.83 ?  356 HOH A O   1 
HETATM 1271 O  O   . HOH K 4 .  ? 5.127   2.252   -6.230  1.00 16.94 ?  357 HOH A O   1 
HETATM 1272 O  O   . HOH K 4 .  ? -5.383  3.286   1.131   1.00 9.45  ?  358 HOH A O   1 
HETATM 1273 O  O   . HOH K 4 .  ? 8.004   14.860  -9.286  1.00 17.72 ?  359 HOH A O   1 
HETATM 1274 O  O   . HOH K 4 .  ? 13.110  21.910  13.804  1.00 19.74 ?  360 HOH A O   1 
HETATM 1275 O  O   . HOH K 4 .  ? 2.930   24.626  -4.913  1.00 14.42 ?  361 HOH A O   1 
HETATM 1276 O  O   . HOH K 4 .  ? 2.308   18.887  11.454  1.00 11.86 ?  362 HOH A O   1 
HETATM 1277 O  O   . HOH K 4 .  ? -6.054  23.381  2.136   1.00 11.90 ?  363 HOH A O   1 
HETATM 1278 O  O   . HOH K 4 .  ? 4.328   13.900  -10.583 1.00 13.13 ?  364 HOH A O   1 
HETATM 1279 O  O   . HOH K 4 .  ? 7.724   24.838  10.983  1.00 16.78 ?  365 HOH A O   1 
HETATM 1280 O  O   . HOH K 4 .  ? 11.380  3.494   14.627  1.00 22.91 ?  366 HOH A O   1 
HETATM 1281 O  O   . HOH K 4 .  ? -3.952  17.233  20.354  1.00 21.61 ?  367 HOH A O   1 
HETATM 1282 O  O   . HOH K 4 .  ? 4.382   4.468   8.794   1.00 16.41 ?  368 HOH A O   1 
HETATM 1283 O  O   . HOH K 4 .  ? 3.637   16.687  14.995  1.00 9.28  ?  369 HOH A O   1 
HETATM 1284 O  O   . HOH K 4 .  ? 4.500   3.931   -8.929  1.00 14.12 ?  370 HOH A O   1 
HETATM 1285 O  O   . HOH K 4 .  ? -1.828  21.225  12.027  1.00 22.31 ?  371 HOH A O   1 
HETATM 1286 O  O   . HOH K 4 .  ? 11.510  23.098  8.557   1.00 20.18 ?  372 HOH A O   1 
HETATM 1287 O  O   . HOH K 4 .  ? 2.245   14.635  -12.131 1.00 24.00 ?  373 HOH A O   1 
HETATM 1288 O  O   . HOH K 4 .  ? -5.725  8.729   6.897   1.00 12.71 ?  374 HOH A O   1 
HETATM 1289 O  O   . HOH K 4 .  ? -0.886  17.605  14.843  1.00 20.72 ?  375 HOH A O   1 
HETATM 1290 O  O   . HOH K 4 .  ? 6.611   27.071  9.006   1.00 21.29 ?  376 HOH A O   1 
HETATM 1291 O  O   . HOH K 4 .  ? -4.904  -4.904  6.689   1.00 19.50 ?  377 HOH A O   1 
HETATM 1292 O  O   . HOH K 4 .  ? 10.745  25.208  6.909   1.00 20.21 ?  378 HOH A O   1 
HETATM 1293 O  O   . HOH K 4 .  ? -6.841  2.789   -1.015  1.00 19.02 ?  379 HOH A O   1 
HETATM 1294 O  O   . HOH K 4 .  ? -0.185  19.279  13.068  1.00 21.57 ?  380 HOH A O   1 
HETATM 1295 O  O   . HOH K 4 .  ? 4.246   -3.122  13.054  1.00 24.71 ?  381 HOH A O   1 
HETATM 1296 O  O   . HOH K 4 .  ? -8.111  16.724  11.702  1.00 24.09 ?  382 HOH A O   1 
HETATM 1297 O  O   . HOH K 4 .  ? -5.634  2.828   9.354   1.00 24.61 ?  383 HOH A O   1 
HETATM 1298 O  O   . HOH K 4 .  ? -10.660 13.936  2.979   1.00 20.16 ?  384 HOH A O   1 
HETATM 1299 O  O   . HOH K 4 .  ? 0.058   23.142  11.113  1.00 17.71 ?  385 HOH A O   1 
HETATM 1300 O  O   . HOH K 4 .  ? -6.929  17.313  9.581   1.00 9.95  ?  386 HOH A O   1 
HETATM 1301 O  O   . HOH K 4 .  ? 7.499   28.433  7.004   1.00 28.46 ?  387 HOH A O   1 
HETATM 1302 O  O   . HOH K 4 .  ? -8.808  7.674   1.058   1.00 22.81 ?  388 HOH A O   1 
HETATM 1303 O  O   . HOH K 4 .  ? 3.528   19.202  13.871  1.00 11.46 ?  389 HOH A O   1 
HETATM 1304 O  O   . HOH K 4 .  ? -6.748  2.919   3.600   1.00 13.80 ?  390 HOH A O   1 
HETATM 1305 O  O   . HOH K 4 .  ? -7.115  4.757   5.669   1.00 13.13 ?  391 HOH A O   1 
HETATM 1306 O  O   . HOH K 4 .  ? 17.546  24.419  8.973   1.00 24.03 ?  392 HOH A O   1 
HETATM 1307 O  O   . HOH K 4 .  ? 11.629  29.592  2.135   1.00 25.54 ?  393 HOH A O   1 
HETATM 1308 O  O   . HOH K 4 .  ? -9.315  10.255  -0.875  1.00 19.57 ?  394 HOH A O   1 
HETATM 1309 O  O   . HOH K 4 .  ? 12.097  12.750  -6.590  1.00 18.77 ?  395 HOH A O   1 
HETATM 1310 O  O   . HOH K 4 .  ? 4.783   -0.366  -5.823  1.00 17.50 ?  396 HOH A O   1 
HETATM 1311 O  O   . HOH K 4 .  ? -5.382  11.283  6.347   1.00 17.24 ?  397 HOH A O   1 
HETATM 1312 O  O   . HOH K 4 .  ? 10.046  15.719  15.801  1.00 16.77 ?  398 HOH A O   1 
HETATM 1313 O  O   . HOH K 4 .  ? 5.623   11.881  -11.741 1.00 19.62 ?  399 HOH A O   1 
HETATM 1314 O  O   . HOH K 4 .  ? -7.692  7.412   5.694   1.00 10.14 ?  400 HOH A O   1 
HETATM 1315 O  O   . HOH K 4 .  ? -6.061  11.299  -6.300  1.00 21.04 ?  401 HOH A O   1 
HETATM 1316 O  O   . HOH K 4 .  ? 2.774   26.640  -1.124  1.00 27.97 ?  402 HOH A O   1 
HETATM 1317 O  O   . HOH K 4 .  ? -1.627  16.817  21.099  1.00 21.39 ?  403 HOH A O   1 
HETATM 1318 O  O   . HOH K 4 .  ? 5.298   20.759  15.206  1.00 20.04 ?  404 HOH A O   1 
HETATM 1319 O  O   . HOH K 4 .  ? -6.624  9.294   -6.711  1.00 22.03 ?  405 HOH A O   1 
HETATM 1320 O  O   . HOH K 4 .  ? 15.525  23.354  -4.211  1.00 24.44 ?  406 HOH A O   1 
HETATM 1321 O  O   . HOH K 4 .  ? -8.234  7.454   -8.053  1.00 18.61 ?  407 HOH A O   1 
HETATM 1322 O  O   . HOH K 4 .  ? 6.676   0.495   7.613   1.00 24.83 ?  408 HOH A O   1 
HETATM 1323 O  O   . HOH K 4 .  ? -8.179  9.158   3.584   1.00 12.61 ?  409 HOH A O   1 
HETATM 1324 O  O   . HOH K 4 .  ? 8.074   16.398  17.226  1.00 19.20 ?  410 HOH A O   1 
HETATM 1325 O  O   . HOH K 4 .  ? 5.691   25.102  12.881  1.00 9.80  ?  411 HOH A O   1 
HETATM 1326 O  O   . HOH K 4 .  ? 5.442   17.014  17.200  1.00 17.59 ?  412 HOH A O   1 
HETATM 1327 O  O   . HOH K 4 .  ? 8.130   12.963  -11.144 1.00 19.05 ?  413 HOH A O   1 
HETATM 1328 O  O   . HOH K 4 .  ? -10.148 15.714  11.616  1.00 28.11 ?  414 HOH A O   1 
HETATM 1329 O  O   . HOH L 4 .  ? 7.819   1.920   -6.917  1.00 24.47 ?  101 HOH C O   1 
HETATM 1330 O  O   . HOH L 4 .  ? 10.706  8.686   -4.341  1.00 17.24 ?  102 HOH C O   1 
HETATM 1331 O  O   . HOH L 4 .  ? 6.502   3.260   -3.932  1.00 9.16  ?  103 HOH C O   1 
HETATM 1332 O  O   . HOH L 4 .  ? 6.600   1.548   -0.324  1.00 18.43 ?  104 HOH C O   1 
HETATM 1333 O  O   . HOH L 4 .  ? 9.598   9.906   -6.490  1.00 14.06 ?  105 HOH C O   1 
HETATM 1334 O  O   . HOH L 4 .  ? 8.011   2.910   7.374   1.00 18.41 ?  106 HOH C O   1 
HETATM 1335 O  O   . HOH L 4 .  ? 10.440  2.864   7.494   1.00 26.73 ?  107 HOH C O   1 
HETATM 1336 O  O   . HOH M 4 .  ? -4.933  -16.013 -15.621 1.00 29.08 ?  301 HOH B O   1 
HETATM 1337 O  O   . HOH M 4 .  ? 8.120   -0.081  0.791   1.00 18.37 ?  302 HOH B O   1 
HETATM 1338 O  O   . HOH M 4 .  ? -13.650 -6.079  -14.229 1.00 23.10 ?  303 HOH B O   1 
HETATM 1339 O  O   . HOH M 4 .  ? -8.549  -23.156 -11.592 1.00 25.07 ?  304 HOH B O   1 
HETATM 1340 O  O   . HOH M 4 .  ? -9.707  -1.398  -0.309  1.00 15.48 ?  305 HOH B O   1 
HETATM 1341 O  O   . HOH M 4 .  ? -11.814 -26.369 -3.715  1.00 25.24 ?  306 HOH B O   1 
HETATM 1342 O  O   . HOH M 4 .  ? -0.778  -17.642 -10.438 1.00 16.28 ?  307 HOH B O   1 
HETATM 1343 O  O   . HOH M 4 .  ? 11.879  -15.780 -13.335 1.00 17.22 ?  308 HOH B O   1 
HETATM 1344 O  O   . HOH M 4 .  ? 6.251   -17.994 -9.983  1.00 11.36 ?  309 HOH B O   1 
HETATM 1345 O  O   . HOH M 4 .  ? 11.535  -16.509 1.071   1.00 21.89 ?  310 HOH B O   1 
HETATM 1346 O  O   . HOH M 4 .  ? 13.546  -13.238 0.883   1.00 22.11 ?  311 HOH B O   1 
HETATM 1347 O  O   . HOH M 4 .  ? 0.677   -24.188 -9.821  1.00 19.85 ?  312 HOH B O   1 
HETATM 1348 O  O   . HOH M 4 .  ? 6.255   -14.824 6.432   1.00 16.95 ?  313 HOH B O   1 
HETATM 1349 O  O   . HOH M 4 .  ? -7.617  -24.817 -8.242  1.00 21.01 ?  314 HOH B O   1 
HETATM 1350 O  O   . HOH M 4 .  ? -5.451  -0.870  -9.984  1.00 17.81 ?  315 HOH B O   1 
HETATM 1351 O  O   . HOH M 4 .  ? -7.537  -6.273  -8.131  1.00 11.04 ?  316 HOH B O   1 
HETATM 1352 O  O   . HOH M 4 .  ? -12.443 -27.464 -1.172  1.00 22.85 ?  317 HOH B O   1 
HETATM 1353 O  O   . HOH M 4 .  ? 8.414   -6.914  -12.873 1.00 21.62 ?  318 HOH B O   1 
HETATM 1354 O  O   . HOH M 4 .  ? -13.990 -26.469 -4.020  1.00 23.57 ?  319 HOH B O   1 
HETATM 1355 O  O   . HOH M 4 .  ? -0.575  -3.552  -13.192 1.00 7.26  ?  320 HOH B O   1 
HETATM 1356 O  O   . HOH M 4 .  ? -9.966  -0.166  3.388   1.00 12.78 ?  321 HOH B O   1 
HETATM 1357 O  O   . HOH M 4 .  ? 4.775   -19.322 5.342   1.00 16.91 ?  322 HOH B O   1 
HETATM 1358 O  O   . HOH M 4 .  ? 3.803   -9.606  -5.417  1.00 15.10 ?  323 HOH B O   1 
HETATM 1359 O  O   . HOH M 4 .  ? -8.444  -11.771 -15.594 1.00 18.25 ?  324 HOH B O   1 
HETATM 1360 O  O   . HOH M 4 .  ? 2.103   -1.334  -5.578  1.00 8.52  ?  325 HOH B O   1 
HETATM 1361 O  O   . HOH M 4 .  ? -7.318  5.192   -9.124  1.00 24.39 ?  326 HOH B O   1 
HETATM 1362 O  O   . HOH M 4 .  ? 4.129   -16.782 -8.690  1.00 9.40  ?  327 HOH B O   1 
HETATM 1363 O  O   . HOH M 4 .  ? -4.847  2.286   -2.913  1.00 10.74 ?  328 HOH B O   1 
HETATM 1364 O  O   . HOH M 4 .  ? -7.365  -11.314 4.487   1.00 5.86  ?  329 HOH B O   1 
HETATM 1365 O  O   . HOH M 4 .  ? -11.187 -3.588  -1.532  1.00 10.09 ?  330 HOH B O   1 
HETATM 1366 O  O   . HOH M 4 .  ? -7.406  -23.337 2.550   1.00 17.86 ?  331 HOH B O   1 
HETATM 1367 O  O   . HOH M 4 .  ? 6.672   0.857   -2.476  1.00 16.08 ?  332 HOH B O   1 
HETATM 1368 O  O   . HOH M 4 .  ? 10.552  -10.636 0.924   1.00 15.49 ?  333 HOH B O   1 
HETATM 1369 O  O   . HOH M 4 .  ? -2.365  -15.620 -15.029 1.00 17.05 ?  334 HOH B O   1 
HETATM 1370 O  O   . HOH M 4 .  ? -5.059  -9.972  -10.732 1.00 8.83  ?  335 HOH B O   1 
HETATM 1371 O  O   . HOH M 4 .  ? 5.164   -12.091 -16.712 1.00 17.11 ?  336 HOH B O   1 
HETATM 1372 O  O   . HOH M 4 .  ? 4.992   -16.081 -16.615 1.00 26.61 ?  337 HOH B O   1 
HETATM 1373 O  O   . HOH M 4 .  ? -13.365 -16.952 4.646   1.00 15.09 ?  338 HOH B O   1 
HETATM 1374 O  O   . HOH M 4 .  ? 7.102   -18.865 -13.859 1.00 24.59 ?  339 HOH B O   1 
HETATM 1375 O  O   . HOH M 4 .  ? -4.653  -22.680 -5.814  1.00 23.05 ?  340 HOH B O   1 
HETATM 1376 O  O   . HOH M 4 .  ? -9.356  -12.394 5.908   1.00 11.12 ?  341 HOH B O   1 
HETATM 1377 O  O   . HOH M 4 .  ? -4.999  -19.944 -3.964  1.00 8.43  ?  342 HOH B O   1 
HETATM 1378 O  O   . HOH M 4 .  ? -7.059  -7.130  -10.593 1.00 17.89 ?  343 HOH B O   1 
HETATM 1379 O  O   . HOH M 4 .  ? -2.649  -4.808  5.677   1.00 12.58 ?  344 HOH B O   1 
HETATM 1380 O  O   . HOH M 4 .  ? 5.960   -18.157 3.537   1.00 26.79 ?  345 HOH B O   1 
HETATM 1381 O  O   . HOH M 4 .  ? -11.341 -7.649  -11.995 1.00 19.27 ?  346 HOH B O   1 
HETATM 1382 O  O   . HOH M 4 .  ? -4.342  -7.716  5.527   1.00 7.47  ?  347 HOH B O   1 
HETATM 1383 O  O   . HOH M 4 .  ? 7.848   -2.788  -4.906  1.00 17.81 ?  348 HOH B O   1 
HETATM 1384 O  O   . HOH M 4 .  ? -7.916  -18.132 8.404   1.00 14.72 ?  349 HOH B O   1 
HETATM 1385 O  O   . HOH M 4 .  ? -9.011  -15.877 8.532   1.00 16.18 ?  350 HOH B O   1 
HETATM 1386 O  O   . HOH M 4 .  ? 4.700   -8.939  14.782  1.00 21.15 ?  351 HOH B O   1 
HETATM 1387 O  O   . HOH M 4 .  ? -2.426  -7.857  11.113  1.00 18.18 ?  352 HOH B O   1 
HETATM 1388 O  O   . HOH M 4 .  ? 7.638   -14.730 -15.438 1.00 21.83 ?  353 HOH B O   1 
HETATM 1389 O  O   . HOH M 4 .  ? -4.939  -6.599  8.850   1.00 15.22 ?  354 HOH B O   1 
HETATM 1390 O  O   . HOH M 4 .  ? 7.039   -3.237  5.784   1.00 21.60 ?  355 HOH B O   1 
HETATM 1391 O  O   . HOH M 4 .  ? 7.634   -8.536  8.404   1.00 24.32 ?  356 HOH B O   1 
HETATM 1392 O  O   . HOH M 4 .  ? -4.348  -6.941  -11.727 1.00 12.13 ?  357 HOH B O   1 
HETATM 1393 O  O   . HOH M 4 .  ? -6.386  -13.603 3.183   1.00 5.74  ?  358 HOH B O   1 
HETATM 1394 O  O   . HOH M 4 .  ? -2.038  -12.611 -17.480 1.00 25.52 ?  359 HOH B O   1 
HETATM 1395 O  O   . HOH M 4 .  ? -10.074 -19.126 -11.654 1.00 10.02 ?  360 HOH B O   1 
HETATM 1396 O  O   . HOH M 4 .  ? 2.275   -19.224 8.500   1.00 12.75 ?  361 HOH B O   1 
HETATM 1397 O  O   . HOH M 4 .  ? 2.190   -14.099 9.440   1.00 16.52 ?  362 HOH B O   1 
HETATM 1398 O  O   . HOH M 4 .  ? -9.754  -19.503 6.858   1.00 13.97 ?  363 HOH B O   1 
HETATM 1399 O  O   . HOH M 4 .  ? -7.824  -12.513 -10.584 1.00 12.64 ?  364 HOH B O   1 
HETATM 1400 O  O   . HOH M 4 .  ? -3.647  -19.958 -8.930  1.00 8.56  ?  365 HOH B O   1 
HETATM 1401 O  O   . HOH M 4 .  ? 6.589   -9.662  -5.314  1.00 11.91 ?  366 HOH B O   1 
HETATM 1402 O  O   . HOH M 4 .  ? -5.891  1.614   -10.825 1.00 26.90 ?  367 HOH B O   1 
HETATM 1403 O  O   . HOH M 4 .  ? -17.126 -14.466 -1.856  1.00 16.47 ?  368 HOH B O   1 
HETATM 1404 O  O   . HOH M 4 .  ? -17.061 -16.874 0.314   1.00 13.50 ?  369 HOH B O   1 
HETATM 1405 O  O   . HOH M 4 .  ? 6.994   -22.414 -1.527  1.00 12.63 ?  370 HOH B O   1 
HETATM 1406 O  O   . HOH M 4 .  ? -10.342 -26.136 -2.360  1.00 21.00 ?  371 HOH B O   1 
HETATM 1407 O  O   . HOH M 4 .  ? 6.487   -6.272  -8.023  1.00 9.06  ?  372 HOH B O   1 
HETATM 1408 O  O   . HOH M 4 .  ? -2.534  -21.186 -6.709  1.00 11.92 ?  373 HOH B O   1 
HETATM 1409 O  O   . HOH M 4 .  ? -9.490  -22.248 7.182   1.00 23.45 ?  374 HOH B O   1 
HETATM 1410 O  O   . HOH M 4 .  ? 1.596   -9.998  -6.294  1.00 21.10 ?  375 HOH B O   1 
HETATM 1411 O  O   . HOH M 4 .  ? 8.089   -10.080 -9.841  1.00 19.60 ?  376 HOH B O   1 
HETATM 1412 O  O   . HOH M 4 .  ? -4.618  -5.758  -14.645 1.00 23.83 ?  377 HOH B O   1 
HETATM 1413 O  O   . HOH M 4 .  ? 9.774   -13.146 -6.601  1.00 22.44 ?  378 HOH B O   1 
HETATM 1414 O  O   . HOH M 4 .  ? 11.944  -13.123 -10.718 1.00 19.22 ?  379 HOH B O   1 
HETATM 1415 O  O   . HOH M 4 .  ? -13.837 -14.420 -19.473 1.00 18.53 ?  380 HOH B O   1 
HETATM 1416 O  O   . HOH M 4 .  ? -13.377 -10.755 -20.144 1.00 24.86 ?  381 HOH B O   1 
HETATM 1417 O  O   . HOH M 4 .  ? 9.541   -3.826  -1.983  1.00 19.48 ?  382 HOH B O   1 
HETATM 1418 O  O   . HOH M 4 .  ? 8.309   -10.831 -7.340  1.00 20.86 ?  383 HOH B O   1 
HETATM 1419 O  O   . HOH M 4 .  ? 11.181  -8.878  3.147   1.00 20.94 ?  384 HOH B O   1 
HETATM 1420 O  O   . HOH M 4 .  ? 7.675   -6.325  5.629   1.00 20.13 ?  385 HOH B O   1 
HETATM 1421 O  O   . HOH M 4 .  ? -2.358  -5.712  9.250   1.00 24.59 ?  386 HOH B O   1 
HETATM 1422 O  O   . HOH M 4 .  ? -10.966 -3.474  -17.043 1.00 29.49 ?  387 HOH B O   1 
HETATM 1423 O  O   . HOH M 4 .  ? 9.715   -19.260 -15.215 1.00 18.56 ?  388 HOH B O   1 
HETATM 1424 O  O   . HOH M 4 .  ? -11.313 -21.373 -11.394 1.00 19.36 ?  389 HOH B O   1 
HETATM 1425 O  O   . HOH M 4 .  ? 9.122   -8.686  -17.440 1.00 28.29 ?  390 HOH B O   1 
HETATM 1426 O  O   . HOH M 4 .  ? 10.334  -12.469 -4.024  1.00 16.97 ?  391 HOH B O   1 
HETATM 1427 O  O   . HOH M 4 .  ? -5.824  -14.712 -17.388 1.00 24.35 ?  392 HOH B O   1 
HETATM 1428 O  O   . HOH M 4 .  ? 3.417   -6.307  15.884  1.00 25.29 ?  393 HOH B O   1 
HETATM 1429 O  O   . HOH M 4 .  ? 8.797   -15.320 7.411   1.00 26.69 ?  394 HOH B O   1 
HETATM 1430 O  O   . HOH M 4 .  ? 10.220  -6.820  5.128   1.00 28.93 ?  395 HOH B O   1 
HETATM 1431 O  O   . HOH M 4 .  ? 10.468  -1.238  -1.065  1.00 21.13 ?  396 HOH B O   1 
HETATM 1432 O  O   . HOH M 4 .  ? -8.307  -27.192 -9.829  1.00 15.83 ?  397 HOH B O   1 
HETATM 1433 O  O   . HOH M 4 .  ? -8.725  -18.811 -14.147 1.00 14.50 ?  398 HOH B O   1 
HETATM 1434 O  O   . HOH M 4 .  ? -2.450  -17.132 -12.407 1.00 14.23 ?  399 HOH B O   1 
HETATM 1435 O  O   . HOH M 4 .  ? 7.970   -7.385  -6.021  1.00 12.63 ?  400 HOH B O   1 
HETATM 1436 O  O   . HOH M 4 .  ? 8.186   -7.499  -10.185 1.00 14.87 ?  401 HOH B O   1 
HETATM 1437 O  O   . HOH M 4 .  ? 8.332   -8.959  11.649  1.00 24.89 ?  402 HOH B O   1 
HETATM 1438 O  O   . HOH M 4 .  ? -7.093  -6.186  10.276  1.00 24.83 ?  403 HOH B O   1 
HETATM 1439 O  O   . HOH M 4 .  ? -6.031  -18.232 -14.723 1.00 14.99 ?  404 HOH B O   1 
HETATM 1440 O  O   . HOH M 4 .  ? -12.389 -18.752 7.020   1.00 20.89 ?  405 HOH B O   1 
HETATM 1441 O  O   . HOH M 4 .  ? 5.541   -20.231 -12.132 1.00 21.05 ?  406 HOH B O   1 
HETATM 1442 O  O   . HOH M 4 .  ? -0.762  -23.347 -7.451  1.00 24.80 ?  407 HOH B O   1 
HETATM 1443 O  O   . HOH M 4 .  ? -10.155 -10.709 7.944   1.00 17.93 ?  408 HOH B O   1 
HETATM 1444 O  O   . HOH M 4 .  ? 9.444   -5.330  -5.021  1.00 19.96 ?  409 HOH B O   1 
HETATM 1445 O  O   . HOH M 4 .  ? -9.094  -25.370 -3.892  1.00 20.73 ?  410 HOH B O   1 
HETATM 1446 O  O   . HOH M 4 .  ? -3.420  -21.104 -11.453 1.00 12.76 ?  411 HOH B O   1 
HETATM 1447 O  O   . HOH M 4 .  ? 0.651   -12.499 -17.369 1.00 23.51 ?  412 HOH B O   1 
HETATM 1448 O  O   . HOH M 4 .  ? 6.648   -1.403  -7.196  1.00 17.28 ?  413 HOH B O   1 
HETATM 1449 O  O   . HOH M 4 .  ? -4.715  -24.527 -8.594  1.00 18.40 ?  414 HOH B O   1 
HETATM 1450 O  O   . HOH M 4 .  ? 9.760   1.408   2.671   1.00 20.09 ?  415 HOH B O   1 
HETATM 1451 O  O   . HOH M 4 .  ? 7.691   -3.651  -8.276  1.00 19.94 ?  416 HOH B O   1 
HETATM 1452 O  O   . HOH M 4 .  ? -11.651 -16.503 8.726   1.00 19.92 ?  417 HOH B O   1 
HETATM 1453 O  O   . HOH N 4 .  ? -7.600  -1.296  -2.228  1.00 17.13 ?  101 HOH D O   1 
HETATM 1454 O  O   . HOH N 4 .  ? -18.213 -12.741 -0.258  1.00 22.50 ?  102 HOH D O   1 
HETATM 1455 O  O   . HOH N 4 .  ? -12.235 -9.932  3.541   1.00 16.77 ?  103 HOH D O   1 
HETATM 1456 O  O   . HOH N 4 .  ? -15.269 -12.279 -2.069  1.00 9.26  ?  104 HOH D O   1 
HETATM 1457 O  O   . HOH N 4 .  ? -14.739 -9.851  -5.214  1.00 19.68 ?  105 HOH D O   1 
HETATM 1458 O  O   . HOH N 4 .  ? -11.905 -12.255 4.962   1.00 14.71 ?  106 HOH D O   1 
# 
